data_3RE9
# 
_entry.id   3RE9 
# 
_audit_conform.dict_name       mmcif_pdbx.dic 
_audit_conform.dict_version    5.388 
_audit_conform.dict_location   http://mmcif.pdb.org/dictionaries/ascii/mmcif_pdbx.dic 
# 
loop_
_database_2.database_id 
_database_2.database_code 
_database_2.pdbx_database_accession 
_database_2.pdbx_DOI 
PDB   3RE9         pdb_00003re9 10.2210/pdb3re9/pdb 
RCSB  RCSB064823   ?            ?                   
WWPDB D_1000064823 ?            ?                   
# 
loop_
_pdbx_audit_revision_history.ordinal 
_pdbx_audit_revision_history.data_content_type 
_pdbx_audit_revision_history.major_revision 
_pdbx_audit_revision_history.minor_revision 
_pdbx_audit_revision_history.revision_date 
1 'Structure model' 1 0 2011-06-01 
2 'Structure model' 1 1 2011-07-13 
3 'Structure model' 1 2 2019-12-25 
4 'Structure model' 1 3 2024-03-20 
# 
_pdbx_audit_revision_details.ordinal             1 
_pdbx_audit_revision_details.revision_ordinal    1 
_pdbx_audit_revision_details.data_content_type   'Structure model' 
_pdbx_audit_revision_details.provider            repository 
_pdbx_audit_revision_details.type                'Initial release' 
_pdbx_audit_revision_details.description         ? 
_pdbx_audit_revision_details.details             ? 
# 
loop_
_pdbx_audit_revision_group.ordinal 
_pdbx_audit_revision_group.revision_ordinal 
_pdbx_audit_revision_group.data_content_type 
_pdbx_audit_revision_group.group 
1 2 'Structure model' 'Version format compliance' 
2 3 'Structure model' 'Database references'       
3 4 'Structure model' 'Data collection'           
4 4 'Structure model' 'Database references'       
# 
loop_
_pdbx_audit_revision_category.ordinal 
_pdbx_audit_revision_category.revision_ordinal 
_pdbx_audit_revision_category.data_content_type 
_pdbx_audit_revision_category.category 
1 3 'Structure model' citation           
2 3 'Structure model' struct_ref_seq_dif 
3 4 'Structure model' chem_comp_atom     
4 4 'Structure model' chem_comp_bond     
5 4 'Structure model' database_2         
# 
loop_
_pdbx_audit_revision_item.ordinal 
_pdbx_audit_revision_item.revision_ordinal 
_pdbx_audit_revision_item.data_content_type 
_pdbx_audit_revision_item.item 
1 3 'Structure model' '_citation.journal_volume'            
2 3 'Structure model' '_citation.page_first'                
3 3 'Structure model' '_citation.page_last'                 
4 3 'Structure model' '_citation.pdbx_database_id_PubMed'   
5 3 'Structure model' '_citation.title'                     
6 3 'Structure model' '_struct_ref_seq_dif.details'         
7 4 'Structure model' '_database_2.pdbx_DOI'                
8 4 'Structure model' '_database_2.pdbx_database_accession' 
# 
_pdbx_database_status.status_code                     REL 
_pdbx_database_status.entry_id                        3RE9 
_pdbx_database_status.recvd_initial_deposition_date   2011-04-04 
_pdbx_database_status.deposit_site                    RCSB 
_pdbx_database_status.process_site                    PDBJ 
_pdbx_database_status.status_code_sf                  REL 
_pdbx_database_status.status_code_mr                  ? 
_pdbx_database_status.SG_entry                        ? 
_pdbx_database_status.status_code_cs                  ? 
_pdbx_database_status.pdb_format_compatible           Y 
_pdbx_database_status.methods_development_category    ? 
_pdbx_database_status.status_code_nmr_data            ? 
# 
loop_
_pdbx_database_related.db_name 
_pdbx_database_related.db_id 
_pdbx_database_related.details 
_pdbx_database_related.content_type 
PDB 2W1J 'structure of sortaseC1 from Streptococcus pneumoniae' unspecified 
PDB 2W1K 'structure of sortaseC3 from Streptococcus pneumoniae' unspecified 
PDB 3G69 'structure of sortaseC2 from Streptococcus pneumoniae' unspecified 
PDB 3O0P 'structure of sortaseC1 from Group B Streptococcus'    unspecified 
PDB 2XWG 'structure of sortaseC1 from Actinomyces oris'         unspecified 
# 
loop_
_audit_author.name 
_audit_author.pdbx_ordinal 
'Lu, G.'    1 
'Qi, J.'    2 
'Gao, F.'   3 
'Yan, J.'   4 
'Tang, J.'  5 
'Gao, G.F.' 6 
# 
_citation.id                        primary 
_citation.title                     
;A novel "open-form" structure of sortaseC from Streptococcus suis.
;
_citation.journal_abbrev            Proteins 
_citation.journal_volume            79 
_citation.page_first                2764 
_citation.page_last                 2769 
_citation.year                      2011 
_citation.journal_id_ASTM           PSFGEY 
_citation.country                   US 
_citation.journal_id_ISSN           1097-0134 
_citation.journal_id_CSD            0867 
_citation.book_publisher            ? 
_citation.pdbx_database_id_PubMed   21721048 
_citation.pdbx_database_id_DOI      10.1002/prot.23093 
# 
loop_
_citation_author.citation_id 
_citation_author.name 
_citation_author.ordinal 
_citation_author.identifier_ORCID 
primary 'Lu, G.'    1 ? 
primary 'Qi, J.'    2 ? 
primary 'Gao, F.'   3 ? 
primary 'Yan, J.'   4 ? 
primary 'Tang, J.'  5 ? 
primary 'Gao, G.F.' 6 ? 
# 
loop_
_entity.id 
_entity.type 
_entity.src_method 
_entity.pdbx_description 
_entity.formula_weight 
_entity.pdbx_number_of_molecules 
_entity.pdbx_ec 
_entity.pdbx_mutation 
_entity.pdbx_fragment 
_entity.details 
1 polymer man 'Sortase-like protein' 21166.049 1  2.3.2.12 ? 'UNP residues 67-245' ? 
2 water   nat water                  18.015    93 ?        ? ?                     ? 
# 
_entity_poly.entity_id                      1 
_entity_poly.type                           'polypeptide(L)' 
_entity_poly.nstd_linkage                   no 
_entity_poly.nstd_monomer                   no 
_entity_poly.pdbx_seq_one_letter_code       
;MRIDLAQAFNESLNNVVSEDPYTKSRHEAGRVEYARMLELHEKIGYVEIPKIEVKLPVYAGTSETVLQKGVGHLEGTSLP
IGGSDTHTVLTAHTGLPKARLFTDLTKVKIGDTFYIHNIVETLAYEVDQIVVAEPTQFEELLVKPGQDYATLLTCTPYMV
NTHRLLVRGHRIPYVAEEHLEHHHHHH
;
_entity_poly.pdbx_seq_one_letter_code_can   
;MRIDLAQAFNESLNNVVSEDPYTKSRHEAGRVEYARMLELHEKIGYVEIPKIEVKLPVYAGTSETVLQKGVGHLEGTSLP
IGGSDTHTVLTAHTGLPKARLFTDLTKVKIGDTFYIHNIVETLAYEVDQIVVAEPTQFEELLVKPGQDYATLLTCTPYMV
NTHRLLVRGHRIPYVAEEHLEHHHHHH
;
_entity_poly.pdbx_strand_id                 A 
_entity_poly.pdbx_target_identifier         ? 
# 
_pdbx_entity_nonpoly.entity_id   2 
_pdbx_entity_nonpoly.name        water 
_pdbx_entity_nonpoly.comp_id     HOH 
# 
loop_
_entity_poly_seq.entity_id 
_entity_poly_seq.num 
_entity_poly_seq.mon_id 
_entity_poly_seq.hetero 
1 1   MET n 
1 2   ARG n 
1 3   ILE n 
1 4   ASP n 
1 5   LEU n 
1 6   ALA n 
1 7   GLN n 
1 8   ALA n 
1 9   PHE n 
1 10  ASN n 
1 11  GLU n 
1 12  SER n 
1 13  LEU n 
1 14  ASN n 
1 15  ASN n 
1 16  VAL n 
1 17  VAL n 
1 18  SER n 
1 19  GLU n 
1 20  ASP n 
1 21  PRO n 
1 22  TYR n 
1 23  THR n 
1 24  LYS n 
1 25  SER n 
1 26  ARG n 
1 27  HIS n 
1 28  GLU n 
1 29  ALA n 
1 30  GLY n 
1 31  ARG n 
1 32  VAL n 
1 33  GLU n 
1 34  TYR n 
1 35  ALA n 
1 36  ARG n 
1 37  MET n 
1 38  LEU n 
1 39  GLU n 
1 40  LEU n 
1 41  HIS n 
1 42  GLU n 
1 43  LYS n 
1 44  ILE n 
1 45  GLY n 
1 46  TYR n 
1 47  VAL n 
1 48  GLU n 
1 49  ILE n 
1 50  PRO n 
1 51  LYS n 
1 52  ILE n 
1 53  GLU n 
1 54  VAL n 
1 55  LYS n 
1 56  LEU n 
1 57  PRO n 
1 58  VAL n 
1 59  TYR n 
1 60  ALA n 
1 61  GLY n 
1 62  THR n 
1 63  SER n 
1 64  GLU n 
1 65  THR n 
1 66  VAL n 
1 67  LEU n 
1 68  GLN n 
1 69  LYS n 
1 70  GLY n 
1 71  VAL n 
1 72  GLY n 
1 73  HIS n 
1 74  LEU n 
1 75  GLU n 
1 76  GLY n 
1 77  THR n 
1 78  SER n 
1 79  LEU n 
1 80  PRO n 
1 81  ILE n 
1 82  GLY n 
1 83  GLY n 
1 84  SER n 
1 85  ASP n 
1 86  THR n 
1 87  HIS n 
1 88  THR n 
1 89  VAL n 
1 90  LEU n 
1 91  THR n 
1 92  ALA n 
1 93  HIS n 
1 94  THR n 
1 95  GLY n 
1 96  LEU n 
1 97  PRO n 
1 98  LYS n 
1 99  ALA n 
1 100 ARG n 
1 101 LEU n 
1 102 PHE n 
1 103 THR n 
1 104 ASP n 
1 105 LEU n 
1 106 THR n 
1 107 LYS n 
1 108 VAL n 
1 109 LYS n 
1 110 ILE n 
1 111 GLY n 
1 112 ASP n 
1 113 THR n 
1 114 PHE n 
1 115 TYR n 
1 116 ILE n 
1 117 HIS n 
1 118 ASN n 
1 119 ILE n 
1 120 VAL n 
1 121 GLU n 
1 122 THR n 
1 123 LEU n 
1 124 ALA n 
1 125 TYR n 
1 126 GLU n 
1 127 VAL n 
1 128 ASP n 
1 129 GLN n 
1 130 ILE n 
1 131 VAL n 
1 132 VAL n 
1 133 ALA n 
1 134 GLU n 
1 135 PRO n 
1 136 THR n 
1 137 GLN n 
1 138 PHE n 
1 139 GLU n 
1 140 GLU n 
1 141 LEU n 
1 142 LEU n 
1 143 VAL n 
1 144 LYS n 
1 145 PRO n 
1 146 GLY n 
1 147 GLN n 
1 148 ASP n 
1 149 TYR n 
1 150 ALA n 
1 151 THR n 
1 152 LEU n 
1 153 LEU n 
1 154 THR n 
1 155 CYS n 
1 156 THR n 
1 157 PRO n 
1 158 TYR n 
1 159 MET n 
1 160 VAL n 
1 161 ASN n 
1 162 THR n 
1 163 HIS n 
1 164 ARG n 
1 165 LEU n 
1 166 LEU n 
1 167 VAL n 
1 168 ARG n 
1 169 GLY n 
1 170 HIS n 
1 171 ARG n 
1 172 ILE n 
1 173 PRO n 
1 174 TYR n 
1 175 VAL n 
1 176 ALA n 
1 177 GLU n 
1 178 GLU n 
1 179 HIS n 
1 180 LEU n 
1 181 GLU n 
1 182 HIS n 
1 183 HIS n 
1 184 HIS n 
1 185 HIS n 
1 186 HIS n 
1 187 HIS n 
# 
_entity_src_gen.entity_id                          1 
_entity_src_gen.pdbx_src_id                        1 
_entity_src_gen.pdbx_alt_source_flag               sample 
_entity_src_gen.pdbx_seq_type                      ? 
_entity_src_gen.pdbx_beg_seq_num                   ? 
_entity_src_gen.pdbx_end_seq_num                   ? 
_entity_src_gen.gene_src_common_name               ? 
_entity_src_gen.gene_src_genus                     ? 
_entity_src_gen.pdbx_gene_src_gene                 SSU05_2098 
_entity_src_gen.gene_src_species                   ? 
_entity_src_gen.gene_src_strain                    05ZYH33 
_entity_src_gen.gene_src_tissue                    ? 
_entity_src_gen.gene_src_tissue_fraction           ? 
_entity_src_gen.gene_src_details                   ? 
_entity_src_gen.pdbx_gene_src_fragment             ? 
_entity_src_gen.pdbx_gene_src_scientific_name      'Streptococcus suis' 
_entity_src_gen.pdbx_gene_src_ncbi_taxonomy_id     391295 
_entity_src_gen.pdbx_gene_src_variant              ? 
_entity_src_gen.pdbx_gene_src_cell_line            ? 
_entity_src_gen.pdbx_gene_src_atcc                 ? 
_entity_src_gen.pdbx_gene_src_organ                ? 
_entity_src_gen.pdbx_gene_src_organelle            ? 
_entity_src_gen.pdbx_gene_src_cell                 ? 
_entity_src_gen.pdbx_gene_src_cellular_location    ? 
_entity_src_gen.host_org_common_name               ? 
_entity_src_gen.pdbx_host_org_scientific_name      'Escherichia coli' 
_entity_src_gen.pdbx_host_org_ncbi_taxonomy_id     562 
_entity_src_gen.host_org_genus                     ? 
_entity_src_gen.pdbx_host_org_gene                 ? 
_entity_src_gen.pdbx_host_org_organ                ? 
_entity_src_gen.host_org_species                   ? 
_entity_src_gen.pdbx_host_org_tissue               ? 
_entity_src_gen.pdbx_host_org_tissue_fraction      ? 
_entity_src_gen.pdbx_host_org_strain               'BL21 (DE3)' 
_entity_src_gen.pdbx_host_org_variant              ? 
_entity_src_gen.pdbx_host_org_cell_line            ? 
_entity_src_gen.pdbx_host_org_atcc                 ? 
_entity_src_gen.pdbx_host_org_culture_collection   ? 
_entity_src_gen.pdbx_host_org_cell                 ? 
_entity_src_gen.pdbx_host_org_organelle            ? 
_entity_src_gen.pdbx_host_org_cellular_location    ? 
_entity_src_gen.pdbx_host_org_vector_type          plasmid 
_entity_src_gen.pdbx_host_org_vector               ? 
_entity_src_gen.host_org_details                   ? 
_entity_src_gen.expression_system_id               ? 
_entity_src_gen.plasmid_name                       pET-21a 
_entity_src_gen.plasmid_details                    ? 
_entity_src_gen.pdbx_description                   ? 
# 
loop_
_chem_comp.id 
_chem_comp.type 
_chem_comp.mon_nstd_flag 
_chem_comp.name 
_chem_comp.pdbx_synonyms 
_chem_comp.formula 
_chem_comp.formula_weight 
ALA 'L-peptide linking' y ALANINE         ? 'C3 H7 N O2'     89.093  
ARG 'L-peptide linking' y ARGININE        ? 'C6 H15 N4 O2 1' 175.209 
ASN 'L-peptide linking' y ASPARAGINE      ? 'C4 H8 N2 O3'    132.118 
ASP 'L-peptide linking' y 'ASPARTIC ACID' ? 'C4 H7 N O4'     133.103 
CYS 'L-peptide linking' y CYSTEINE        ? 'C3 H7 N O2 S'   121.158 
GLN 'L-peptide linking' y GLUTAMINE       ? 'C5 H10 N2 O3'   146.144 
GLU 'L-peptide linking' y 'GLUTAMIC ACID' ? 'C5 H9 N O4'     147.129 
GLY 'peptide linking'   y GLYCINE         ? 'C2 H5 N O2'     75.067  
HIS 'L-peptide linking' y HISTIDINE       ? 'C6 H10 N3 O2 1' 156.162 
HOH non-polymer         . WATER           ? 'H2 O'           18.015  
ILE 'L-peptide linking' y ISOLEUCINE      ? 'C6 H13 N O2'    131.173 
LEU 'L-peptide linking' y LEUCINE         ? 'C6 H13 N O2'    131.173 
LYS 'L-peptide linking' y LYSINE          ? 'C6 H15 N2 O2 1' 147.195 
MET 'L-peptide linking' y METHIONINE      ? 'C5 H11 N O2 S'  149.211 
PHE 'L-peptide linking' y PHENYLALANINE   ? 'C9 H11 N O2'    165.189 
PRO 'L-peptide linking' y PROLINE         ? 'C5 H9 N O2'     115.130 
SER 'L-peptide linking' y SERINE          ? 'C3 H7 N O3'     105.093 
THR 'L-peptide linking' y THREONINE       ? 'C4 H9 N O3'     119.119 
TYR 'L-peptide linking' y TYROSINE        ? 'C9 H11 N O3'    181.189 
VAL 'L-peptide linking' y VALINE          ? 'C5 H11 N O2'    117.146 
# 
loop_
_pdbx_poly_seq_scheme.asym_id 
_pdbx_poly_seq_scheme.entity_id 
_pdbx_poly_seq_scheme.seq_id 
_pdbx_poly_seq_scheme.mon_id 
_pdbx_poly_seq_scheme.ndb_seq_num 
_pdbx_poly_seq_scheme.pdb_seq_num 
_pdbx_poly_seq_scheme.auth_seq_num 
_pdbx_poly_seq_scheme.pdb_mon_id 
_pdbx_poly_seq_scheme.auth_mon_id 
_pdbx_poly_seq_scheme.pdb_strand_id 
_pdbx_poly_seq_scheme.pdb_ins_code 
_pdbx_poly_seq_scheme.hetero 
A 1 1   MET 1   66  66  MET MET A . n 
A 1 2   ARG 2   67  67  ARG ARG A . n 
A 1 3   ILE 3   68  68  ILE ILE A . n 
A 1 4   ASP 4   69  69  ASP ASP A . n 
A 1 5   LEU 5   70  70  LEU LEU A . n 
A 1 6   ALA 6   71  71  ALA ALA A . n 
A 1 7   GLN 7   72  72  GLN GLN A . n 
A 1 8   ALA 8   73  73  ALA ALA A . n 
A 1 9   PHE 9   74  74  PHE PHE A . n 
A 1 10  ASN 10  75  75  ASN ASN A . n 
A 1 11  GLU 11  76  76  GLU GLU A . n 
A 1 12  SER 12  77  77  SER SER A . n 
A 1 13  LEU 13  78  78  LEU LEU A . n 
A 1 14  ASN 14  79  79  ASN ASN A . n 
A 1 15  ASN 15  80  80  ASN ASN A . n 
A 1 16  VAL 16  81  81  VAL VAL A . n 
A 1 17  VAL 17  82  82  VAL VAL A . n 
A 1 18  SER 18  83  83  SER SER A . n 
A 1 19  GLU 19  84  84  GLU GLU A . n 
A 1 20  ASP 20  85  85  ASP ASP A . n 
A 1 21  PRO 21  86  86  PRO PRO A . n 
A 1 22  TYR 22  87  87  TYR TYR A . n 
A 1 23  THR 23  88  88  THR THR A . n 
A 1 24  LYS 24  89  89  LYS LYS A . n 
A 1 25  SER 25  90  90  SER SER A . n 
A 1 26  ARG 26  91  91  ARG ARG A . n 
A 1 27  HIS 27  92  92  HIS HIS A . n 
A 1 28  GLU 28  93  93  GLU GLU A . n 
A 1 29  ALA 29  94  94  ALA ALA A . n 
A 1 30  GLY 30  95  95  GLY GLY A . n 
A 1 31  ARG 31  96  96  ARG ARG A . n 
A 1 32  VAL 32  97  97  VAL VAL A . n 
A 1 33  GLU 33  98  98  GLU GLU A . n 
A 1 34  TYR 34  99  99  TYR TYR A . n 
A 1 35  ALA 35  100 100 ALA ALA A . n 
A 1 36  ARG 36  101 101 ARG ARG A . n 
A 1 37  MET 37  102 102 MET MET A . n 
A 1 38  LEU 38  103 103 LEU LEU A . n 
A 1 39  GLU 39  104 104 GLU GLU A . n 
A 1 40  LEU 40  105 105 LEU LEU A . n 
A 1 41  HIS 41  106 106 HIS HIS A . n 
A 1 42  GLU 42  107 107 GLU GLU A . n 
A 1 43  LYS 43  108 108 LYS LYS A . n 
A 1 44  ILE 44  109 109 ILE ILE A . n 
A 1 45  GLY 45  110 110 GLY GLY A . n 
A 1 46  TYR 46  111 111 TYR TYR A . n 
A 1 47  VAL 47  112 112 VAL VAL A . n 
A 1 48  GLU 48  113 113 GLU GLU A . n 
A 1 49  ILE 49  114 114 ILE ILE A . n 
A 1 50  PRO 50  115 115 PRO PRO A . n 
A 1 51  LYS 51  116 116 LYS LYS A . n 
A 1 52  ILE 52  117 117 ILE ILE A . n 
A 1 53  GLU 53  118 118 GLU GLU A . n 
A 1 54  VAL 54  119 119 VAL VAL A . n 
A 1 55  LYS 55  120 120 LYS LYS A . n 
A 1 56  LEU 56  121 121 LEU LEU A . n 
A 1 57  PRO 57  122 122 PRO PRO A . n 
A 1 58  VAL 58  123 123 VAL VAL A . n 
A 1 59  TYR 59  124 124 TYR TYR A . n 
A 1 60  ALA 60  125 125 ALA ALA A . n 
A 1 61  GLY 61  126 126 GLY GLY A . n 
A 1 62  THR 62  127 127 THR THR A . n 
A 1 63  SER 63  128 128 SER SER A . n 
A 1 64  GLU 64  129 129 GLU GLU A . n 
A 1 65  THR 65  130 130 THR THR A . n 
A 1 66  VAL 66  131 131 VAL VAL A . n 
A 1 67  LEU 67  132 132 LEU LEU A . n 
A 1 68  GLN 68  133 133 GLN GLN A . n 
A 1 69  LYS 69  134 134 LYS LYS A . n 
A 1 70  GLY 70  135 135 GLY GLY A . n 
A 1 71  VAL 71  136 136 VAL VAL A . n 
A 1 72  GLY 72  137 137 GLY GLY A . n 
A 1 73  HIS 73  138 138 HIS HIS A . n 
A 1 74  LEU 74  139 139 LEU LEU A . n 
A 1 75  GLU 75  140 140 GLU GLU A . n 
A 1 76  GLY 76  141 141 GLY GLY A . n 
A 1 77  THR 77  142 142 THR THR A . n 
A 1 78  SER 78  143 143 SER SER A . n 
A 1 79  LEU 79  144 144 LEU LEU A . n 
A 1 80  PRO 80  145 145 PRO PRO A . n 
A 1 81  ILE 81  146 146 ILE ILE A . n 
A 1 82  GLY 82  147 147 GLY GLY A . n 
A 1 83  GLY 83  148 148 GLY GLY A . n 
A 1 84  SER 84  149 149 SER SER A . n 
A 1 85  ASP 85  150 150 ASP ASP A . n 
A 1 86  THR 86  151 151 THR THR A . n 
A 1 87  HIS 87  152 152 HIS HIS A . n 
A 1 88  THR 88  153 153 THR THR A . n 
A 1 89  VAL 89  154 154 VAL VAL A . n 
A 1 90  LEU 90  155 155 LEU LEU A . n 
A 1 91  THR 91  156 156 THR THR A . n 
A 1 92  ALA 92  157 157 ALA ALA A . n 
A 1 93  HIS 93  158 158 HIS HIS A . n 
A 1 94  THR 94  159 159 THR THR A . n 
A 1 95  GLY 95  160 160 GLY GLY A . n 
A 1 96  LEU 96  161 161 LEU LEU A . n 
A 1 97  PRO 97  162 162 PRO PRO A . n 
A 1 98  LYS 98  163 163 LYS LYS A . n 
A 1 99  ALA 99  164 164 ALA ALA A . n 
A 1 100 ARG 100 165 165 ARG ARG A . n 
A 1 101 LEU 101 166 166 LEU LEU A . n 
A 1 102 PHE 102 167 167 PHE PHE A . n 
A 1 103 THR 103 168 168 THR THR A . n 
A 1 104 ASP 104 169 169 ASP ASP A . n 
A 1 105 LEU 105 170 170 LEU LEU A . n 
A 1 106 THR 106 171 171 THR THR A . n 
A 1 107 LYS 107 172 172 LYS LYS A . n 
A 1 108 VAL 108 173 173 VAL VAL A . n 
A 1 109 LYS 109 174 174 LYS LYS A . n 
A 1 110 ILE 110 175 175 ILE ILE A . n 
A 1 111 GLY 111 176 176 GLY GLY A . n 
A 1 112 ASP 112 177 177 ASP ASP A . n 
A 1 113 THR 113 178 178 THR THR A . n 
A 1 114 PHE 114 179 179 PHE PHE A . n 
A 1 115 TYR 115 180 180 TYR TYR A . n 
A 1 116 ILE 116 181 181 ILE ILE A . n 
A 1 117 HIS 117 182 182 HIS HIS A . n 
A 1 118 ASN 118 183 183 ASN ASN A . n 
A 1 119 ILE 119 184 184 ILE ILE A . n 
A 1 120 VAL 120 185 185 VAL VAL A . n 
A 1 121 GLU 121 186 186 GLU GLU A . n 
A 1 122 THR 122 187 187 THR THR A . n 
A 1 123 LEU 123 188 188 LEU LEU A . n 
A 1 124 ALA 124 189 189 ALA ALA A . n 
A 1 125 TYR 125 190 190 TYR TYR A . n 
A 1 126 GLU 126 191 191 GLU GLU A . n 
A 1 127 VAL 127 192 192 VAL VAL A . n 
A 1 128 ASP 128 193 193 ASP ASP A . n 
A 1 129 GLN 129 194 194 GLN GLN A . n 
A 1 130 ILE 130 195 195 ILE ILE A . n 
A 1 131 VAL 131 196 196 VAL VAL A . n 
A 1 132 VAL 132 197 197 VAL VAL A . n 
A 1 133 ALA 133 198 198 ALA ALA A . n 
A 1 134 GLU 134 199 199 GLU GLU A . n 
A 1 135 PRO 135 200 200 PRO PRO A . n 
A 1 136 THR 136 201 201 THR THR A . n 
A 1 137 GLN 137 202 202 GLN GLN A . n 
A 1 138 PHE 138 203 203 PHE PHE A . n 
A 1 139 GLU 139 204 204 GLU GLU A . n 
A 1 140 GLU 140 205 205 GLU GLU A . n 
A 1 141 LEU 141 206 206 LEU LEU A . n 
A 1 142 LEU 142 207 207 LEU LEU A . n 
A 1 143 VAL 143 208 208 VAL VAL A . n 
A 1 144 LYS 144 209 209 LYS LYS A . n 
A 1 145 PRO 145 210 210 PRO PRO A . n 
A 1 146 GLY 146 211 211 GLY GLY A . n 
A 1 147 GLN 147 212 212 GLN GLN A . n 
A 1 148 ASP 148 213 213 ASP ASP A . n 
A 1 149 TYR 149 214 214 TYR TYR A . n 
A 1 150 ALA 150 215 215 ALA ALA A . n 
A 1 151 THR 151 216 216 THR THR A . n 
A 1 152 LEU 152 217 217 LEU LEU A . n 
A 1 153 LEU 153 218 218 LEU LEU A . n 
A 1 154 THR 154 219 219 THR THR A . n 
A 1 155 CYS 155 220 220 CYS CYS A . n 
A 1 156 THR 156 221 221 THR THR A . n 
A 1 157 PRO 157 222 222 PRO PRO A . n 
A 1 158 TYR 158 223 223 TYR TYR A . n 
A 1 159 MET 159 224 224 MET MET A . n 
A 1 160 VAL 160 225 225 VAL VAL A . n 
A 1 161 ASN 161 226 226 ASN ASN A . n 
A 1 162 THR 162 227 227 THR THR A . n 
A 1 163 HIS 163 228 228 HIS HIS A . n 
A 1 164 ARG 164 229 229 ARG ARG A . n 
A 1 165 LEU 165 230 230 LEU LEU A . n 
A 1 166 LEU 166 231 231 LEU LEU A . n 
A 1 167 VAL 167 232 232 VAL VAL A . n 
A 1 168 ARG 168 233 233 ARG ARG A . n 
A 1 169 GLY 169 234 234 GLY GLY A . n 
A 1 170 HIS 170 235 235 HIS HIS A . n 
A 1 171 ARG 171 236 236 ARG ARG A . n 
A 1 172 ILE 172 237 237 ILE ILE A . n 
A 1 173 PRO 173 238 238 PRO PRO A . n 
A 1 174 TYR 174 239 239 TYR TYR A . n 
A 1 175 VAL 175 240 240 VAL VAL A . n 
A 1 176 ALA 176 241 241 ALA ALA A . n 
A 1 177 GLU 177 242 242 GLU GLU A . n 
A 1 178 GLU 178 243 243 GLU GLU A . n 
A 1 179 HIS 179 244 244 HIS HIS A . n 
A 1 180 LEU 180 245 ?   ?   ?   A . n 
A 1 181 GLU 181 246 ?   ?   ?   A . n 
A 1 182 HIS 182 247 ?   ?   ?   A . n 
A 1 183 HIS 183 248 ?   ?   ?   A . n 
A 1 184 HIS 184 249 ?   ?   ?   A . n 
A 1 185 HIS 185 250 ?   ?   ?   A . n 
A 1 186 HIS 186 251 ?   ?   ?   A . n 
A 1 187 HIS 187 252 ?   ?   ?   A . n 
# 
loop_
_pdbx_nonpoly_scheme.asym_id 
_pdbx_nonpoly_scheme.entity_id 
_pdbx_nonpoly_scheme.mon_id 
_pdbx_nonpoly_scheme.ndb_seq_num 
_pdbx_nonpoly_scheme.pdb_seq_num 
_pdbx_nonpoly_scheme.auth_seq_num 
_pdbx_nonpoly_scheme.pdb_mon_id 
_pdbx_nonpoly_scheme.auth_mon_id 
_pdbx_nonpoly_scheme.pdb_strand_id 
_pdbx_nonpoly_scheme.pdb_ins_code 
B 2 HOH 1  1   1  HOH HOH A . 
B 2 HOH 2  2   2  HOH HOH A . 
B 2 HOH 3  3   3  HOH HOH A . 
B 2 HOH 4  4   4  HOH HOH A . 
B 2 HOH 5  5   5  HOH HOH A . 
B 2 HOH 6  6   6  HOH HOH A . 
B 2 HOH 7  7   7  HOH HOH A . 
B 2 HOH 8  8   8  HOH HOH A . 
B 2 HOH 9  9   9  HOH HOH A . 
B 2 HOH 10 10  10 HOH HOH A . 
B 2 HOH 11 11  11 HOH HOH A . 
B 2 HOH 12 12  12 HOH HOH A . 
B 2 HOH 13 13  13 HOH HOH A . 
B 2 HOH 14 14  14 HOH HOH A . 
B 2 HOH 15 15  15 HOH HOH A . 
B 2 HOH 16 16  16 HOH HOH A . 
B 2 HOH 17 18  18 HOH HOH A . 
B 2 HOH 18 19  19 HOH HOH A . 
B 2 HOH 19 20  20 HOH HOH A . 
B 2 HOH 20 21  21 HOH HOH A . 
B 2 HOH 21 22  22 HOH HOH A . 
B 2 HOH 22 23  23 HOH HOH A . 
B 2 HOH 23 24  24 HOH HOH A . 
B 2 HOH 24 25  25 HOH HOH A . 
B 2 HOH 25 26  26 HOH HOH A . 
B 2 HOH 26 27  27 HOH HOH A . 
B 2 HOH 27 28  28 HOH HOH A . 
B 2 HOH 28 29  29 HOH HOH A . 
B 2 HOH 29 30  30 HOH HOH A . 
B 2 HOH 30 31  31 HOH HOH A . 
B 2 HOH 31 32  32 HOH HOH A . 
B 2 HOH 32 33  33 HOH HOH A . 
B 2 HOH 33 34  34 HOH HOH A . 
B 2 HOH 34 35  35 HOH HOH A . 
B 2 HOH 35 36  36 HOH HOH A . 
B 2 HOH 36 37  37 HOH HOH A . 
B 2 HOH 37 38  38 HOH HOH A . 
B 2 HOH 38 39  39 HOH HOH A . 
B 2 HOH 39 40  40 HOH HOH A . 
B 2 HOH 40 41  41 HOH HOH A . 
B 2 HOH 41 42  42 HOH HOH A . 
B 2 HOH 42 43  43 HOH HOH A . 
B 2 HOH 43 44  44 HOH HOH A . 
B 2 HOH 44 45  45 HOH HOH A . 
B 2 HOH 45 46  46 HOH HOH A . 
B 2 HOH 46 47  47 HOH HOH A . 
B 2 HOH 47 48  48 HOH HOH A . 
B 2 HOH 48 49  49 HOH HOH A . 
B 2 HOH 49 50  50 HOH HOH A . 
B 2 HOH 50 51  51 HOH HOH A . 
B 2 HOH 51 52  52 HOH HOH A . 
B 2 HOH 52 53  53 HOH HOH A . 
B 2 HOH 53 54  54 HOH HOH A . 
B 2 HOH 54 55  55 HOH HOH A . 
B 2 HOH 55 56  56 HOH HOH A . 
B 2 HOH 56 57  57 HOH HOH A . 
B 2 HOH 57 58  58 HOH HOH A . 
B 2 HOH 58 59  59 HOH HOH A . 
B 2 HOH 59 60  60 HOH HOH A . 
B 2 HOH 60 61  61 HOH HOH A . 
B 2 HOH 61 62  62 HOH HOH A . 
B 2 HOH 62 63  63 HOH HOH A . 
B 2 HOH 63 64  64 HOH HOH A . 
B 2 HOH 64 65  65 HOH HOH A . 
B 2 HOH 65 253 66 HOH HOH A . 
B 2 HOH 66 254 67 HOH HOH A . 
B 2 HOH 67 255 68 HOH HOH A . 
B 2 HOH 68 256 69 HOH HOH A . 
B 2 HOH 69 257 70 HOH HOH A . 
B 2 HOH 70 258 71 HOH HOH A . 
B 2 HOH 71 259 72 HOH HOH A . 
B 2 HOH 72 260 73 HOH HOH A . 
B 2 HOH 73 261 74 HOH HOH A . 
B 2 HOH 74 262 75 HOH HOH A . 
B 2 HOH 75 263 76 HOH HOH A . 
B 2 HOH 76 264 77 HOH HOH A . 
B 2 HOH 77 265 78 HOH HOH A . 
B 2 HOH 78 266 80 HOH HOH A . 
B 2 HOH 79 267 81 HOH HOH A . 
B 2 HOH 80 268 82 HOH HOH A . 
B 2 HOH 81 269 83 HOH HOH A . 
B 2 HOH 82 270 84 HOH HOH A . 
B 2 HOH 83 271 86 HOH HOH A . 
B 2 HOH 84 272 87 HOH HOH A . 
B 2 HOH 85 273 88 HOH HOH A . 
B 2 HOH 86 274 89 HOH HOH A . 
B 2 HOH 87 275 90 HOH HOH A . 
B 2 HOH 88 276 91 HOH HOH A . 
B 2 HOH 89 277 92 HOH HOH A . 
B 2 HOH 90 278 93 HOH HOH A . 
B 2 HOH 91 279 94 HOH HOH A . 
B 2 HOH 92 280 95 HOH HOH A . 
B 2 HOH 93 281 96 HOH HOH A . 
# 
loop_
_software.name 
_software.classification 
_software.version 
_software.citation_id 
_software.pdbx_ordinal 
HKL-2000 'data collection' .        ? 1 
SOLVE    phasing           .        ? 2 
REFMAC   refinement        5.2.0019 ? 3 
HKL-2000 'data reduction'  .        ? 4 
HKL-2000 'data scaling'    .        ? 5 
# 
_cell.entry_id           3RE9 
_cell.length_a           50.343 
_cell.length_b           101.021 
_cell.length_c           36.937 
_cell.angle_alpha        90.00 
_cell.angle_beta         90.00 
_cell.angle_gamma        90.00 
_cell.Z_PDB              4 
_cell.pdbx_unique_axis   ? 
_cell.length_a_esd       ? 
_cell.length_b_esd       ? 
_cell.length_c_esd       ? 
_cell.angle_alpha_esd    ? 
_cell.angle_beta_esd     ? 
_cell.angle_gamma_esd    ? 
# 
_symmetry.entry_id                         3RE9 
_symmetry.space_group_name_H-M             'P 21 21 2' 
_symmetry.pdbx_full_space_group_name_H-M   ? 
_symmetry.cell_setting                     ? 
_symmetry.Int_Tables_number                18 
_symmetry.space_group_name_Hall            ? 
# 
_exptl.entry_id          3RE9 
_exptl.method            'X-RAY DIFFRACTION' 
_exptl.crystals_number   2 
# 
loop_
_exptl_crystal.id 
_exptl_crystal.density_meas 
_exptl_crystal.density_Matthews 
_exptl_crystal.density_percent_sol 
_exptl_crystal.description 
_exptl_crystal.F_000 
_exptl_crystal.preparation 
1 ? 2.22 44.56 ? ? ? 
2 ? ?    ?     ? ? ? 
# 
_exptl_crystal_grow.crystal_id      1 
_exptl_crystal_grow.method          'VAPOR DIFFUSION, HANGING DROP' 
_exptl_crystal_grow.temp            291 
_exptl_crystal_grow.temp_details    ? 
_exptl_crystal_grow.pH              8.5 
_exptl_crystal_grow.pdbx_details    
;0.1M Tris-HCL, 0.54M sodium citrate, 8% V/V iso-propanol, 8% V/V tert-butanol, pH 8.5, VAPOR DIFFUSION, HANGING DROP, temperature 291K
;
_exptl_crystal_grow.pdbx_pH_range   . 
# 
loop_
_diffrn.id 
_diffrn.ambient_temp 
_diffrn.ambient_temp_details 
_diffrn.crystal_id 
1 100 ? 1 
2 ?   ? 2 
# 
loop_
_diffrn_detector.diffrn_id 
_diffrn_detector.detector 
_diffrn_detector.type 
_diffrn_detector.pdbx_collection_date 
_diffrn_detector.details 
1 'IMAGE PLATE' 'RIGAKU RAXIS VII'         2007-05-13 ? 
2 'IMAGE PLATE' 'MAR scanner 345 mm plate' 2007-07-30 ? 
# 
loop_
_diffrn_radiation.diffrn_id 
_diffrn_radiation.wavelength_id 
_diffrn_radiation.pdbx_monochromatic_or_laue_m_l 
_diffrn_radiation.monochromator 
_diffrn_radiation.pdbx_diffrn_protocol 
_diffrn_radiation.pdbx_scattering_type 
1 1 M 'Si 111 channel' 'SINGLE WAVELENGTH' x-ray 
2 2 ? ?                MAD                 x-ray 
# 
loop_
_diffrn_radiation_wavelength.id 
_diffrn_radiation_wavelength.wavelength 
_diffrn_radiation_wavelength.wt 
1 1.5418  1.0 
2 0.97893 1.0 
3 0.98050 1.0 
4 0.90000 1.0 
# 
loop_
_diffrn_source.diffrn_id 
_diffrn_source.source 
_diffrn_source.type 
_diffrn_source.pdbx_synchrotron_site 
_diffrn_source.pdbx_synchrotron_beamline 
_diffrn_source.pdbx_wavelength 
_diffrn_source.pdbx_wavelength_list 
1 'ROTATING ANODE' 'RIGAKU MICROMAX-007' ?    ?    ? 1.5418                      
2 SYNCHROTRON      'BSRF BEAMLINE 3W1A'  BSRF 3W1A ? '0.97893, 0.98050, 0.90000' 
# 
_reflns.entry_id                     3RE9 
_reflns.observed_criterion_sigma_I   -3 
_reflns.observed_criterion_sigma_F   0 
_reflns.d_resolution_low             36.94 
_reflns.d_resolution_high            2.40 
_reflns.number_obs                   7831 
_reflns.number_all                   7851 
_reflns.percent_possible_obs         99.7 
_reflns.pdbx_Rmerge_I_obs            0.093 
_reflns.pdbx_Rsym_value              0.093 
_reflns.pdbx_netI_over_sigmaI        11.8 
_reflns.B_iso_Wilson_estimate        ? 
_reflns.pdbx_redundancy              6.7 
_reflns.R_free_details               ? 
_reflns.limit_h_max                  ? 
_reflns.limit_h_min                  ? 
_reflns.limit_k_max                  ? 
_reflns.limit_k_min                  ? 
_reflns.limit_l_max                  ? 
_reflns.limit_l_min                  ? 
_reflns.observed_criterion_F_max     ? 
_reflns.observed_criterion_F_min     ? 
_reflns.pdbx_chi_squared             ? 
_reflns.pdbx_scaling_rejects         ? 
_reflns.pdbx_ordinal                 1 
_reflns.pdbx_diffrn_id               1,2 
# 
_reflns_shell.d_res_high                  2.40 
_reflns_shell.d_res_low                   2.49 
_reflns_shell.percent_possible_all        100.0 
_reflns_shell.Rmerge_I_obs                0.221 
_reflns_shell.pdbx_Rsym_value             0.221 
_reflns_shell.meanI_over_sigI_obs         6.6 
_reflns_shell.pdbx_redundancy             6.77 
_reflns_shell.percent_possible_obs        ? 
_reflns_shell.number_unique_all           759 
_reflns_shell.number_measured_all         ? 
_reflns_shell.number_measured_obs         ? 
_reflns_shell.number_unique_obs           ? 
_reflns_shell.pdbx_chi_squared            ? 
_reflns_shell.pdbx_rejects                ? 
_reflns_shell.pdbx_netI_over_sigmaI_obs   ? 
_reflns_shell.number_possible             ? 
_reflns_shell.Rmerge_F_all                ? 
_reflns_shell.Rmerge_F_obs                ? 
_reflns_shell.Rmerge_I_all                ? 
_reflns_shell.meanI_over_sigI_all         ? 
_reflns_shell.pdbx_Rrim_I_all             ? 
_reflns_shell.pdbx_Rpim_I_all             ? 
_reflns_shell.pdbx_ordinal                1 
_reflns_shell.pdbx_diffrn_id              1,2 
# 
_refine.entry_id                                 3RE9 
_refine.ls_number_reflns_obs                     7469 
_refine.ls_number_reflns_all                     7831 
_refine.pdbx_ls_sigma_I                          ? 
_refine.pdbx_ls_sigma_F                          ? 
_refine.pdbx_data_cutoff_high_absF               ? 
_refine.pdbx_data_cutoff_low_absF                ? 
_refine.pdbx_data_cutoff_high_rms_absF           ? 
_refine.ls_d_res_low                             36.94 
_refine.ls_d_res_high                            2.40 
_refine.ls_percent_reflns_obs                    99.73 
_refine.ls_R_factor_obs                          0.20873 
_refine.ls_R_factor_all                          0.20873 
_refine.ls_R_factor_R_work                       0.20628 
_refine.ls_R_factor_R_free                       0.26104 
_refine.ls_R_factor_R_free_error                 ? 
_refine.ls_R_factor_R_free_error_details         ? 
_refine.ls_percent_reflns_R_free                 4.6 
_refine.ls_number_reflns_R_free                  361 
_refine.ls_number_parameters                     ? 
_refine.ls_number_restraints                     ? 
_refine.occupancy_min                            ? 
_refine.occupancy_max                            ? 
_refine.correlation_coeff_Fo_to_Fc               0.913 
_refine.correlation_coeff_Fo_to_Fc_free          0.862 
_refine.B_iso_mean                               19.091 
_refine.aniso_B[1][1]                            -0.04 
_refine.aniso_B[2][2]                            0.02 
_refine.aniso_B[3][3]                            0.01 
_refine.aniso_B[1][2]                            0.00 
_refine.aniso_B[1][3]                            0.00 
_refine.aniso_B[2][3]                            0.00 
_refine.solvent_model_details                    MASK 
_refine.solvent_model_param_ksol                 ? 
_refine.solvent_model_param_bsol                 ? 
_refine.pdbx_solvent_vdw_probe_radii             1.20 
_refine.pdbx_solvent_ion_probe_radii             0.80 
_refine.pdbx_solvent_shrinkage_radii             0.80 
_refine.pdbx_ls_cross_valid_method               THROUGHOUT 
_refine.details                                  'HYDROGENS HAVE BEEN ADDED IN THE RIDING POSITIONS' 
_refine.pdbx_starting_model                      ? 
_refine.pdbx_method_to_determine_struct          MAD 
_refine.pdbx_isotropic_thermal_model             ? 
_refine.pdbx_stereochemistry_target_values       'MAXIMUM LIKELIHOOD' 
_refine.pdbx_stereochem_target_val_spec_case     ? 
_refine.pdbx_R_Free_selection_details            RANDOM 
_refine.pdbx_overall_ESU_R_Free                  0.287 
_refine.overall_SU_ML                            0.205 
_refine.overall_SU_B                             8.750 
_refine.overall_SU_R_Cruickshank_DPI             ? 
_refine.ls_redundancy_reflns_obs                 ? 
_refine.B_iso_min                                ? 
_refine.B_iso_max                                ? 
_refine.overall_SU_R_free                        ? 
_refine.ls_wR_factor_R_free                      ? 
_refine.ls_wR_factor_R_work                      ? 
_refine.overall_FOM_free_R_set                   ? 
_refine.overall_FOM_work_R_set                   ? 
_refine.pdbx_refine_id                           'X-RAY DIFFRACTION' 
_refine.pdbx_overall_phase_error                 ? 
_refine.pdbx_overall_ESU_R                       ? 
_refine.pdbx_diffrn_id                           1,2 
_refine.pdbx_TLS_residual_ADP_flag               ? 
_refine.pdbx_overall_SU_R_free_Cruickshank_DPI   ? 
_refine.pdbx_overall_SU_R_Blow_DPI               ? 
_refine.pdbx_overall_SU_R_free_Blow_DPI          ? 
# 
_refine_hist.pdbx_refine_id                   'X-RAY DIFFRACTION' 
_refine_hist.cycle_id                         LAST 
_refine_hist.pdbx_number_atoms_protein        1414 
_refine_hist.pdbx_number_atoms_nucleic_acid   0 
_refine_hist.pdbx_number_atoms_ligand         0 
_refine_hist.number_atoms_solvent             93 
_refine_hist.number_atoms_total               1507 
_refine_hist.d_res_high                       2.40 
_refine_hist.d_res_low                        36.94 
# 
loop_
_refine_ls_restr.type 
_refine_ls_restr.dev_ideal 
_refine_ls_restr.dev_ideal_target 
_refine_ls_restr.weight 
_refine_ls_restr.number 
_refine_ls_restr.pdbx_restraint_function 
_refine_ls_restr.pdbx_refine_id 
r_bond_refined_d         0.014  0.022  ? 1453 ? 'X-RAY DIFFRACTION' 
r_angle_refined_deg      1.540  1.969  ? 1978 ? 'X-RAY DIFFRACTION' 
r_dihedral_angle_1_deg   6.794  5.000  ? 180  ? 'X-RAY DIFFRACTION' 
r_dihedral_angle_2_deg   38.612 23.846 ? 65   ? 'X-RAY DIFFRACTION' 
r_dihedral_angle_3_deg   16.155 15.000 ? 250  ? 'X-RAY DIFFRACTION' 
r_dihedral_angle_4_deg   15.498 15.000 ? 9    ? 'X-RAY DIFFRACTION' 
r_chiral_restr           0.097  0.200  ? 232  ? 'X-RAY DIFFRACTION' 
r_gen_planes_refined     0.006  0.020  ? 1087 ? 'X-RAY DIFFRACTION' 
r_nbd_refined            0.196  0.200  ? 642  ? 'X-RAY DIFFRACTION' 
r_nbtor_refined          0.307  0.200  ? 940  ? 'X-RAY DIFFRACTION' 
r_xyhbond_nbd_refined    0.156  0.200  ? 88   ? 'X-RAY DIFFRACTION' 
r_symmetry_vdw_refined   0.303  0.200  ? 32   ? 'X-RAY DIFFRACTION' 
r_symmetry_hbond_refined 0.074  0.200  ? 4    ? 'X-RAY DIFFRACTION' 
r_mcbond_it              0.711  1.500  ? 928  ? 'X-RAY DIFFRACTION' 
r_mcangle_it             1.154  2.000  ? 1460 ? 'X-RAY DIFFRACTION' 
r_scbond_it              1.713  3.000  ? 592  ? 'X-RAY DIFFRACTION' 
r_scangle_it             2.639  4.500  ? 517  ? 'X-RAY DIFFRACTION' 
# 
_refine_ls_shell.pdbx_refine_id                   'X-RAY DIFFRACTION' 
_refine_ls_shell.pdbx_total_number_of_bins_used   20 
_refine_ls_shell.d_res_high                       2.400 
_refine_ls_shell.d_res_low                        2.462 
_refine_ls_shell.number_reflns_R_work             528 
_refine_ls_shell.R_factor_R_work                  0.237 
_refine_ls_shell.percent_reflns_obs               100.00 
_refine_ls_shell.R_factor_R_free                  0.361 
_refine_ls_shell.R_factor_R_free_error            ? 
_refine_ls_shell.percent_reflns_R_free            ? 
_refine_ls_shell.number_reflns_R_free             33 
_refine_ls_shell.number_reflns_all                ? 
_refine_ls_shell.R_factor_all                     ? 
_refine_ls_shell.number_reflns_obs                528 
_refine_ls_shell.redundancy_reflns_obs            ? 
# 
_struct.entry_id                  3RE9 
_struct.title                     'Crystal structure of sortaseC1 from Streptococcus suis' 
_struct.pdbx_model_details        ? 
_struct.pdbx_CASP_flag            ? 
_struct.pdbx_model_type_details   ? 
# 
_struct_keywords.entry_id        3RE9 
_struct_keywords.pdbx_keywords   TRANSFERASE 
_struct_keywords.text            
'Class C sortase, sortaseC-specific lid, helix, open-form, substrate-binding site, transpeptidase, TRANSFERASE' 
# 
loop_
_struct_asym.id 
_struct_asym.pdbx_blank_PDB_chainid_flag 
_struct_asym.pdbx_modified 
_struct_asym.entity_id 
_struct_asym.details 
A N N 1 ? 
B N N 2 ? 
# 
_struct_ref.id                         1 
_struct_ref.db_name                    UNP 
_struct_ref.db_code                    A4VY75_STRSY 
_struct_ref.pdbx_db_accession          A4VY75 
_struct_ref.entity_id                  1 
_struct_ref.pdbx_seq_one_letter_code   
;RIDLAQAFNESLNNVVSEDPYTKSRHEAGRVEYARMLELHEKIGYVEIPKIEVKLPVYAGTSETVLQKGVGHLEGTSLPI
GGSDTHTVLTAHTGLPKARLFTDLTKVKIGDTFYIHNIVETLAYEVDQIVVAEPTQFEELLVKPGQDYATLLTCTPYMVN
THRLLVRGHRIPYVAEEHL
;
_struct_ref.pdbx_align_begin           67 
_struct_ref.pdbx_db_isoform            ? 
# 
_struct_ref_seq.align_id                      1 
_struct_ref_seq.ref_id                        1 
_struct_ref_seq.pdbx_PDB_id_code              3RE9 
_struct_ref_seq.pdbx_strand_id                A 
_struct_ref_seq.seq_align_beg                 2 
_struct_ref_seq.pdbx_seq_align_beg_ins_code   ? 
_struct_ref_seq.seq_align_end                 180 
_struct_ref_seq.pdbx_seq_align_end_ins_code   ? 
_struct_ref_seq.pdbx_db_accession             A4VY75 
_struct_ref_seq.db_align_beg                  67 
_struct_ref_seq.pdbx_db_align_beg_ins_code    ? 
_struct_ref_seq.db_align_end                  245 
_struct_ref_seq.pdbx_db_align_end_ins_code    ? 
_struct_ref_seq.pdbx_auth_seq_align_beg       67 
_struct_ref_seq.pdbx_auth_seq_align_end       245 
# 
loop_
_struct_ref_seq_dif.align_id 
_struct_ref_seq_dif.pdbx_pdb_id_code 
_struct_ref_seq_dif.mon_id 
_struct_ref_seq_dif.pdbx_pdb_strand_id 
_struct_ref_seq_dif.seq_num 
_struct_ref_seq_dif.pdbx_pdb_ins_code 
_struct_ref_seq_dif.pdbx_seq_db_name 
_struct_ref_seq_dif.pdbx_seq_db_accession_code 
_struct_ref_seq_dif.db_mon_id 
_struct_ref_seq_dif.pdbx_seq_db_seq_num 
_struct_ref_seq_dif.details 
_struct_ref_seq_dif.pdbx_auth_seq_num 
_struct_ref_seq_dif.pdbx_ordinal 
1 3RE9 MET A 1   ? UNP A4VY75 ? ? 'expression tag' 66  1 
1 3RE9 GLU A 181 ? UNP A4VY75 ? ? 'expression tag' 246 2 
1 3RE9 HIS A 182 ? UNP A4VY75 ? ? 'expression tag' 247 3 
1 3RE9 HIS A 183 ? UNP A4VY75 ? ? 'expression tag' 248 4 
1 3RE9 HIS A 184 ? UNP A4VY75 ? ? 'expression tag' 249 5 
1 3RE9 HIS A 185 ? UNP A4VY75 ? ? 'expression tag' 250 6 
1 3RE9 HIS A 186 ? UNP A4VY75 ? ? 'expression tag' 251 7 
1 3RE9 HIS A 187 ? UNP A4VY75 ? ? 'expression tag' 252 8 
# 
_pdbx_struct_assembly.id                   1 
_pdbx_struct_assembly.details              author_and_software_defined_assembly 
_pdbx_struct_assembly.method_details       PISA 
_pdbx_struct_assembly.oligomeric_details   monomeric 
_pdbx_struct_assembly.oligomeric_count     1 
# 
_pdbx_struct_assembly_gen.assembly_id       1 
_pdbx_struct_assembly_gen.oper_expression   1 
_pdbx_struct_assembly_gen.asym_id_list      A,B 
# 
_pdbx_struct_oper_list.id                   1 
_pdbx_struct_oper_list.type                 'identity operation' 
_pdbx_struct_oper_list.name                 1_555 
_pdbx_struct_oper_list.symmetry_operation   x,y,z 
_pdbx_struct_oper_list.matrix[1][1]         1.0000000000 
_pdbx_struct_oper_list.matrix[1][2]         0.0000000000 
_pdbx_struct_oper_list.matrix[1][3]         0.0000000000 
_pdbx_struct_oper_list.vector[1]            0.0000000000 
_pdbx_struct_oper_list.matrix[2][1]         0.0000000000 
_pdbx_struct_oper_list.matrix[2][2]         1.0000000000 
_pdbx_struct_oper_list.matrix[2][3]         0.0000000000 
_pdbx_struct_oper_list.vector[2]            0.0000000000 
_pdbx_struct_oper_list.matrix[3][1]         0.0000000000 
_pdbx_struct_oper_list.matrix[3][2]         0.0000000000 
_pdbx_struct_oper_list.matrix[3][3]         1.0000000000 
_pdbx_struct_oper_list.vector[3]            0.0000000000 
# 
_struct_biol.id        1 
_struct_biol.details   ? 
# 
loop_
_struct_conf.conf_type_id 
_struct_conf.id 
_struct_conf.pdbx_PDB_helix_id 
_struct_conf.beg_label_comp_id 
_struct_conf.beg_label_asym_id 
_struct_conf.beg_label_seq_id 
_struct_conf.pdbx_beg_PDB_ins_code 
_struct_conf.end_label_comp_id 
_struct_conf.end_label_asym_id 
_struct_conf.end_label_seq_id 
_struct_conf.pdbx_end_PDB_ins_code 
_struct_conf.beg_auth_comp_id 
_struct_conf.beg_auth_asym_id 
_struct_conf.beg_auth_seq_id 
_struct_conf.end_auth_comp_id 
_struct_conf.end_auth_asym_id 
_struct_conf.end_auth_seq_id 
_struct_conf.pdbx_PDB_helix_class 
_struct_conf.details 
_struct_conf.pdbx_PDB_helix_length 
HELX_P HELX_P1 1 ARG A 2   ? SER A 12  ? ARG A 67  SER A 77  1 ? 11 
HELX_P HELX_P2 2 ASP A 20  ? LEU A 40  ? ASP A 85  LEU A 105 1 ? 21 
HELX_P HELX_P3 3 PRO A 50  ? GLU A 53  ? PRO A 115 GLU A 118 5 ? 4  
HELX_P HELX_P4 4 SER A 63  ? GLY A 70  ? SER A 128 GLY A 135 1 ? 8  
HELX_P HELX_P5 5 ARG A 100 ? VAL A 108 ? ARG A 165 VAL A 173 5 ? 9  
# 
_struct_conf_type.id          HELX_P 
_struct_conf_type.criteria    ? 
_struct_conf_type.reference   ? 
# 
_struct_mon_prot_cis.pdbx_id                1 
_struct_mon_prot_cis.label_comp_id          THR 
_struct_mon_prot_cis.label_seq_id           156 
_struct_mon_prot_cis.label_asym_id          A 
_struct_mon_prot_cis.label_alt_id           . 
_struct_mon_prot_cis.pdbx_PDB_ins_code      ? 
_struct_mon_prot_cis.auth_comp_id           THR 
_struct_mon_prot_cis.auth_seq_id            221 
_struct_mon_prot_cis.auth_asym_id           A 
_struct_mon_prot_cis.pdbx_label_comp_id_2   PRO 
_struct_mon_prot_cis.pdbx_label_seq_id_2    157 
_struct_mon_prot_cis.pdbx_label_asym_id_2   A 
_struct_mon_prot_cis.pdbx_PDB_ins_code_2    ? 
_struct_mon_prot_cis.pdbx_auth_comp_id_2    PRO 
_struct_mon_prot_cis.pdbx_auth_seq_id_2     222 
_struct_mon_prot_cis.pdbx_auth_asym_id_2    A 
_struct_mon_prot_cis.pdbx_PDB_model_num     1 
_struct_mon_prot_cis.pdbx_omega_angle       -7.01 
# 
_struct_sheet.id               A 
_struct_sheet.type             ? 
_struct_sheet.number_strands   9 
_struct_sheet.details          ? 
# 
loop_
_struct_sheet_order.sheet_id 
_struct_sheet_order.range_id_1 
_struct_sheet_order.range_id_2 
_struct_sheet_order.offset 
_struct_sheet_order.sense 
A 1 2 ? anti-parallel 
A 2 3 ? parallel      
A 3 4 ? anti-parallel 
A 4 5 ? parallel      
A 5 6 ? anti-parallel 
A 6 7 ? anti-parallel 
A 7 8 ? anti-parallel 
A 8 9 ? anti-parallel 
# 
loop_
_struct_sheet_range.sheet_id 
_struct_sheet_range.id 
_struct_sheet_range.beg_label_comp_id 
_struct_sheet_range.beg_label_asym_id 
_struct_sheet_range.beg_label_seq_id 
_struct_sheet_range.pdbx_beg_PDB_ins_code 
_struct_sheet_range.end_label_comp_id 
_struct_sheet_range.end_label_asym_id 
_struct_sheet_range.end_label_seq_id 
_struct_sheet_range.pdbx_end_PDB_ins_code 
_struct_sheet_range.beg_auth_comp_id 
_struct_sheet_range.beg_auth_asym_id 
_struct_sheet_range.beg_auth_seq_id 
_struct_sheet_range.end_auth_comp_id 
_struct_sheet_range.end_auth_asym_id 
_struct_sheet_range.end_auth_seq_id 
A 1 LYS A 43  ? ILE A 49  ? LYS A 108 ILE A 114 
A 2 VAL A 54  ? ALA A 60  ? VAL A 119 ALA A 125 
A 3 VAL A 71  ? HIS A 73  ? VAL A 136 HIS A 138 
A 4 THR A 86  ? THR A 91  ? THR A 151 THR A 156 
A 5 ASP A 148 ? THR A 156 ? ASP A 213 THR A 221 
A 6 HIS A 163 ? ILE A 172 ? HIS A 228 ILE A 237 
A 7 THR A 122 ? ALA A 133 ? THR A 187 ALA A 198 
A 8 THR A 113 ? HIS A 117 ? THR A 178 HIS A 182 
A 9 LYS A 43  ? ILE A 49  ? LYS A 108 ILE A 114 
# 
loop_
_pdbx_struct_sheet_hbond.sheet_id 
_pdbx_struct_sheet_hbond.range_id_1 
_pdbx_struct_sheet_hbond.range_id_2 
_pdbx_struct_sheet_hbond.range_1_label_atom_id 
_pdbx_struct_sheet_hbond.range_1_label_comp_id 
_pdbx_struct_sheet_hbond.range_1_label_asym_id 
_pdbx_struct_sheet_hbond.range_1_label_seq_id 
_pdbx_struct_sheet_hbond.range_1_PDB_ins_code 
_pdbx_struct_sheet_hbond.range_1_auth_atom_id 
_pdbx_struct_sheet_hbond.range_1_auth_comp_id 
_pdbx_struct_sheet_hbond.range_1_auth_asym_id 
_pdbx_struct_sheet_hbond.range_1_auth_seq_id 
_pdbx_struct_sheet_hbond.range_2_label_atom_id 
_pdbx_struct_sheet_hbond.range_2_label_comp_id 
_pdbx_struct_sheet_hbond.range_2_label_asym_id 
_pdbx_struct_sheet_hbond.range_2_label_seq_id 
_pdbx_struct_sheet_hbond.range_2_PDB_ins_code 
_pdbx_struct_sheet_hbond.range_2_auth_atom_id 
_pdbx_struct_sheet_hbond.range_2_auth_comp_id 
_pdbx_struct_sheet_hbond.range_2_auth_asym_id 
_pdbx_struct_sheet_hbond.range_2_auth_seq_id 
A 1 2 N ILE A 44  ? N ILE A 109 O VAL A 58  ? O VAL A 123 
A 2 3 N TYR A 59  ? N TYR A 124 O VAL A 71  ? O VAL A 136 
A 3 4 N GLY A 72  ? N GLY A 137 O THR A 91  ? O THR A 156 
A 4 5 N LEU A 90  ? N LEU A 155 O LEU A 153 ? O LEU A 218 
A 5 6 N THR A 156 ? N THR A 221 O HIS A 163 ? O HIS A 228 
A 6 7 O LEU A 166 ? O LEU A 231 N VAL A 131 ? N VAL A 196 
A 7 8 O TYR A 125 ? O TYR A 190 N PHE A 114 ? N PHE A 179 
A 8 9 O HIS A 117 ? O HIS A 182 N TYR A 46  ? N TYR A 111 
# 
loop_
_pdbx_validate_torsion.id 
_pdbx_validate_torsion.PDB_model_num 
_pdbx_validate_torsion.auth_comp_id 
_pdbx_validate_torsion.auth_asym_id 
_pdbx_validate_torsion.auth_seq_id 
_pdbx_validate_torsion.PDB_ins_code 
_pdbx_validate_torsion.label_alt_id 
_pdbx_validate_torsion.phi 
_pdbx_validate_torsion.psi 
1 1 ASP A 85  ? ? -38.95  138.53  
2 1 LEU A 166 ? ? 50.06   -125.74 
3 1 GLU A 243 ? ? -110.22 -80.51  
# 
loop_
_pdbx_unobs_or_zero_occ_residues.id 
_pdbx_unobs_or_zero_occ_residues.PDB_model_num 
_pdbx_unobs_or_zero_occ_residues.polymer_flag 
_pdbx_unobs_or_zero_occ_residues.occupancy_flag 
_pdbx_unobs_or_zero_occ_residues.auth_asym_id 
_pdbx_unobs_or_zero_occ_residues.auth_comp_id 
_pdbx_unobs_or_zero_occ_residues.auth_seq_id 
_pdbx_unobs_or_zero_occ_residues.PDB_ins_code 
_pdbx_unobs_or_zero_occ_residues.label_asym_id 
_pdbx_unobs_or_zero_occ_residues.label_comp_id 
_pdbx_unobs_or_zero_occ_residues.label_seq_id 
1 1 Y 1 A LEU 245 ? A LEU 180 
2 1 Y 1 A GLU 246 ? A GLU 181 
3 1 Y 1 A HIS 247 ? A HIS 182 
4 1 Y 1 A HIS 248 ? A HIS 183 
5 1 Y 1 A HIS 249 ? A HIS 184 
6 1 Y 1 A HIS 250 ? A HIS 185 
7 1 Y 1 A HIS 251 ? A HIS 186 
8 1 Y 1 A HIS 252 ? A HIS 187 
# 
loop_
_chem_comp_atom.comp_id 
_chem_comp_atom.atom_id 
_chem_comp_atom.type_symbol 
_chem_comp_atom.pdbx_aromatic_flag 
_chem_comp_atom.pdbx_stereo_config 
_chem_comp_atom.pdbx_ordinal 
ALA N    N N N 1   
ALA CA   C N S 2   
ALA C    C N N 3   
ALA O    O N N 4   
ALA CB   C N N 5   
ALA OXT  O N N 6   
ALA H    H N N 7   
ALA H2   H N N 8   
ALA HA   H N N 9   
ALA HB1  H N N 10  
ALA HB2  H N N 11  
ALA HB3  H N N 12  
ALA HXT  H N N 13  
ARG N    N N N 14  
ARG CA   C N S 15  
ARG C    C N N 16  
ARG O    O N N 17  
ARG CB   C N N 18  
ARG CG   C N N 19  
ARG CD   C N N 20  
ARG NE   N N N 21  
ARG CZ   C N N 22  
ARG NH1  N N N 23  
ARG NH2  N N N 24  
ARG OXT  O N N 25  
ARG H    H N N 26  
ARG H2   H N N 27  
ARG HA   H N N 28  
ARG HB2  H N N 29  
ARG HB3  H N N 30  
ARG HG2  H N N 31  
ARG HG3  H N N 32  
ARG HD2  H N N 33  
ARG HD3  H N N 34  
ARG HE   H N N 35  
ARG HH11 H N N 36  
ARG HH12 H N N 37  
ARG HH21 H N N 38  
ARG HH22 H N N 39  
ARG HXT  H N N 40  
ASN N    N N N 41  
ASN CA   C N S 42  
ASN C    C N N 43  
ASN O    O N N 44  
ASN CB   C N N 45  
ASN CG   C N N 46  
ASN OD1  O N N 47  
ASN ND2  N N N 48  
ASN OXT  O N N 49  
ASN H    H N N 50  
ASN H2   H N N 51  
ASN HA   H N N 52  
ASN HB2  H N N 53  
ASN HB3  H N N 54  
ASN HD21 H N N 55  
ASN HD22 H N N 56  
ASN HXT  H N N 57  
ASP N    N N N 58  
ASP CA   C N S 59  
ASP C    C N N 60  
ASP O    O N N 61  
ASP CB   C N N 62  
ASP CG   C N N 63  
ASP OD1  O N N 64  
ASP OD2  O N N 65  
ASP OXT  O N N 66  
ASP H    H N N 67  
ASP H2   H N N 68  
ASP HA   H N N 69  
ASP HB2  H N N 70  
ASP HB3  H N N 71  
ASP HD2  H N N 72  
ASP HXT  H N N 73  
CYS N    N N N 74  
CYS CA   C N R 75  
CYS C    C N N 76  
CYS O    O N N 77  
CYS CB   C N N 78  
CYS SG   S N N 79  
CYS OXT  O N N 80  
CYS H    H N N 81  
CYS H2   H N N 82  
CYS HA   H N N 83  
CYS HB2  H N N 84  
CYS HB3  H N N 85  
CYS HG   H N N 86  
CYS HXT  H N N 87  
GLN N    N N N 88  
GLN CA   C N S 89  
GLN C    C N N 90  
GLN O    O N N 91  
GLN CB   C N N 92  
GLN CG   C N N 93  
GLN CD   C N N 94  
GLN OE1  O N N 95  
GLN NE2  N N N 96  
GLN OXT  O N N 97  
GLN H    H N N 98  
GLN H2   H N N 99  
GLN HA   H N N 100 
GLN HB2  H N N 101 
GLN HB3  H N N 102 
GLN HG2  H N N 103 
GLN HG3  H N N 104 
GLN HE21 H N N 105 
GLN HE22 H N N 106 
GLN HXT  H N N 107 
GLU N    N N N 108 
GLU CA   C N S 109 
GLU C    C N N 110 
GLU O    O N N 111 
GLU CB   C N N 112 
GLU CG   C N N 113 
GLU CD   C N N 114 
GLU OE1  O N N 115 
GLU OE2  O N N 116 
GLU OXT  O N N 117 
GLU H    H N N 118 
GLU H2   H N N 119 
GLU HA   H N N 120 
GLU HB2  H N N 121 
GLU HB3  H N N 122 
GLU HG2  H N N 123 
GLU HG3  H N N 124 
GLU HE2  H N N 125 
GLU HXT  H N N 126 
GLY N    N N N 127 
GLY CA   C N N 128 
GLY C    C N N 129 
GLY O    O N N 130 
GLY OXT  O N N 131 
GLY H    H N N 132 
GLY H2   H N N 133 
GLY HA2  H N N 134 
GLY HA3  H N N 135 
GLY HXT  H N N 136 
HIS N    N N N 137 
HIS CA   C N S 138 
HIS C    C N N 139 
HIS O    O N N 140 
HIS CB   C N N 141 
HIS CG   C Y N 142 
HIS ND1  N Y N 143 
HIS CD2  C Y N 144 
HIS CE1  C Y N 145 
HIS NE2  N Y N 146 
HIS OXT  O N N 147 
HIS H    H N N 148 
HIS H2   H N N 149 
HIS HA   H N N 150 
HIS HB2  H N N 151 
HIS HB3  H N N 152 
HIS HD1  H N N 153 
HIS HD2  H N N 154 
HIS HE1  H N N 155 
HIS HE2  H N N 156 
HIS HXT  H N N 157 
HOH O    O N N 158 
HOH H1   H N N 159 
HOH H2   H N N 160 
ILE N    N N N 161 
ILE CA   C N S 162 
ILE C    C N N 163 
ILE O    O N N 164 
ILE CB   C N S 165 
ILE CG1  C N N 166 
ILE CG2  C N N 167 
ILE CD1  C N N 168 
ILE OXT  O N N 169 
ILE H    H N N 170 
ILE H2   H N N 171 
ILE HA   H N N 172 
ILE HB   H N N 173 
ILE HG12 H N N 174 
ILE HG13 H N N 175 
ILE HG21 H N N 176 
ILE HG22 H N N 177 
ILE HG23 H N N 178 
ILE HD11 H N N 179 
ILE HD12 H N N 180 
ILE HD13 H N N 181 
ILE HXT  H N N 182 
LEU N    N N N 183 
LEU CA   C N S 184 
LEU C    C N N 185 
LEU O    O N N 186 
LEU CB   C N N 187 
LEU CG   C N N 188 
LEU CD1  C N N 189 
LEU CD2  C N N 190 
LEU OXT  O N N 191 
LEU H    H N N 192 
LEU H2   H N N 193 
LEU HA   H N N 194 
LEU HB2  H N N 195 
LEU HB3  H N N 196 
LEU HG   H N N 197 
LEU HD11 H N N 198 
LEU HD12 H N N 199 
LEU HD13 H N N 200 
LEU HD21 H N N 201 
LEU HD22 H N N 202 
LEU HD23 H N N 203 
LEU HXT  H N N 204 
LYS N    N N N 205 
LYS CA   C N S 206 
LYS C    C N N 207 
LYS O    O N N 208 
LYS CB   C N N 209 
LYS CG   C N N 210 
LYS CD   C N N 211 
LYS CE   C N N 212 
LYS NZ   N N N 213 
LYS OXT  O N N 214 
LYS H    H N N 215 
LYS H2   H N N 216 
LYS HA   H N N 217 
LYS HB2  H N N 218 
LYS HB3  H N N 219 
LYS HG2  H N N 220 
LYS HG3  H N N 221 
LYS HD2  H N N 222 
LYS HD3  H N N 223 
LYS HE2  H N N 224 
LYS HE3  H N N 225 
LYS HZ1  H N N 226 
LYS HZ2  H N N 227 
LYS HZ3  H N N 228 
LYS HXT  H N N 229 
MET N    N N N 230 
MET CA   C N S 231 
MET C    C N N 232 
MET O    O N N 233 
MET CB   C N N 234 
MET CG   C N N 235 
MET SD   S N N 236 
MET CE   C N N 237 
MET OXT  O N N 238 
MET H    H N N 239 
MET H2   H N N 240 
MET HA   H N N 241 
MET HB2  H N N 242 
MET HB3  H N N 243 
MET HG2  H N N 244 
MET HG3  H N N 245 
MET HE1  H N N 246 
MET HE2  H N N 247 
MET HE3  H N N 248 
MET HXT  H N N 249 
PHE N    N N N 250 
PHE CA   C N S 251 
PHE C    C N N 252 
PHE O    O N N 253 
PHE CB   C N N 254 
PHE CG   C Y N 255 
PHE CD1  C Y N 256 
PHE CD2  C Y N 257 
PHE CE1  C Y N 258 
PHE CE2  C Y N 259 
PHE CZ   C Y N 260 
PHE OXT  O N N 261 
PHE H    H N N 262 
PHE H2   H N N 263 
PHE HA   H N N 264 
PHE HB2  H N N 265 
PHE HB3  H N N 266 
PHE HD1  H N N 267 
PHE HD2  H N N 268 
PHE HE1  H N N 269 
PHE HE2  H N N 270 
PHE HZ   H N N 271 
PHE HXT  H N N 272 
PRO N    N N N 273 
PRO CA   C N S 274 
PRO C    C N N 275 
PRO O    O N N 276 
PRO CB   C N N 277 
PRO CG   C N N 278 
PRO CD   C N N 279 
PRO OXT  O N N 280 
PRO H    H N N 281 
PRO HA   H N N 282 
PRO HB2  H N N 283 
PRO HB3  H N N 284 
PRO HG2  H N N 285 
PRO HG3  H N N 286 
PRO HD2  H N N 287 
PRO HD3  H N N 288 
PRO HXT  H N N 289 
SER N    N N N 290 
SER CA   C N S 291 
SER C    C N N 292 
SER O    O N N 293 
SER CB   C N N 294 
SER OG   O N N 295 
SER OXT  O N N 296 
SER H    H N N 297 
SER H2   H N N 298 
SER HA   H N N 299 
SER HB2  H N N 300 
SER HB3  H N N 301 
SER HG   H N N 302 
SER HXT  H N N 303 
THR N    N N N 304 
THR CA   C N S 305 
THR C    C N N 306 
THR O    O N N 307 
THR CB   C N R 308 
THR OG1  O N N 309 
THR CG2  C N N 310 
THR OXT  O N N 311 
THR H    H N N 312 
THR H2   H N N 313 
THR HA   H N N 314 
THR HB   H N N 315 
THR HG1  H N N 316 
THR HG21 H N N 317 
THR HG22 H N N 318 
THR HG23 H N N 319 
THR HXT  H N N 320 
TYR N    N N N 321 
TYR CA   C N S 322 
TYR C    C N N 323 
TYR O    O N N 324 
TYR CB   C N N 325 
TYR CG   C Y N 326 
TYR CD1  C Y N 327 
TYR CD2  C Y N 328 
TYR CE1  C Y N 329 
TYR CE2  C Y N 330 
TYR CZ   C Y N 331 
TYR OH   O N N 332 
TYR OXT  O N N 333 
TYR H    H N N 334 
TYR H2   H N N 335 
TYR HA   H N N 336 
TYR HB2  H N N 337 
TYR HB3  H N N 338 
TYR HD1  H N N 339 
TYR HD2  H N N 340 
TYR HE1  H N N 341 
TYR HE2  H N N 342 
TYR HH   H N N 343 
TYR HXT  H N N 344 
VAL N    N N N 345 
VAL CA   C N S 346 
VAL C    C N N 347 
VAL O    O N N 348 
VAL CB   C N N 349 
VAL CG1  C N N 350 
VAL CG2  C N N 351 
VAL OXT  O N N 352 
VAL H    H N N 353 
VAL H2   H N N 354 
VAL HA   H N N 355 
VAL HB   H N N 356 
VAL HG11 H N N 357 
VAL HG12 H N N 358 
VAL HG13 H N N 359 
VAL HG21 H N N 360 
VAL HG22 H N N 361 
VAL HG23 H N N 362 
VAL HXT  H N N 363 
# 
loop_
_chem_comp_bond.comp_id 
_chem_comp_bond.atom_id_1 
_chem_comp_bond.atom_id_2 
_chem_comp_bond.value_order 
_chem_comp_bond.pdbx_aromatic_flag 
_chem_comp_bond.pdbx_stereo_config 
_chem_comp_bond.pdbx_ordinal 
ALA N   CA   sing N N 1   
ALA N   H    sing N N 2   
ALA N   H2   sing N N 3   
ALA CA  C    sing N N 4   
ALA CA  CB   sing N N 5   
ALA CA  HA   sing N N 6   
ALA C   O    doub N N 7   
ALA C   OXT  sing N N 8   
ALA CB  HB1  sing N N 9   
ALA CB  HB2  sing N N 10  
ALA CB  HB3  sing N N 11  
ALA OXT HXT  sing N N 12  
ARG N   CA   sing N N 13  
ARG N   H    sing N N 14  
ARG N   H2   sing N N 15  
ARG CA  C    sing N N 16  
ARG CA  CB   sing N N 17  
ARG CA  HA   sing N N 18  
ARG C   O    doub N N 19  
ARG C   OXT  sing N N 20  
ARG CB  CG   sing N N 21  
ARG CB  HB2  sing N N 22  
ARG CB  HB3  sing N N 23  
ARG CG  CD   sing N N 24  
ARG CG  HG2  sing N N 25  
ARG CG  HG3  sing N N 26  
ARG CD  NE   sing N N 27  
ARG CD  HD2  sing N N 28  
ARG CD  HD3  sing N N 29  
ARG NE  CZ   sing N N 30  
ARG NE  HE   sing N N 31  
ARG CZ  NH1  sing N N 32  
ARG CZ  NH2  doub N N 33  
ARG NH1 HH11 sing N N 34  
ARG NH1 HH12 sing N N 35  
ARG NH2 HH21 sing N N 36  
ARG NH2 HH22 sing N N 37  
ARG OXT HXT  sing N N 38  
ASN N   CA   sing N N 39  
ASN N   H    sing N N 40  
ASN N   H2   sing N N 41  
ASN CA  C    sing N N 42  
ASN CA  CB   sing N N 43  
ASN CA  HA   sing N N 44  
ASN C   O    doub N N 45  
ASN C   OXT  sing N N 46  
ASN CB  CG   sing N N 47  
ASN CB  HB2  sing N N 48  
ASN CB  HB3  sing N N 49  
ASN CG  OD1  doub N N 50  
ASN CG  ND2  sing N N 51  
ASN ND2 HD21 sing N N 52  
ASN ND2 HD22 sing N N 53  
ASN OXT HXT  sing N N 54  
ASP N   CA   sing N N 55  
ASP N   H    sing N N 56  
ASP N   H2   sing N N 57  
ASP CA  C    sing N N 58  
ASP CA  CB   sing N N 59  
ASP CA  HA   sing N N 60  
ASP C   O    doub N N 61  
ASP C   OXT  sing N N 62  
ASP CB  CG   sing N N 63  
ASP CB  HB2  sing N N 64  
ASP CB  HB3  sing N N 65  
ASP CG  OD1  doub N N 66  
ASP CG  OD2  sing N N 67  
ASP OD2 HD2  sing N N 68  
ASP OXT HXT  sing N N 69  
CYS N   CA   sing N N 70  
CYS N   H    sing N N 71  
CYS N   H2   sing N N 72  
CYS CA  C    sing N N 73  
CYS CA  CB   sing N N 74  
CYS CA  HA   sing N N 75  
CYS C   O    doub N N 76  
CYS C   OXT  sing N N 77  
CYS CB  SG   sing N N 78  
CYS CB  HB2  sing N N 79  
CYS CB  HB3  sing N N 80  
CYS SG  HG   sing N N 81  
CYS OXT HXT  sing N N 82  
GLN N   CA   sing N N 83  
GLN N   H    sing N N 84  
GLN N   H2   sing N N 85  
GLN CA  C    sing N N 86  
GLN CA  CB   sing N N 87  
GLN CA  HA   sing N N 88  
GLN C   O    doub N N 89  
GLN C   OXT  sing N N 90  
GLN CB  CG   sing N N 91  
GLN CB  HB2  sing N N 92  
GLN CB  HB3  sing N N 93  
GLN CG  CD   sing N N 94  
GLN CG  HG2  sing N N 95  
GLN CG  HG3  sing N N 96  
GLN CD  OE1  doub N N 97  
GLN CD  NE2  sing N N 98  
GLN NE2 HE21 sing N N 99  
GLN NE2 HE22 sing N N 100 
GLN OXT HXT  sing N N 101 
GLU N   CA   sing N N 102 
GLU N   H    sing N N 103 
GLU N   H2   sing N N 104 
GLU CA  C    sing N N 105 
GLU CA  CB   sing N N 106 
GLU CA  HA   sing N N 107 
GLU C   O    doub N N 108 
GLU C   OXT  sing N N 109 
GLU CB  CG   sing N N 110 
GLU CB  HB2  sing N N 111 
GLU CB  HB3  sing N N 112 
GLU CG  CD   sing N N 113 
GLU CG  HG2  sing N N 114 
GLU CG  HG3  sing N N 115 
GLU CD  OE1  doub N N 116 
GLU CD  OE2  sing N N 117 
GLU OE2 HE2  sing N N 118 
GLU OXT HXT  sing N N 119 
GLY N   CA   sing N N 120 
GLY N   H    sing N N 121 
GLY N   H2   sing N N 122 
GLY CA  C    sing N N 123 
GLY CA  HA2  sing N N 124 
GLY CA  HA3  sing N N 125 
GLY C   O    doub N N 126 
GLY C   OXT  sing N N 127 
GLY OXT HXT  sing N N 128 
HIS N   CA   sing N N 129 
HIS N   H    sing N N 130 
HIS N   H2   sing N N 131 
HIS CA  C    sing N N 132 
HIS CA  CB   sing N N 133 
HIS CA  HA   sing N N 134 
HIS C   O    doub N N 135 
HIS C   OXT  sing N N 136 
HIS CB  CG   sing N N 137 
HIS CB  HB2  sing N N 138 
HIS CB  HB3  sing N N 139 
HIS CG  ND1  sing Y N 140 
HIS CG  CD2  doub Y N 141 
HIS ND1 CE1  doub Y N 142 
HIS ND1 HD1  sing N N 143 
HIS CD2 NE2  sing Y N 144 
HIS CD2 HD2  sing N N 145 
HIS CE1 NE2  sing Y N 146 
HIS CE1 HE1  sing N N 147 
HIS NE2 HE2  sing N N 148 
HIS OXT HXT  sing N N 149 
HOH O   H1   sing N N 150 
HOH O   H2   sing N N 151 
ILE N   CA   sing N N 152 
ILE N   H    sing N N 153 
ILE N   H2   sing N N 154 
ILE CA  C    sing N N 155 
ILE CA  CB   sing N N 156 
ILE CA  HA   sing N N 157 
ILE C   O    doub N N 158 
ILE C   OXT  sing N N 159 
ILE CB  CG1  sing N N 160 
ILE CB  CG2  sing N N 161 
ILE CB  HB   sing N N 162 
ILE CG1 CD1  sing N N 163 
ILE CG1 HG12 sing N N 164 
ILE CG1 HG13 sing N N 165 
ILE CG2 HG21 sing N N 166 
ILE CG2 HG22 sing N N 167 
ILE CG2 HG23 sing N N 168 
ILE CD1 HD11 sing N N 169 
ILE CD1 HD12 sing N N 170 
ILE CD1 HD13 sing N N 171 
ILE OXT HXT  sing N N 172 
LEU N   CA   sing N N 173 
LEU N   H    sing N N 174 
LEU N   H2   sing N N 175 
LEU CA  C    sing N N 176 
LEU CA  CB   sing N N 177 
LEU CA  HA   sing N N 178 
LEU C   O    doub N N 179 
LEU C   OXT  sing N N 180 
LEU CB  CG   sing N N 181 
LEU CB  HB2  sing N N 182 
LEU CB  HB3  sing N N 183 
LEU CG  CD1  sing N N 184 
LEU CG  CD2  sing N N 185 
LEU CG  HG   sing N N 186 
LEU CD1 HD11 sing N N 187 
LEU CD1 HD12 sing N N 188 
LEU CD1 HD13 sing N N 189 
LEU CD2 HD21 sing N N 190 
LEU CD2 HD22 sing N N 191 
LEU CD2 HD23 sing N N 192 
LEU OXT HXT  sing N N 193 
LYS N   CA   sing N N 194 
LYS N   H    sing N N 195 
LYS N   H2   sing N N 196 
LYS CA  C    sing N N 197 
LYS CA  CB   sing N N 198 
LYS CA  HA   sing N N 199 
LYS C   O    doub N N 200 
LYS C   OXT  sing N N 201 
LYS CB  CG   sing N N 202 
LYS CB  HB2  sing N N 203 
LYS CB  HB3  sing N N 204 
LYS CG  CD   sing N N 205 
LYS CG  HG2  sing N N 206 
LYS CG  HG3  sing N N 207 
LYS CD  CE   sing N N 208 
LYS CD  HD2  sing N N 209 
LYS CD  HD3  sing N N 210 
LYS CE  NZ   sing N N 211 
LYS CE  HE2  sing N N 212 
LYS CE  HE3  sing N N 213 
LYS NZ  HZ1  sing N N 214 
LYS NZ  HZ2  sing N N 215 
LYS NZ  HZ3  sing N N 216 
LYS OXT HXT  sing N N 217 
MET N   CA   sing N N 218 
MET N   H    sing N N 219 
MET N   H2   sing N N 220 
MET CA  C    sing N N 221 
MET CA  CB   sing N N 222 
MET CA  HA   sing N N 223 
MET C   O    doub N N 224 
MET C   OXT  sing N N 225 
MET CB  CG   sing N N 226 
MET CB  HB2  sing N N 227 
MET CB  HB3  sing N N 228 
MET CG  SD   sing N N 229 
MET CG  HG2  sing N N 230 
MET CG  HG3  sing N N 231 
MET SD  CE   sing N N 232 
MET CE  HE1  sing N N 233 
MET CE  HE2  sing N N 234 
MET CE  HE3  sing N N 235 
MET OXT HXT  sing N N 236 
PHE N   CA   sing N N 237 
PHE N   H    sing N N 238 
PHE N   H2   sing N N 239 
PHE CA  C    sing N N 240 
PHE CA  CB   sing N N 241 
PHE CA  HA   sing N N 242 
PHE C   O    doub N N 243 
PHE C   OXT  sing N N 244 
PHE CB  CG   sing N N 245 
PHE CB  HB2  sing N N 246 
PHE CB  HB3  sing N N 247 
PHE CG  CD1  doub Y N 248 
PHE CG  CD2  sing Y N 249 
PHE CD1 CE1  sing Y N 250 
PHE CD1 HD1  sing N N 251 
PHE CD2 CE2  doub Y N 252 
PHE CD2 HD2  sing N N 253 
PHE CE1 CZ   doub Y N 254 
PHE CE1 HE1  sing N N 255 
PHE CE2 CZ   sing Y N 256 
PHE CE2 HE2  sing N N 257 
PHE CZ  HZ   sing N N 258 
PHE OXT HXT  sing N N 259 
PRO N   CA   sing N N 260 
PRO N   CD   sing N N 261 
PRO N   H    sing N N 262 
PRO CA  C    sing N N 263 
PRO CA  CB   sing N N 264 
PRO CA  HA   sing N N 265 
PRO C   O    doub N N 266 
PRO C   OXT  sing N N 267 
PRO CB  CG   sing N N 268 
PRO CB  HB2  sing N N 269 
PRO CB  HB3  sing N N 270 
PRO CG  CD   sing N N 271 
PRO CG  HG2  sing N N 272 
PRO CG  HG3  sing N N 273 
PRO CD  HD2  sing N N 274 
PRO CD  HD3  sing N N 275 
PRO OXT HXT  sing N N 276 
SER N   CA   sing N N 277 
SER N   H    sing N N 278 
SER N   H2   sing N N 279 
SER CA  C    sing N N 280 
SER CA  CB   sing N N 281 
SER CA  HA   sing N N 282 
SER C   O    doub N N 283 
SER C   OXT  sing N N 284 
SER CB  OG   sing N N 285 
SER CB  HB2  sing N N 286 
SER CB  HB3  sing N N 287 
SER OG  HG   sing N N 288 
SER OXT HXT  sing N N 289 
THR N   CA   sing N N 290 
THR N   H    sing N N 291 
THR N   H2   sing N N 292 
THR CA  C    sing N N 293 
THR CA  CB   sing N N 294 
THR CA  HA   sing N N 295 
THR C   O    doub N N 296 
THR C   OXT  sing N N 297 
THR CB  OG1  sing N N 298 
THR CB  CG2  sing N N 299 
THR CB  HB   sing N N 300 
THR OG1 HG1  sing N N 301 
THR CG2 HG21 sing N N 302 
THR CG2 HG22 sing N N 303 
THR CG2 HG23 sing N N 304 
THR OXT HXT  sing N N 305 
TYR N   CA   sing N N 306 
TYR N   H    sing N N 307 
TYR N   H2   sing N N 308 
TYR CA  C    sing N N 309 
TYR CA  CB   sing N N 310 
TYR CA  HA   sing N N 311 
TYR C   O    doub N N 312 
TYR C   OXT  sing N N 313 
TYR CB  CG   sing N N 314 
TYR CB  HB2  sing N N 315 
TYR CB  HB3  sing N N 316 
TYR CG  CD1  doub Y N 317 
TYR CG  CD2  sing Y N 318 
TYR CD1 CE1  sing Y N 319 
TYR CD1 HD1  sing N N 320 
TYR CD2 CE2  doub Y N 321 
TYR CD2 HD2  sing N N 322 
TYR CE1 CZ   doub Y N 323 
TYR CE1 HE1  sing N N 324 
TYR CE2 CZ   sing Y N 325 
TYR CE2 HE2  sing N N 326 
TYR CZ  OH   sing N N 327 
TYR OH  HH   sing N N 328 
TYR OXT HXT  sing N N 329 
VAL N   CA   sing N N 330 
VAL N   H    sing N N 331 
VAL N   H2   sing N N 332 
VAL CA  C    sing N N 333 
VAL CA  CB   sing N N 334 
VAL CA  HA   sing N N 335 
VAL C   O    doub N N 336 
VAL C   OXT  sing N N 337 
VAL CB  CG1  sing N N 338 
VAL CB  CG2  sing N N 339 
VAL CB  HB   sing N N 340 
VAL CG1 HG11 sing N N 341 
VAL CG1 HG12 sing N N 342 
VAL CG1 HG13 sing N N 343 
VAL CG2 HG21 sing N N 344 
VAL CG2 HG22 sing N N 345 
VAL CG2 HG23 sing N N 346 
VAL OXT HXT  sing N N 347 
# 
_atom_sites.entry_id                    3RE9 
_atom_sites.fract_transf_matrix[1][1]   0.00040953 
_atom_sites.fract_transf_matrix[1][2]   0.01492664 
_atom_sites.fract_transf_matrix[1][3]   0.01309986 
_atom_sites.fract_transf_matrix[2][1]   0.00528723 
_atom_sites.fract_transf_matrix[2][2]   0.00543774 
_atom_sites.fract_transf_matrix[2][3]   -0.00636132 
_atom_sites.fract_transf_matrix[3][1]   -0.02288098 
_atom_sites.fract_transf_matrix[3][2]   0.00989483 
_atom_sites.fract_transf_matrix[3][3]   -0.01055937 
_atom_sites.fract_transf_vector[1]      0.018377 
_atom_sites.fract_transf_vector[2]      0.168900 
_atom_sites.fract_transf_vector[3]      0.284525 
# 
loop_
_atom_type.symbol 
C 
N 
O 
S 
# 
loop_
_atom_site.group_PDB 
_atom_site.id 
_atom_site.type_symbol 
_atom_site.label_atom_id 
_atom_site.label_alt_id 
_atom_site.label_comp_id 
_atom_site.label_asym_id 
_atom_site.label_entity_id 
_atom_site.label_seq_id 
_atom_site.pdbx_PDB_ins_code 
_atom_site.Cartn_x 
_atom_site.Cartn_y 
_atom_site.Cartn_z 
_atom_site.occupancy 
_atom_site.B_iso_or_equiv 
_atom_site.pdbx_formal_charge 
_atom_site.auth_seq_id 
_atom_site.auth_comp_id 
_atom_site.auth_asym_id 
_atom_site.auth_atom_id 
_atom_site.pdbx_PDB_model_num 
ATOM   1    N N   . MET A 1 1   ? -12.008 -8.811  3.163   1.00 22.70 ? 66  MET A N   1 
ATOM   2    C CA  . MET A 1 1   ? -10.615 -9.335  2.959   1.00 22.92 ? 66  MET A CA  1 
ATOM   3    C C   . MET A 1 1   ? -10.301 -10.443 3.975   1.00 23.14 ? 66  MET A C   1 
ATOM   4    O O   . MET A 1 1   ? -9.995  -10.175 5.166   1.00 22.60 ? 66  MET A O   1 
ATOM   5    C CB  . MET A 1 1   ? -9.569  -8.204  3.065   1.00 23.31 ? 66  MET A CB  1 
ATOM   6    C CG  . MET A 1 1   ? -8.113  -8.644  2.835   1.00 22.47 ? 66  MET A CG  1 
ATOM   7    S SD  . MET A 1 1   ? -6.905  -7.297  2.919   1.00 22.43 ? 66  MET A SD  1 
ATOM   8    C CE  . MET A 1 1   ? -6.765  -7.073  4.685   1.00 24.88 ? 66  MET A CE  1 
ATOM   9    N N   . ARG A 1 2   ? -10.402 -11.682 3.502   1.00 22.39 ? 67  ARG A N   1 
ATOM   10   C CA  . ARG A 1 2   ? -9.957  -12.805 4.278   1.00 22.60 ? 67  ARG A CA  1 
ATOM   11   C C   . ARG A 1 2   ? -8.432  -12.761 4.422   1.00 21.51 ? 67  ARG A C   1 
ATOM   12   O O   . ARG A 1 2   ? -7.707  -12.622 3.440   1.00 21.83 ? 67  ARG A O   1 
ATOM   13   C CB  . ARG A 1 2   ? -10.432 -14.109 3.649   1.00 22.33 ? 67  ARG A CB  1 
ATOM   14   C CG  . ARG A 1 2   ? -11.722 -14.626 4.270   1.00 24.30 ? 67  ARG A CG  1 
ATOM   15   C CD  . ARG A 1 2   ? -12.157 -15.977 3.700   1.00 24.99 ? 67  ARG A CD  1 
ATOM   16   N NE  . ARG A 1 2   ? -11.120 -17.000 3.810   1.00 30.00 ? 67  ARG A NE  1 
ATOM   17   C CZ  . ARG A 1 2   ? -11.150 -18.167 3.170   1.00 31.65 ? 67  ARG A CZ  1 
ATOM   18   N NH1 . ARG A 1 2   ? -12.178 -18.454 2.369   1.00 31.39 ? 67  ARG A NH1 1 
ATOM   19   N NH2 . ARG A 1 2   ? -10.150 -19.043 3.327   1.00 32.01 ? 67  ARG A NH2 1 
ATOM   20   N N   . ILE A 1 3   ? -7.955  -12.860 5.653   1.00 20.65 ? 68  ILE A N   1 
ATOM   21   C CA  . ILE A 1 3   ? -6.523  -12.769 5.936   1.00 19.97 ? 68  ILE A CA  1 
ATOM   22   C C   . ILE A 1 3   ? -5.710  -13.950 5.391   1.00 19.24 ? 68  ILE A C   1 
ATOM   23   O O   . ILE A 1 3   ? -4.690  -13.733 4.757   1.00 19.43 ? 68  ILE A O   1 
ATOM   24   C CB  . ILE A 1 3   ? -6.234  -12.486 7.435   1.00 19.76 ? 68  ILE A CB  1 
ATOM   25   C CG1 . ILE A 1 3   ? -7.097  -11.311 7.923   1.00 20.49 ? 68  ILE A CG1 1 
ATOM   26   C CG2 . ILE A 1 3   ? -4.751  -12.232 7.663   1.00 19.03 ? 68  ILE A CG2 1 
ATOM   27   C CD1 . ILE A 1 3   ? -6.888  -9.991  7.167   1.00 20.31 ? 68  ILE A CD1 1 
ATOM   28   N N   . ASP A 1 4   ? -6.164  -15.183 5.618   1.00 18.95 ? 69  ASP A N   1 
ATOM   29   C CA  . ASP A 1 4   ? -5.502  -16.382 5.049   1.00 18.56 ? 69  ASP A CA  1 
ATOM   30   C C   . ASP A 1 4   ? -5.345  -16.267 3.534   1.00 17.70 ? 69  ASP A C   1 
ATOM   31   O O   . ASP A 1 4   ? -4.312  -16.639 2.981   1.00 17.76 ? 69  ASP A O   1 
ATOM   32   C CB  . ASP A 1 4   ? -6.186  -17.717 5.459   1.00 18.80 ? 69  ASP A CB  1 
ATOM   33   C CG  . ASP A 1 4   ? -7.721  -17.713 5.288   1.00 19.79 ? 69  ASP A CG  1 
ATOM   34   O OD1 . ASP A 1 4   ? -8.349  -16.671 4.969   1.00 19.67 ? 69  ASP A OD1 1 
ATOM   35   O OD2 . ASP A 1 4   ? -8.318  -18.795 5.485   1.00 22.77 ? 69  ASP A OD2 1 
ATOM   36   N N   . LEU A 1 5   ? -6.355  -15.682 2.895   1.00 16.69 ? 70  LEU A N   1 
ATOM   37   C CA  . LEU A 1 5   ? -6.356  -15.457 1.468   1.00 16.00 ? 70  LEU A CA  1 
ATOM   38   C C   . LEU A 1 5   ? -5.473  -14.291 1.015   1.00 15.97 ? 70  LEU A C   1 
ATOM   39   O O   . LEU A 1 5   ? -4.875  -14.352 -0.059  1.00 16.09 ? 70  LEU A O   1 
ATOM   40   C CB  . LEU A 1 5   ? -7.791  -15.316 0.956   1.00 15.54 ? 70  LEU A CB  1 
ATOM   41   C CG  . LEU A 1 5   ? -8.599  -16.613 1.092   1.00 14.30 ? 70  LEU A CG  1 
ATOM   42   C CD1 . LEU A 1 5   ? -9.951  -16.443 0.475   1.00 13.62 ? 70  LEU A CD1 1 
ATOM   43   C CD2 . LEU A 1 5   ? -7.870  -17.808 0.463   1.00 12.96 ? 70  LEU A CD2 1 
ATOM   44   N N   . ALA A 1 6   ? -5.397  -13.238 1.828   1.00 16.00 ? 71  ALA A N   1 
ATOM   45   C CA  . ALA A 1 6   ? -4.522  -12.087 1.573   1.00 15.65 ? 71  ALA A CA  1 
ATOM   46   C C   . ALA A 1 6   ? -3.061  -12.523 1.600   1.00 15.74 ? 71  ALA A C   1 
ATOM   47   O O   . ALA A 1 6   ? -2.245  -12.043 0.811   1.00 15.79 ? 71  ALA A O   1 
ATOM   48   C CB  . ALA A 1 6   ? -4.785  -10.963 2.617   1.00 15.62 ? 71  ALA A CB  1 
ATOM   49   N N   . GLN A 1 7   ? -2.766  -13.432 2.529   1.00 15.72 ? 72  GLN A N   1 
ATOM   50   C CA  . GLN A 1 7   ? -1.470  -14.057 2.745   1.00 16.37 ? 72  GLN A CA  1 
ATOM   51   C C   . GLN A 1 7   ? -1.141  -14.942 1.546   1.00 16.35 ? 72  GLN A C   1 
ATOM   52   O O   . GLN A 1 7   ? -0.064  -14.815 0.958   1.00 16.65 ? 72  GLN A O   1 
ATOM   53   C CB  . GLN A 1 7   ? -1.583  -14.930 4.011   1.00 16.80 ? 72  GLN A CB  1 
ATOM   54   C CG  . GLN A 1 7   ? -0.495  -14.852 5.070   1.00 19.50 ? 72  GLN A CG  1 
ATOM   55   C CD  . GLN A 1 7   ? -1.093  -15.083 6.469   1.00 24.74 ? 72  GLN A CD  1 
ATOM   56   O OE1 . GLN A 1 7   ? -1.803  -16.083 6.697   1.00 24.64 ? 72  GLN A OE1 1 
ATOM   57   N NE2 . GLN A 1 7   ? -0.843  -14.132 7.407   1.00 24.17 ? 72  GLN A NE2 1 
ATOM   58   N N   . ALA A 1 8   ? -2.067  -15.837 1.180   1.00 16.26 ? 73  ALA A N   1 
ATOM   59   C CA  . ALA A 1 8   ? -1.917  -16.662 -0.019  1.00 16.60 ? 73  ALA A CA  1 
ATOM   60   C C   . ALA A 1 8   ? -1.508  -15.739 -1.156  1.00 17.01 ? 73  ALA A C   1 
ATOM   61   O O   . ALA A 1 8   ? -0.456  -15.930 -1.779  1.00 16.59 ? 73  ALA A O   1 
ATOM   62   C CB  . ALA A 1 8   ? -3.212  -17.371 -0.354  1.00 16.03 ? 73  ALA A CB  1 
ATOM   63   N N   . PHE A 1 9   ? -2.335  -14.707 -1.383  1.00 17.47 ? 74  PHE A N   1 
ATOM   64   C CA  . PHE A 1 9   ? -2.055  -13.697 -2.386  1.00 17.63 ? 74  PHE A CA  1 
ATOM   65   C C   . PHE A 1 9   ? -0.632  -13.129 -2.312  1.00 18.19 ? 74  PHE A C   1 
ATOM   66   O O   . PHE A 1 9   ? 0.056   -13.066 -3.333  1.00 18.27 ? 74  PHE A O   1 
ATOM   67   C CB  . PHE A 1 9   ? -3.086  -12.566 -2.367  1.00 17.09 ? 74  PHE A CB  1 
ATOM   68   C CG  . PHE A 1 9   ? -2.811  -11.512 -3.408  1.00 17.21 ? 74  PHE A CG  1 
ATOM   69   C CD1 . PHE A 1 9   ? -3.069  -11.768 -4.758  1.00 15.78 ? 74  PHE A CD1 1 
ATOM   70   C CD2 . PHE A 1 9   ? -2.236  -10.292 -3.054  1.00 17.10 ? 74  PHE A CD2 1 
ATOM   71   C CE1 . PHE A 1 9   ? -2.790  -10.822 -5.726  1.00 12.59 ? 74  PHE A CE1 1 
ATOM   72   C CE2 . PHE A 1 9   ? -1.940  -9.338  -4.024  1.00 17.33 ? 74  PHE A CE2 1 
ATOM   73   C CZ  . PHE A 1 9   ? -2.219  -9.613  -5.371  1.00 15.78 ? 74  PHE A CZ  1 
ATOM   74   N N   . ASN A 1 10  ? -0.213  -12.718 -1.110  1.00 18.97 ? 75  ASN A N   1 
ATOM   75   C CA  . ASN A 1 10  ? 1.075   -12.043 -0.899  1.00 19.89 ? 75  ASN A CA  1 
ATOM   76   C C   . ASN A 1 10  ? 2.269   -12.944 -1.168  1.00 20.85 ? 75  ASN A C   1 
ATOM   77   O O   . ASN A 1 10  ? 3.251   -12.513 -1.764  1.00 21.74 ? 75  ASN A O   1 
ATOM   78   C CB  . ASN A 1 10  ? 1.167   -11.410 0.496   1.00 18.92 ? 75  ASN A CB  1 
ATOM   79   C CG  . ASN A 1 10  ? 0.369   -10.114 0.604   1.00 19.17 ? 75  ASN A CG  1 
ATOM   80   O OD1 . ASN A 1 10  ? -0.069  -9.530  -0.406  1.00 17.50 ? 75  ASN A OD1 1 
ATOM   81   N ND2 . ASN A 1 10  ? 0.184   -9.648  1.835   1.00 18.56 ? 75  ASN A ND2 1 
ATOM   82   N N   . GLU A 1 11  ? 2.161   -14.195 -0.733  1.00 21.80 ? 76  GLU A N   1 
ATOM   83   C CA  . GLU A 1 11  ? 3.112   -15.256 -1.080  1.00 23.01 ? 76  GLU A CA  1 
ATOM   84   C C   . GLU A 1 11  ? 3.273   -15.493 -2.591  1.00 22.85 ? 76  GLU A C   1 
ATOM   85   O O   . GLU A 1 11  ? 4.335   -15.935 -3.031  1.00 22.00 ? 76  GLU A O   1 
ATOM   86   C CB  . GLU A 1 11  ? 2.714   -16.576 -0.394  1.00 22.17 ? 76  GLU A CB  1 
ATOM   87   C CG  . GLU A 1 11  ? 2.824   -16.525 1.128   1.00 24.66 ? 76  GLU A CG  1 
ATOM   88   C CD  . GLU A 1 11  ? 2.256   -17.759 1.814   1.00 24.94 ? 76  GLU A CD  1 
ATOM   89   O OE1 . GLU A 1 11  ? 2.271   -18.849 1.190   1.00 28.59 ? 76  GLU A OE1 1 
ATOM   90   O OE2 . GLU A 1 11  ? 1.781   -17.632 2.963   1.00 25.72 ? 76  GLU A OE2 1 
ATOM   91   N N   . SER A 1 12  ? 2.216   -15.214 -3.362  1.00 23.67 ? 77  SER A N   1 
ATOM   92   C CA  . SER A 1 12  ? 2.177   -15.517 -4.797  1.00 24.10 ? 77  SER A CA  1 
ATOM   93   C C   . SER A 1 12  ? 2.928   -14.481 -5.639  1.00 25.27 ? 77  SER A C   1 
ATOM   94   O O   . SER A 1 12  ? 3.153   -14.687 -6.823  1.00 25.14 ? 77  SER A O   1 
ATOM   95   C CB  . SER A 1 12  ? 0.721   -15.674 -5.283  1.00 23.96 ? 77  SER A CB  1 
ATOM   96   O OG  . SER A 1 12  ? 0.085   -14.438 -5.573  1.00 22.28 ? 77  SER A OG  1 
ATOM   97   N N   . LEU A 1 13  ? 3.311   -13.368 -5.027  1.00 26.88 ? 78  LEU A N   1 
ATOM   98   C CA  . LEU A 1 13  ? 4.020   -12.323 -5.744  1.00 28.86 ? 78  LEU A CA  1 
ATOM   99   C C   . LEU A 1 13  ? 5.522   -12.580 -5.648  1.00 31.55 ? 78  LEU A C   1 
ATOM   100  O O   . LEU A 1 13  ? 6.215   -12.684 -6.680  1.00 32.27 ? 78  LEU A O   1 
ATOM   101  C CB  . LEU A 1 13  ? 3.682   -10.926 -5.191  1.00 27.68 ? 78  LEU A CB  1 
ATOM   102  C CG  . LEU A 1 13  ? 2.231   -10.442 -5.075  1.00 26.22 ? 78  LEU A CG  1 
ATOM   103  C CD1 . LEU A 1 13  ? 2.178   -9.073  -4.428  1.00 23.38 ? 78  LEU A CD1 1 
ATOM   104  C CD2 . LEU A 1 13  ? 1.489   -10.432 -6.406  1.00 23.79 ? 78  LEU A CD2 1 
ATOM   105  N N   . ASN A 1 14  ? 5.994   -12.727 -4.407  1.00 34.26 ? 79  ASN A N   1 
ATOM   106  C CA  . ASN A 1 14  ? 7.423   -12.698 -4.063  1.00 36.80 ? 79  ASN A CA  1 
ATOM   107  C C   . ASN A 1 14  ? 8.352   -13.705 -4.785  1.00 38.09 ? 79  ASN A C   1 
ATOM   108  O O   . ASN A 1 14  ? 7.897   -14.735 -5.285  1.00 38.52 ? 79  ASN A O   1 
ATOM   109  C CB  . ASN A 1 14  ? 7.618   -12.697 -2.535  1.00 36.99 ? 79  ASN A CB  1 
ATOM   110  C CG  . ASN A 1 14  ? 7.011   -13.914 -1.855  1.00 37.41 ? 79  ASN A CG  1 
ATOM   111  O OD1 . ASN A 1 14  ? 7.266   -15.058 -2.250  1.00 39.18 ? 79  ASN A OD1 1 
ATOM   112  N ND2 . ASN A 1 14  ? 6.228   -13.672 -0.810  1.00 34.62 ? 79  ASN A ND2 1 
ATOM   113  N N   . ASN A 1 15  ? 9.648   -13.376 -4.805  1.00 39.85 ? 80  ASN A N   1 
ATOM   114  C CA  . ASN A 1 15  ? 10.654  -13.965 -5.718  1.00 40.98 ? 80  ASN A CA  1 
ATOM   115  C C   . ASN A 1 15  ? 10.590  -15.486 -5.930  1.00 41.99 ? 80  ASN A C   1 
ATOM   116  O O   . ASN A 1 15  ? 10.358  -15.943 -7.059  1.00 42.29 ? 80  ASN A O   1 
ATOM   117  C CB  . ASN A 1 15  ? 12.085  -13.504 -5.344  1.00 40.79 ? 80  ASN A CB  1 
ATOM   118  C CG  . ASN A 1 15  ? 12.245  -11.975 -5.368  1.00 40.55 ? 80  ASN A CG  1 
ATOM   119  O OD1 . ASN A 1 15  ? 11.257  -11.235 -5.369  1.00 41.96 ? 80  ASN A OD1 1 
ATOM   120  N ND2 . ASN A 1 15  ? 13.492  -11.501 -5.381  1.00 38.62 ? 80  ASN A ND2 1 
ATOM   121  N N   . VAL A 1 16  ? 10.787  -16.268 -4.869  1.00 42.82 ? 81  VAL A N   1 
ATOM   122  C CA  . VAL A 1 16  ? 10.733  -17.729 -5.013  1.00 43.74 ? 81  VAL A CA  1 
ATOM   123  C C   . VAL A 1 16  ? 9.332   -18.296 -4.695  1.00 44.30 ? 81  VAL A C   1 
ATOM   124  O O   . VAL A 1 16  ? 8.835   -18.182 -3.574  1.00 44.44 ? 81  VAL A O   1 
ATOM   125  C CB  . VAL A 1 16  ? 11.882  -18.448 -4.233  1.00 43.80 ? 81  VAL A CB  1 
ATOM   126  C CG1 . VAL A 1 16  ? 11.902  -19.948 -4.548  1.00 43.47 ? 81  VAL A CG1 1 
ATOM   127  C CG2 . VAL A 1 16  ? 13.246  -17.810 -4.572  1.00 43.58 ? 81  VAL A CG2 1 
ATOM   128  N N   . VAL A 1 17  ? 8.716   -18.899 -5.711  1.00 45.15 ? 82  VAL A N   1 
ATOM   129  C CA  . VAL A 1 17  ? 7.350   -19.441 -5.649  1.00 45.92 ? 82  VAL A CA  1 
ATOM   130  C C   . VAL A 1 17  ? 7.361   -20.949 -5.978  1.00 46.38 ? 82  VAL A C   1 
ATOM   131  O O   . VAL A 1 17  ? 7.920   -21.360 -7.001  1.00 46.77 ? 82  VAL A O   1 
ATOM   132  C CB  . VAL A 1 17  ? 6.407   -18.646 -6.614  1.00 46.06 ? 82  VAL A CB  1 
ATOM   133  C CG1 . VAL A 1 17  ? 5.137   -19.442 -6.985  1.00 46.60 ? 82  VAL A CG1 1 
ATOM   134  C CG2 . VAL A 1 17  ? 6.050   -17.295 -6.017  1.00 45.12 ? 82  VAL A CG2 1 
ATOM   135  N N   . SER A 1 18  ? 6.744   -21.766 -5.120  1.00 46.64 ? 83  SER A N   1 
ATOM   136  C CA  . SER A 1 18  ? 6.832   -23.230 -5.237  1.00 46.66 ? 83  SER A CA  1 
ATOM   137  C C   . SER A 1 18  ? 5.882   -23.870 -6.274  1.00 46.59 ? 83  SER A C   1 
ATOM   138  O O   . SER A 1 18  ? 4.680   -23.555 -6.318  1.00 46.31 ? 83  SER A O   1 
ATOM   139  C CB  . SER A 1 18  ? 6.673   -23.893 -3.858  1.00 47.01 ? 83  SER A CB  1 
ATOM   140  O OG  . SER A 1 18  ? 7.764   -23.571 -3.000  1.00 47.28 ? 83  SER A OG  1 
ATOM   141  N N   . GLU A 1 19  ? 6.431   -24.816 -7.044  1.00 46.37 ? 84  GLU A N   1 
ATOM   142  C CA  . GLU A 1 19  ? 5.749   -25.505 -8.131  1.00 46.29 ? 84  GLU A CA  1 
ATOM   143  C C   . GLU A 1 19  ? 4.716   -26.580 -7.820  1.00 45.70 ? 84  GLU A C   1 
ATOM   144  O O   . GLU A 1 19  ? 4.028   -26.999 -8.727  1.00 46.04 ? 84  GLU A O   1 
ATOM   145  C CB  . GLU A 1 19  ? 6.718   -26.324 -8.985  1.00 46.34 ? 84  GLU A CB  1 
ATOM   146  C CG  . GLU A 1 19  ? 7.850   -26.966 -8.253  1.00 46.73 ? 84  GLU A CG  1 
ATOM   147  C CD  . GLU A 1 19  ? 8.900   -27.482 -9.171  1.00 46.97 ? 84  GLU A CD  1 
ATOM   148  O OE1 . GLU A 1 19  ? 8.550   -27.872 -10.269 1.00 48.81 ? 84  GLU A OE1 1 
ATOM   149  O OE2 . GLU A 1 19  ? 10.073  -27.504 -8.801  1.00 46.87 ? 84  GLU A OE2 1 
ATOM   150  N N   . ASP A 1 20  ? 4.686   -27.024 -6.558  1.00 44.56 ? 85  ASP A N   1 
ATOM   151  C CA  . ASP A 1 20  ? 3.676   -27.829 -5.838  1.00 43.16 ? 85  ASP A CA  1 
ATOM   152  C C   . ASP A 1 20  ? 2.205   -27.563 -6.097  1.00 42.08 ? 85  ASP A C   1 
ATOM   153  O O   . ASP A 1 20  ? 1.796   -26.453 -6.154  1.00 41.82 ? 85  ASP A O   1 
ATOM   154  C CB  . ASP A 1 20  ? 4.016   -27.533 -4.370  1.00 43.46 ? 85  ASP A CB  1 
ATOM   155  C CG  . ASP A 1 20  ? 3.098   -28.177 -3.374  1.00 43.70 ? 85  ASP A CG  1 
ATOM   156  O OD1 . ASP A 1 20  ? 2.991   -29.381 -3.352  1.00 45.38 ? 85  ASP A OD1 1 
ATOM   157  O OD2 . ASP A 1 20  ? 2.556   -27.490 -2.518  1.00 43.27 ? 85  ASP A OD2 1 
ATOM   158  N N   . PRO A 1 21  ? 1.416   -28.624 -6.202  1.00 41.03 ? 86  PRO A N   1 
ATOM   159  C CA  . PRO A 1 21  ? 0.000   -28.513 -6.510  1.00 39.87 ? 86  PRO A CA  1 
ATOM   160  C C   . PRO A 1 21  ? -0.880  -27.883 -5.426  1.00 38.83 ? 86  PRO A C   1 
ATOM   161  O O   . PRO A 1 21  ? -1.857  -27.264 -5.726  1.00 37.93 ? 86  PRO A O   1 
ATOM   162  C CB  . PRO A 1 21  ? -0.409  -29.974 -6.758  1.00 39.66 ? 86  PRO A CB  1 
ATOM   163  C CG  . PRO A 1 21  ? 0.715   -30.779 -6.575  1.00 39.89 ? 86  PRO A CG  1 
ATOM   164  C CD  . PRO A 1 21  ? 1.752   -30.022 -5.889  1.00 41.16 ? 86  PRO A CD  1 
ATOM   165  N N   . TYR A 1 22  ? -0.514  -28.068 -4.179  1.00 38.05 ? 87  TYR A N   1 
ATOM   166  C CA  . TYR A 1 22  ? -1.218  -27.445 -3.107  1.00 37.10 ? 87  TYR A CA  1 
ATOM   167  C C   . TYR A 1 22  ? -0.952  -25.970 -3.072  1.00 36.07 ? 87  TYR A C   1 
ATOM   168  O O   . TYR A 1 22  ? -1.840  -25.197 -2.854  1.00 35.95 ? 87  TYR A O   1 
ATOM   169  C CB  . TYR A 1 22  ? -0.846  -28.048 -1.781  1.00 37.18 ? 87  TYR A CB  1 
ATOM   170  C CG  . TYR A 1 22  ? -1.358  -27.199 -0.720  1.00 37.81 ? 87  TYR A CG  1 
ATOM   171  C CD1 . TYR A 1 22  ? -2.681  -27.156 -0.420  1.00 39.13 ? 87  TYR A CD1 1 
ATOM   172  C CD2 . TYR A 1 22  ? -0.539  -26.369 -0.052  1.00 38.80 ? 87  TYR A CD2 1 
ATOM   173  C CE1 . TYR A 1 22  ? -3.138  -26.344 0.540   1.00 38.57 ? 87  TYR A CE1 1 
ATOM   174  C CE2 . TYR A 1 22  ? -0.995  -25.584 0.901   1.00 38.97 ? 87  TYR A CE2 1 
ATOM   175  C CZ  . TYR A 1 22  ? -2.293  -25.565 1.189   1.00 38.32 ? 87  TYR A CZ  1 
ATOM   176  O OH  . TYR A 1 22  ? -2.736  -24.734 2.154   1.00 39.27 ? 87  TYR A OH  1 
ATOM   177  N N   . THR A 1 23  ? 0.294   -25.613 -3.298  1.00 34.88 ? 88  THR A N   1 
ATOM   178  C CA  . THR A 1 23  ? 0.733   -24.216 -3.272  1.00 33.73 ? 88  THR A CA  1 
ATOM   179  C C   . THR A 1 23  ? 0.156   -23.417 -4.433  1.00 32.72 ? 88  THR A C   1 
ATOM   180  O O   . THR A 1 23  ? -0.154  -22.231 -4.287  1.00 32.18 ? 88  THR A O   1 
ATOM   181  C CB  . THR A 1 23  ? 2.272   -24.086 -3.322  1.00 33.99 ? 88  THR A CB  1 
ATOM   182  O OG1 . THR A 1 23  ? 2.869   -24.974 -2.367  1.00 35.04 ? 88  THR A OG1 1 
ATOM   183  C CG2 . THR A 1 23  ? 2.699   -22.641 -3.013  1.00 33.79 ? 88  THR A CG2 1 
ATOM   184  N N   . LYS A 1 24  ? 0.036   -24.074 -5.583  1.00 31.65 ? 89  LYS A N   1 
ATOM   185  C CA  . LYS A 1 24  ? -0.484  -23.445 -6.782  1.00 30.87 ? 89  LYS A CA  1 
ATOM   186  C C   . LYS A 1 24  ? -1.956  -23.117 -6.535  1.00 29.86 ? 89  LYS A C   1 
ATOM   187  O O   . LYS A 1 24  ? -2.390  -21.992 -6.774  1.00 29.72 ? 89  LYS A O   1 
ATOM   188  C CB  . LYS A 1 24  ? -0.268  -24.364 -7.993  1.00 31.13 ? 89  LYS A CB  1 
ATOM   189  C CG  . LYS A 1 24  ? -0.889  -23.914 -9.316  1.00 32.52 ? 89  LYS A CG  1 
ATOM   190  C CD  . LYS A 1 24  ? -1.338  -25.143 -10.105 1.00 34.89 ? 89  LYS A CD  1 
ATOM   191  C CE  . LYS A 1 24  ? -2.169  -24.788 -11.330 1.00 36.19 ? 89  LYS A CE  1 
ATOM   192  N NZ  . LYS A 1 24  ? -1.303  -24.573 -12.530 1.00 36.98 ? 89  LYS A NZ  1 
ATOM   193  N N   . SER A 1 25  ? -2.700  -24.085 -6.007  1.00 28.92 ? 90  SER A N   1 
ATOM   194  C CA  . SER A 1 25  ? -4.114  -23.887 -5.692  1.00 28.55 ? 90  SER A CA  1 
ATOM   195  C C   . SER A 1 25  ? -4.365  -22.793 -4.618  1.00 27.95 ? 90  SER A C   1 
ATOM   196  O O   . SER A 1 25  ? -5.360  -22.055 -4.715  1.00 27.97 ? 90  SER A O   1 
ATOM   197  C CB  . SER A 1 25  ? -4.791  -25.230 -5.347  1.00 28.78 ? 90  SER A CB  1 
ATOM   198  O OG  . SER A 1 25  ? -4.910  -25.407 -3.907  1.00 29.02 ? 90  SER A OG  1 
ATOM   199  N N   . ARG A 1 26  ? -3.461  -22.685 -3.633  1.00 27.29 ? 91  ARG A N   1 
ATOM   200  C CA  A ARG A 1 26  ? -3.489  -21.636 -2.601  0.50 26.81 ? 91  ARG A CA  1 
ATOM   201  C CA  B ARG A 1 26  ? -3.558  -21.631 -2.621  0.50 26.70 ? 91  ARG A CA  1 
ATOM   202  C C   . ARG A 1 26  ? -3.213  -20.244 -3.178  1.00 26.64 ? 91  ARG A C   1 
ATOM   203  O O   . ARG A 1 26  ? -3.818  -19.250 -2.766  1.00 26.90 ? 91  ARG A O   1 
ATOM   204  C CB  A ARG A 1 26  ? -2.466  -21.941 -1.495  0.50 26.77 ? 91  ARG A CB  1 
ATOM   205  C CB  B ARG A 1 26  ? -2.705  -21.948 -1.392  0.50 26.71 ? 91  ARG A CB  1 
ATOM   206  C CG  A ARG A 1 26  ? -2.175  -20.760 -0.550  0.50 26.81 ? 91  ARG A CG  1 
ATOM   207  C CG  B ARG A 1 26  ? -2.988  -21.042 -0.183  0.50 26.50 ? 91  ARG A CG  1 
ATOM   208  C CD  A ARG A 1 26  ? -1.471  -21.175 0.752   0.50 26.72 ? 91  ARG A CD  1 
ATOM   209  C CD  B ARG A 1 26  ? -2.432  -21.637 1.113   0.50 26.31 ? 91  ARG A CD  1 
ATOM   210  N NE  A ARG A 1 26  ? -1.398  -20.090 1.741   0.50 25.73 ? 91  ARG A NE  1 
ATOM   211  N NE  B ARG A 1 26  ? -1.920  -20.636 2.054   0.50 23.82 ? 91  ARG A NE  1 
ATOM   212  C CZ  A ARG A 1 26  ? -2.407  -19.691 2.521   0.50 25.11 ? 91  ARG A CZ  1 
ATOM   213  C CZ  B ARG A 1 26  ? -0.677  -20.156 2.046   0.50 22.36 ? 91  ARG A CZ  1 
ATOM   214  N NH1 A ARG A 1 26  ? -3.600  -20.274 2.433   0.50 24.59 ? 91  ARG A NH1 1 
ATOM   215  N NH1 B ARG A 1 26  ? 0.194   -20.569 1.135   0.50 21.20 ? 91  ARG A NH1 1 
ATOM   216  N NH2 A ARG A 1 26  ? -2.227  -18.698 3.388   0.50 23.75 ? 91  ARG A NH2 1 
ATOM   217  N NH2 B ARG A 1 26  ? -0.305  -19.256 2.947   0.50 20.99 ? 91  ARG A NH2 1 
ATOM   218  N N   . HIS A 1 27  ? -2.269  -20.165 -4.114  1.00 25.56 ? 92  HIS A N   1 
ATOM   219  C CA  . HIS A 1 27  ? -1.941  -18.879 -4.717  1.00 24.45 ? 92  HIS A CA  1 
ATOM   220  C C   . HIS A 1 27  ? -3.088  -18.390 -5.573  1.00 23.96 ? 92  HIS A C   1 
ATOM   221  O O   . HIS A 1 27  ? -3.383  -17.189 -5.597  1.00 23.71 ? 92  HIS A O   1 
ATOM   222  C CB  . HIS A 1 27  ? -0.654  -18.944 -5.537  1.00 24.26 ? 92  HIS A CB  1 
ATOM   223  C CG  . HIS A 1 27  ? 0.583   -19.079 -4.699  1.00 25.18 ? 92  HIS A CG  1 
ATOM   224  N ND1 . HIS A 1 27  ? 1.830   -19.321 -5.244  1.00 24.48 ? 92  HIS A ND1 1 
ATOM   225  C CD2 . HIS A 1 27  ? 0.759   -19.032 -3.353  1.00 22.59 ? 92  HIS A CD2 1 
ATOM   226  C CE1 . HIS A 1 27  ? 2.719   -19.402 -4.269  1.00 24.46 ? 92  HIS A CE1 1 
ATOM   227  N NE2 . HIS A 1 27  ? 2.094   -19.239 -3.114  1.00 23.75 ? 92  HIS A NE2 1 
ATOM   228  N N   . GLU A 1 28  ? -3.726  -19.332 -6.266  1.00 23.14 ? 93  GLU A N   1 
ATOM   229  C CA  . GLU A 1 28  ? -4.861  -19.052 -7.142  1.00 23.48 ? 93  GLU A CA  1 
ATOM   230  C C   . GLU A 1 28  ? -6.031  -18.501 -6.343  1.00 21.89 ? 93  GLU A C   1 
ATOM   231  O O   . GLU A 1 28  ? -6.643  -17.516 -6.740  1.00 22.27 ? 93  GLU A O   1 
ATOM   232  C CB  . GLU A 1 28  ? -5.297  -20.325 -7.894  1.00 23.30 ? 93  GLU A CB  1 
ATOM   233  C CG  . GLU A 1 28  ? -4.487  -20.650 -9.136  1.00 25.09 ? 93  GLU A CG  1 
ATOM   234  C CD  . GLU A 1 28  ? -5.105  -21.817 -9.933  1.00 27.25 ? 93  GLU A CD  1 
ATOM   235  O OE1 . GLU A 1 28  ? -4.330  -22.621 -10.532 1.00 29.63 ? 93  GLU A OE1 1 
ATOM   236  O OE2 . GLU A 1 28  ? -6.370  -21.926 -9.949  1.00 31.30 ? 93  GLU A OE2 1 
ATOM   237  N N   . ALA A 1 29  ? -6.323  -19.165 -5.222  1.00 20.56 ? 94  ALA A N   1 
ATOM   238  C CA  . ALA A 1 29  ? -7.376  -18.813 -4.307  1.00 19.10 ? 94  ALA A CA  1 
ATOM   239  C C   . ALA A 1 29  ? -7.181  -17.408 -3.768  1.00 18.46 ? 94  ALA A C   1 
ATOM   240  O O   . ALA A 1 29  ? -8.135  -16.632 -3.679  1.00 18.06 ? 94  ALA A O   1 
ATOM   241  C CB  . ALA A 1 29  ? -7.401  -19.818 -3.155  1.00 19.53 ? 94  ALA A CB  1 
ATOM   242  N N   . GLY A 1 30  ? -5.943  -17.101 -3.382  1.00 17.70 ? 95  GLY A N   1 
ATOM   243  C CA  . GLY A 1 30  ? -5.548  -15.754 -3.010  1.00 17.15 ? 95  GLY A CA  1 
ATOM   244  C C   . GLY A 1 30  ? -5.805  -14.728 -4.106  1.00 17.09 ? 95  GLY A C   1 
ATOM   245  O O   . GLY A 1 30  ? -6.258  -13.611 -3.822  1.00 17.16 ? 95  GLY A O   1 
ATOM   246  N N   . ARG A 1 31  ? -5.524  -15.117 -5.356  1.00 16.82 ? 96  ARG A N   1 
ATOM   247  C CA  . ARG A 1 31  ? -5.724  -14.265 -6.536  1.00 16.18 ? 96  ARG A CA  1 
ATOM   248  C C   . ARG A 1 31  ? -7.193  -14.013 -6.824  1.00 16.30 ? 96  ARG A C   1 
ATOM   249  O O   . ARG A 1 31  ? -7.569  -12.894 -7.193  1.00 16.15 ? 96  ARG A O   1 
ATOM   250  C CB  . ARG A 1 31  ? -5.013  -14.843 -7.757  1.00 16.14 ? 96  ARG A CB  1 
ATOM   251  C CG  . ARG A 1 31  ? -3.599  -14.324 -7.918  1.00 16.23 ? 96  ARG A CG  1 
ATOM   252  C CD  . ARG A 1 31  ? -2.665  -15.296 -8.585  1.00 17.34 ? 96  ARG A CD  1 
ATOM   253  N NE  . ARG A 1 31  ? -1.314  -14.948 -8.153  1.00 23.33 ? 96  ARG A NE  1 
ATOM   254  C CZ  . ARG A 1 31  ? -0.368  -14.366 -8.897  1.00 23.79 ? 96  ARG A CZ  1 
ATOM   255  N NH1 . ARG A 1 31  ? -0.568  -14.077 -10.179 1.00 24.05 ? 96  ARG A NH1 1 
ATOM   256  N NH2 . ARG A 1 31  ? 0.804   -14.086 -8.344  1.00 23.78 ? 96  ARG A NH2 1 
ATOM   257  N N   . VAL A 1 32  ? -8.020  -15.049 -6.632  1.00 16.58 ? 97  VAL A N   1 
ATOM   258  C CA  . VAL A 1 32  ? -9.492  -14.929 -6.723  1.00 16.18 ? 97  VAL A CA  1 
ATOM   259  C C   . VAL A 1 32  ? -10.055 -13.975 -5.639  1.00 16.32 ? 97  VAL A C   1 
ATOM   260  O O   . VAL A 1 32  ? -10.948 -13.161 -5.912  1.00 16.99 ? 97  VAL A O   1 
ATOM   261  C CB  . VAL A 1 32  ? -10.184 -16.346 -6.759  1.00 16.52 ? 97  VAL A CB  1 
ATOM   262  C CG1 . VAL A 1 32  ? -11.710 -16.267 -6.609  1.00 14.74 ? 97  VAL A CG1 1 
ATOM   263  C CG2 . VAL A 1 32  ? -9.812  -17.099 -8.052  1.00 14.96 ? 97  VAL A CG2 1 
ATOM   264  N N   . GLU A 1 33  ? -9.503  -14.030 -4.431  1.00 15.97 ? 98  GLU A N   1 
ATOM   265  C CA  . GLU A 1 33  ? -9.901  -13.083 -3.380  1.00 15.50 ? 98  GLU A CA  1 
ATOM   266  C C   . GLU A 1 33  ? -9.583  -11.612 -3.733  1.00 14.75 ? 98  GLU A C   1 
ATOM   267  O O   . GLU A 1 33  ? -10.421 -10.726 -3.526  1.00 15.06 ? 98  GLU A O   1 
ATOM   268  C CB  . GLU A 1 33  ? -9.291  -13.486 -2.024  1.00 15.91 ? 98  GLU A CB  1 
ATOM   269  C CG  . GLU A 1 33  ? -9.616  -12.557 -0.809  1.00 16.49 ? 98  GLU A CG  1 
ATOM   270  C CD  . GLU A 1 33  ? -11.082 -12.539 -0.416  1.00 17.56 ? 98  GLU A CD  1 
ATOM   271  O OE1 . GLU A 1 33  ? -11.896 -13.275 -1.013  1.00 20.36 ? 98  GLU A OE1 1 
ATOM   272  O OE2 . GLU A 1 33  ? -11.431 -11.778 0.505   1.00 18.29 ? 98  GLU A OE2 1 
ATOM   273  N N   . TYR A 1 34  ? -8.389  -11.344 -4.264  1.00 13.59 ? 99  TYR A N   1 
ATOM   274  C CA  . TYR A 1 34  ? -8.022  -9.959  -4.599  1.00 12.43 ? 99  TYR A CA  1 
ATOM   275  C C   . TYR A 1 34  ? -8.867  -9.405  -5.752  1.00 12.55 ? 99  TYR A C   1 
ATOM   276  O O   . TYR A 1 34  ? -9.351  -8.259  -5.673  1.00 12.86 ? 99  TYR A O   1 
ATOM   277  C CB  . TYR A 1 34  ? -6.508  -9.786  -4.826  1.00 11.15 ? 99  TYR A CB  1 
ATOM   278  C CG  . TYR A 1 34  ? -6.115  -8.345  -5.074  1.00 9.37  ? 99  TYR A CG  1 
ATOM   279  C CD1 . TYR A 1 34  ? -6.422  -7.349  -4.151  1.00 6.70  ? 99  TYR A CD1 1 
ATOM   280  C CD2 . TYR A 1 34  ? -5.453  -7.972  -6.249  1.00 8.72  ? 99  TYR A CD2 1 
ATOM   281  C CE1 . TYR A 1 34  ? -6.095  -6.016  -4.396  1.00 7.02  ? 99  TYR A CE1 1 
ATOM   282  C CE2 . TYR A 1 34  ? -5.105  -6.647  -6.495  1.00 7.81  ? 99  TYR A CE2 1 
ATOM   283  C CZ  . TYR A 1 34  ? -5.432  -5.671  -5.565  1.00 8.13  ? 99  TYR A CZ  1 
ATOM   284  O OH  . TYR A 1 34  ? -5.087  -4.360  -5.810  1.00 7.61  ? 99  TYR A OH  1 
ATOM   285  N N   . ALA A 1 35  ? -9.091  -10.236 -6.778  1.00 12.17 ? 100 ALA A N   1 
ATOM   286  C CA  . ALA A 1 35  ? -10.042 -9.915  -7.860  1.00 12.33 ? 100 ALA A CA  1 
ATOM   287  C C   . ALA A 1 35  ? -11.472 -9.561  -7.400  1.00 12.35 ? 100 ALA A C   1 
ATOM   288  O O   . ALA A 1 35  ? -12.091 -8.662  -7.942  1.00 12.43 ? 100 ALA A O   1 
ATOM   289  C CB  . ALA A 1 35  ? -10.065 -11.044 -8.916  1.00 11.98 ? 100 ALA A CB  1 
ATOM   290  N N   . ARG A 1 36  ? -11.994 -10.294 -6.422  1.00 13.23 ? 101 ARG A N   1 
ATOM   291  C CA  . ARG A 1 36  ? -13.289 -10.021 -5.816  1.00 14.14 ? 101 ARG A CA  1 
ATOM   292  C C   . ARG A 1 36  ? -13.300 -8.680  -5.056  1.00 14.85 ? 101 ARG A C   1 
ATOM   293  O O   . ARG A 1 36  ? -14.241 -7.900  -5.176  1.00 15.40 ? 101 ARG A O   1 
ATOM   294  C CB  . ARG A 1 36  ? -13.660 -11.158 -4.862  1.00 14.37 ? 101 ARG A CB  1 
ATOM   295  C CG  . ARG A 1 36  ? -15.027 -10.991 -4.218  1.00 15.67 ? 101 ARG A CG  1 
ATOM   296  C CD  . ARG A 1 36  ? -15.212 -11.843 -2.964  1.00 16.86 ? 101 ARG A CD  1 
ATOM   297  N NE  . ARG A 1 36  ? -14.226 -11.491 -1.950  1.00 18.34 ? 101 ARG A NE  1 
ATOM   298  C CZ  . ARG A 1 36  ? -14.302 -10.408 -1.168  1.00 19.79 ? 101 ARG A CZ  1 
ATOM   299  N NH1 . ARG A 1 36  ? -15.326 -9.555  -1.274  1.00 18.45 ? 101 ARG A NH1 1 
ATOM   300  N NH2 . ARG A 1 36  ? -13.350 -10.174 -0.271  1.00 17.03 ? 101 ARG A NH2 1 
ATOM   301  N N   . MET A 1 37  ? -12.268 -8.424  -4.259  1.00 15.36 ? 102 MET A N   1 
ATOM   302  C CA  . MET A 1 37  ? -12.085 -7.115  -3.655  1.00 16.08 ? 102 MET A CA  1 
ATOM   303  C C   . MET A 1 37  ? -12.020 -6.021  -4.731  1.00 16.35 ? 102 MET A C   1 
ATOM   304  O O   . MET A 1 37  ? -12.616 -4.940  -4.588  1.00 15.66 ? 102 MET A O   1 
ATOM   305  C CB  . MET A 1 37  ? -10.790 -7.095  -2.857  1.00 16.11 ? 102 MET A CB  1 
ATOM   306  C CG  . MET A 1 37  ? -10.800 -7.882  -1.575  1.00 17.13 ? 102 MET A CG  1 
ATOM   307  S SD  . MET A 1 37  ? -9.187  -7.793  -0.767  1.00 17.31 ? 102 MET A SD  1 
ATOM   308  C CE  . MET A 1 37  ? -8.558  -9.433  -1.018  1.00 19.01 ? 102 MET A CE  1 
ATOM   309  N N   . LEU A 1 38  ? -11.275 -6.294  -5.803  1.00 17.03 ? 103 LEU A N   1 
ATOM   310  C CA  . LEU A 1 38  ? -11.160 -5.331  -6.904  1.00 17.64 ? 103 LEU A CA  1 
ATOM   311  C C   . LEU A 1 38  ? -12.530 -5.087  -7.551  1.00 18.36 ? 103 LEU A C   1 
ATOM   312  O O   . LEU A 1 38  ? -12.904 -3.954  -7.838  1.00 18.01 ? 103 LEU A O   1 
ATOM   313  C CB  . LEU A 1 38  ? -10.155 -5.806  -7.957  1.00 16.91 ? 103 LEU A CB  1 
ATOM   314  C CG  . LEU A 1 38  ? -8.670  -5.587  -7.747  1.00 15.41 ? 103 LEU A CG  1 
ATOM   315  C CD1 . LEU A 1 38  ? -7.892  -6.263  -8.857  1.00 11.83 ? 103 LEU A CD1 1 
ATOM   316  C CD2 . LEU A 1 38  ? -8.400  -4.102  -7.722  1.00 12.90 ? 103 LEU A CD2 1 
ATOM   317  N N   . GLU A 1 39  ? -13.282 -6.155  -7.755  1.00 19.14 ? 104 GLU A N   1 
ATOM   318  C CA  . GLU A 1 39  ? -14.574 -6.038  -8.417  1.00 20.99 ? 104 GLU A CA  1 
ATOM   319  C C   . GLU A 1 39  ? -15.495 -5.148  -7.579  1.00 20.43 ? 104 GLU A C   1 
ATOM   320  O O   . GLU A 1 39  ? -16.339 -4.428  -8.108  1.00 21.33 ? 104 GLU A O   1 
ATOM   321  C CB  . GLU A 1 39  ? -15.148 -7.438  -8.621  1.00 20.47 ? 104 GLU A CB  1 
ATOM   322  C CG  . GLU A 1 39  ? -16.457 -7.563  -9.367  1.00 22.79 ? 104 GLU A CG  1 
ATOM   323  C CD  . GLU A 1 39  ? -16.939 -9.043  -9.378  1.00 24.31 ? 104 GLU A CD  1 
ATOM   324  O OE1 . GLU A 1 39  ? -16.205 -9.929  -8.844  1.00 25.56 ? 104 GLU A OE1 1 
ATOM   325  O OE2 . GLU A 1 39  ? -18.047 -9.322  -9.911  1.00 27.93 ? 104 GLU A OE2 1 
ATOM   326  N N   . LEU A 1 40  ? -15.303 -5.160  -6.269  1.00 19.95 ? 105 LEU A N   1 
ATOM   327  C CA  . LEU A 1 40  ? -16.216 -4.450  -5.380  1.00 19.23 ? 105 LEU A CA  1 
ATOM   328  C C   . LEU A 1 40  ? -15.692 -3.163  -4.778  1.00 18.44 ? 105 LEU A C   1 
ATOM   329  O O   . LEU A 1 40  ? -16.354 -2.621  -3.890  1.00 18.48 ? 105 LEU A O   1 
ATOM   330  C CB  . LEU A 1 40  ? -16.673 -5.373  -4.243  1.00 19.57 ? 105 LEU A CB  1 
ATOM   331  C CG  . LEU A 1 40  ? -17.593 -6.514  -4.644  1.00 19.92 ? 105 LEU A CG  1 
ATOM   332  C CD1 . LEU A 1 40  ? -17.333 -7.664  -3.732  1.00 21.25 ? 105 LEU A CD1 1 
ATOM   333  C CD2 . LEU A 1 40  ? -19.027 -6.056  -4.564  1.00 20.28 ? 105 LEU A CD2 1 
ATOM   334  N N   . HIS A 1 41  ? -14.539 -2.669  -5.248  1.00 17.55 ? 106 HIS A N   1 
ATOM   335  C CA  . HIS A 1 41  ? -13.875 -1.480  -4.664  1.00 17.54 ? 106 HIS A CA  1 
ATOM   336  C C   . HIS A 1 41  ? -13.862 -1.554  -3.147  1.00 17.27 ? 106 HIS A C   1 
ATOM   337  O O   . HIS A 1 41  ? -14.097 -0.540  -2.450  1.00 17.72 ? 106 HIS A O   1 
ATOM   338  C CB  . HIS A 1 41  ? -14.544 -0.178  -5.108  1.00 17.33 ? 106 HIS A CB  1 
ATOM   339  C CG  . HIS A 1 41  ? -14.862 -0.153  -6.559  1.00 18.52 ? 106 HIS A CG  1 
ATOM   340  N ND1 . HIS A 1 41  ? -16.145 -0.286  -7.038  1.00 19.50 ? 106 HIS A ND1 1 
ATOM   341  C CD2 . HIS A 1 41  ? -14.060 -0.077  -7.643  1.00 19.58 ? 106 HIS A CD2 1 
ATOM   342  C CE1 . HIS A 1 41  ? -16.121 -0.277  -8.357  1.00 20.06 ? 106 HIS A CE1 1 
ATOM   343  N NE2 . HIS A 1 41  ? -14.869 -0.137  -8.748  1.00 20.97 ? 106 HIS A NE2 1 
ATOM   344  N N   . GLU A 1 42  ? -13.609 -2.766  -2.652  1.00 16.52 ? 107 GLU A N   1 
ATOM   345  C CA  . GLU A 1 42  ? -13.811 -3.087  -1.258  1.00 16.45 ? 107 GLU A CA  1 
ATOM   346  C C   . GLU A 1 42  ? -12.886 -2.327  -0.342  1.00 16.04 ? 107 GLU A C   1 
ATOM   347  O O   . GLU A 1 42  ? -11.684 -2.252  -0.595  1.00 15.62 ? 107 GLU A O   1 
ATOM   348  C CB  . GLU A 1 42  ? -13.637 -4.586  -1.031  1.00 16.64 ? 107 GLU A CB  1 
ATOM   349  C CG  . GLU A 1 42  ? -13.910 -5.009  0.402   1.00 18.30 ? 107 GLU A CG  1 
ATOM   350  C CD  . GLU A 1 42  ? -14.095 -6.479  0.535   1.00 21.00 ? 107 GLU A CD  1 
ATOM   351  O OE1 . GLU A 1 42  ? -13.181 -7.126  1.096   1.00 21.76 ? 107 GLU A OE1 1 
ATOM   352  O OE2 . GLU A 1 42  ? -15.135 -6.985  0.050   1.00 23.23 ? 107 GLU A OE2 1 
ATOM   353  N N   . LYS A 1 43  ? -13.456 -1.781  0.733   1.00 16.44 ? 108 LYS A N   1 
ATOM   354  C CA  . LYS A 1 43  ? -12.680 -1.056  1.752   1.00 16.21 ? 108 LYS A CA  1 
ATOM   355  C C   . LYS A 1 43  ? -11.737 -2.002  2.513   1.00 16.44 ? 108 LYS A C   1 
ATOM   356  O O   . LYS A 1 43  ? -12.151 -3.052  2.990   1.00 16.76 ? 108 LYS A O   1 
ATOM   357  C CB  . LYS A 1 43  ? -13.620 -0.307  2.704   1.00 15.64 ? 108 LYS A CB  1 
ATOM   358  C CG  . LYS A 1 43  ? -12.939 0.725   3.544   1.00 14.68 ? 108 LYS A CG  1 
ATOM   359  C CD  . LYS A 1 43  ? -13.846 1.194   4.654   1.00 16.11 ? 108 LYS A CD  1 
ATOM   360  C CE  . LYS A 1 43  ? -13.112 2.175   5.554   1.00 16.24 ? 108 LYS A CE  1 
ATOM   361  N NZ  . LYS A 1 43  ? -13.973 3.232   6.148   1.00 15.40 ? 108 LYS A NZ  1 
ATOM   362  N N   . ILE A 1 44  ? -10.465 -1.642  2.600   1.00 17.16 ? 109 ILE A N   1 
ATOM   363  C CA  . ILE A 1 44  ? -9.500  -2.462  3.330   1.00 17.34 ? 109 ILE A CA  1 
ATOM   364  C C   . ILE A 1 44  ? -9.265  -1.949  4.747   1.00 17.60 ? 109 ILE A C   1 
ATOM   365  O O   . ILE A 1 44  ? -9.151  -2.742  5.690   1.00 18.66 ? 109 ILE A O   1 
ATOM   366  C CB  . ILE A 1 44  ? -8.147  -2.578  2.600   1.00 17.60 ? 109 ILE A CB  1 
ATOM   367  C CG1 . ILE A 1 44  ? -8.283  -3.361  1.283   1.00 16.98 ? 109 ILE A CG1 1 
ATOM   368  C CG2 . ILE A 1 44  ? -7.114  -3.255  3.529   1.00 18.51 ? 109 ILE A CG2 1 
ATOM   369  C CD1 . ILE A 1 44  ? -7.025  -3.282  0.399   1.00 16.92 ? 109 ILE A CD1 1 
ATOM   370  N N   . GLY A 1 45  ? -9.191  -0.629  4.900   1.00 17.56 ? 110 GLY A N   1 
ATOM   371  C CA  . GLY A 1 45  ? -8.969  0.000   6.220   1.00 16.82 ? 110 GLY A CA  1 
ATOM   372  C C   . GLY A 1 45  ? -8.658  1.486   6.109   1.00 16.67 ? 110 GLY A C   1 
ATOM   373  O O   . GLY A 1 45  ? -9.344  2.232   5.409   1.00 16.05 ? 110 GLY A O   1 
ATOM   374  N N   . TYR A 1 46  ? -7.601  1.910   6.797   1.00 16.90 ? 111 TYR A N   1 
ATOM   375  C CA  . TYR A 1 46  ? -7.199  3.318   6.831   1.00 16.47 ? 111 TYR A CA  1 
ATOM   376  C C   . TYR A 1 46  ? -5.672  3.467   6.754   1.00 15.94 ? 111 TYR A C   1 
ATOM   377  O O   . TYR A 1 46  ? -4.932  2.629   7.255   1.00 15.88 ? 111 TYR A O   1 
ATOM   378  C CB  . TYR A 1 46  ? -7.750  4.007   8.097   1.00 17.31 ? 111 TYR A CB  1 
ATOM   379  C CG  . TYR A 1 46  ? -9.269  4.129   8.136   1.00 17.86 ? 111 TYR A CG  1 
ATOM   380  C CD1 . TYR A 1 46  ? -10.058 3.112   8.673   1.00 19.16 ? 111 TYR A CD1 1 
ATOM   381  C CD2 . TYR A 1 46  ? -9.911  5.261   7.634   1.00 18.83 ? 111 TYR A CD2 1 
ATOM   382  C CE1 . TYR A 1 46  ? -11.454 3.220   8.699   1.00 19.73 ? 111 TYR A CE1 1 
ATOM   383  C CE2 . TYR A 1 46  ? -11.294 5.384   7.641   1.00 17.36 ? 111 TYR A CE2 1 
ATOM   384  C CZ  . TYR A 1 46  ? -12.055 4.372   8.182   1.00 19.29 ? 111 TYR A CZ  1 
ATOM   385  O OH  . TYR A 1 46  ? -13.428 4.491   8.191   1.00 20.40 ? 111 TYR A OH  1 
ATOM   386  N N   . VAL A 1 47  ? -5.210  4.525   6.100   1.00 15.42 ? 112 VAL A N   1 
ATOM   387  C CA  . VAL A 1 47  ? -3.853  4.996   6.317   1.00 15.40 ? 112 VAL A CA  1 
ATOM   388  C C   . VAL A 1 47  ? -3.908  6.326   7.078   1.00 15.75 ? 112 VAL A C   1 
ATOM   389  O O   . VAL A 1 47  ? -4.710  7.209   6.770   1.00 15.37 ? 112 VAL A O   1 
ATOM   390  C CB  . VAL A 1 47  ? -2.999  5.046   4.988   1.00 15.68 ? 112 VAL A CB  1 
ATOM   391  C CG1 . VAL A 1 47  ? -3.607  6.007   3.952   1.00 15.05 ? 112 VAL A CG1 1 
ATOM   392  C CG2 . VAL A 1 47  ? -1.502  5.317   5.267   1.00 13.14 ? 112 VAL A CG2 1 
ATOM   393  N N   . GLU A 1 48  ? -3.087  6.429   8.116   1.00 16.59 ? 113 GLU A N   1 
ATOM   394  C CA  . GLU A 1 48  ? -2.965  7.657   8.901   1.00 16.78 ? 113 GLU A CA  1 
ATOM   395  C C   . GLU A 1 48  ? -1.547  8.192   8.868   1.00 16.39 ? 113 GLU A C   1 
ATOM   396  O O   . GLU A 1 48  ? -0.608  7.461   9.154   1.00 16.49 ? 113 GLU A O   1 
ATOM   397  C CB  . GLU A 1 48  ? -3.346  7.378   10.340  1.00 17.20 ? 113 GLU A CB  1 
ATOM   398  C CG  . GLU A 1 48  ? -3.225  8.596   11.258  1.00 18.79 ? 113 GLU A CG  1 
ATOM   399  C CD  . GLU A 1 48  ? -3.646  8.276   12.667  1.00 21.36 ? 113 GLU A CD  1 
ATOM   400  O OE1 . GLU A 1 48  ? -4.340  7.240   12.849  1.00 22.68 ? 113 GLU A OE1 1 
ATOM   401  O OE2 . GLU A 1 48  ? -3.281  9.051   13.583  1.00 22.67 ? 113 GLU A OE2 1 
ATOM   402  N N   . ILE A 1 49  ? -1.396  9.465   8.519   1.00 16.54 ? 114 ILE A N   1 
ATOM   403  C CA  . ILE A 1 49  ? -0.089  10.152  8.610   1.00 16.65 ? 114 ILE A CA  1 
ATOM   404  C C   . ILE A 1 49  ? -0.178  11.384  9.544   1.00 17.45 ? 114 ILE A C   1 
ATOM   405  O O   . ILE A 1 49  ? -0.553  12.475  9.113   1.00 17.20 ? 114 ILE A O   1 
ATOM   406  C CB  . ILE A 1 49  ? 0.464   10.513  7.225   1.00 16.05 ? 114 ILE A CB  1 
ATOM   407  C CG1 . ILE A 1 49  ? 0.176   9.365   6.250   1.00 16.70 ? 114 ILE A CG1 1 
ATOM   408  C CG2 . ILE A 1 49  ? 1.936   10.770  7.312   1.00 14.12 ? 114 ILE A CG2 1 
ATOM   409  C CD1 . ILE A 1 49  ? -0.334  9.795   4.912   1.00 17.33 ? 114 ILE A CD1 1 
ATOM   410  N N   . PRO A 1 50  ? 0.176   11.194  10.830  1.00 18.34 ? 115 PRO A N   1 
ATOM   411  C CA  . PRO A 1 50  ? -0.043  12.178  11.911  1.00 19.01 ? 115 PRO A CA  1 
ATOM   412  C C   . PRO A 1 50  ? 0.522   13.579  11.653  1.00 19.53 ? 115 PRO A C   1 
ATOM   413  O O   . PRO A 1 50  ? -0.152  14.562  11.939  1.00 20.11 ? 115 PRO A O   1 
ATOM   414  C CB  . PRO A 1 50  ? 0.634   11.537  13.119  1.00 19.04 ? 115 PRO A CB  1 
ATOM   415  C CG  . PRO A 1 50  ? 0.723   10.066  12.774  1.00 18.58 ? 115 PRO A CG  1 
ATOM   416  C CD  . PRO A 1 50  ? 0.839   9.963   11.312  1.00 18.24 ? 115 PRO A CD  1 
ATOM   417  N N   . LYS A 1 51  ? 1.720   13.669  11.095  1.00 20.21 ? 116 LYS A N   1 
ATOM   418  C CA  . LYS A 1 51  ? 2.387   14.962  10.907  1.00 21.16 ? 116 LYS A CA  1 
ATOM   419  C C   . LYS A 1 51  ? 1.792   15.869  9.797   1.00 21.38 ? 116 LYS A C   1 
ATOM   420  O O   . LYS A 1 51  ? 1.982   17.103  9.815   1.00 21.23 ? 116 LYS A O   1 
ATOM   421  C CB  . LYS A 1 51  ? 3.899   14.777  10.728  1.00 21.37 ? 116 LYS A CB  1 
ATOM   422  C CG  . LYS A 1 51  ? 4.682   14.890  12.034  1.00 23.21 ? 116 LYS A CG  1 
ATOM   423  C CD  . LYS A 1 51  ? 6.149   14.613  11.806  1.00 24.64 ? 116 LYS A CD  1 
ATOM   424  C CE  . LYS A 1 51  ? 6.829   14.171  13.097  1.00 26.19 ? 116 LYS A CE  1 
ATOM   425  N NZ  . LYS A 1 51  ? 7.972   13.230  12.811  1.00 24.35 ? 116 LYS A NZ  1 
ATOM   426  N N   . ILE A 1 52  ? 1.086   15.266  8.843   1.00 21.23 ? 117 ILE A N   1 
ATOM   427  C CA  . ILE A 1 52  ? 0.305   16.042  7.881   1.00 21.10 ? 117 ILE A CA  1 
ATOM   428  C C   . ILE A 1 52  ? -1.197  15.984  8.158   1.00 21.33 ? 117 ILE A C   1 
ATOM   429  O O   . ILE A 1 52  ? -1.999  16.535  7.415   1.00 20.70 ? 117 ILE A O   1 
ATOM   430  C CB  . ILE A 1 52  ? 0.672   15.720  6.423   1.00 21.18 ? 117 ILE A CB  1 
ATOM   431  C CG1 . ILE A 1 52  ? 0.498   14.231  6.123   1.00 20.51 ? 117 ILE A CG1 1 
ATOM   432  C CG2 . ILE A 1 52  ? 2.099   16.209  6.147   1.00 21.41 ? 117 ILE A CG2 1 
ATOM   433  C CD1 . ILE A 1 52  ? 0.859   13.840  4.702   1.00 20.43 ? 117 ILE A CD1 1 
ATOM   434  N N   . GLU A 1 53  ? -1.540  15.331  9.275   1.00 21.84 ? 118 GLU A N   1 
ATOM   435  C CA  . GLU A 1 53  ? -2.916  15.176  9.755   1.00 22.52 ? 118 GLU A CA  1 
ATOM   436  C C   . GLU A 1 53  ? -3.809  14.493  8.748   1.00 20.93 ? 118 GLU A C   1 
ATOM   437  O O   . GLU A 1 53  ? -4.936  14.901  8.537   1.00 21.13 ? 118 GLU A O   1 
ATOM   438  C CB  . GLU A 1 53  ? -3.529  16.517  10.191  1.00 22.90 ? 118 GLU A CB  1 
ATOM   439  C CG  . GLU A 1 53  ? -2.961  17.105  11.510  1.00 25.14 ? 118 GLU A CG  1 
ATOM   440  C CD  . GLU A 1 53  ? -3.663  18.413  11.952  1.00 25.97 ? 118 GLU A CD  1 
ATOM   441  O OE1 . GLU A 1 53  ? -4.031  19.256  11.088  1.00 30.25 ? 118 GLU A OE1 1 
ATOM   442  O OE2 . GLU A 1 53  ? -3.836  18.609  13.181  1.00 30.42 ? 118 GLU A OE2 1 
ATOM   443  N N   . VAL A 1 54  ? -3.297  13.436  8.135   1.00 20.04 ? 119 VAL A N   1 
ATOM   444  C CA  . VAL A 1 54  ? -4.055  12.667  7.162   1.00 19.07 ? 119 VAL A CA  1 
ATOM   445  C C   . VAL A 1 54  ? -4.555  11.359  7.820   1.00 18.69 ? 119 VAL A C   1 
ATOM   446  O O   . VAL A 1 54  ? -3.811  10.680  8.556   1.00 18.25 ? 119 VAL A O   1 
ATOM   447  C CB  . VAL A 1 54  ? -3.204  12.406  5.875   1.00 19.23 ? 119 VAL A CB  1 
ATOM   448  C CG1 . VAL A 1 54  ? -3.725  11.214  5.082   1.00 18.44 ? 119 VAL A CG1 1 
ATOM   449  C CG2 . VAL A 1 54  ? -3.121  13.659  5.014   1.00 18.32 ? 119 VAL A CG2 1 
ATOM   450  N N   . LYS A 1 55  ? -5.835  11.065  7.583   1.00 17.81 ? 120 LYS A N   1 
ATOM   451  C CA  . LYS A 1 55  ? -6.468  9.799   7.960   1.00 17.65 ? 120 LYS A CA  1 
ATOM   452  C C   . LYS A 1 55  ? -7.551  9.491   6.926   1.00 17.24 ? 120 LYS A C   1 
ATOM   453  O O   . LYS A 1 55  ? -8.618  10.092  6.911   1.00 17.78 ? 120 LYS A O   1 
ATOM   454  C CB  . LYS A 1 55  ? -7.013  9.849   9.393   1.00 17.43 ? 120 LYS A CB  1 
ATOM   455  C CG  . LYS A 1 55  ? -7.409  8.518   9.973   1.00 17.75 ? 120 LYS A CG  1 
ATOM   456  C CD  . LYS A 1 55  ? -7.186  8.510   11.458  1.00 21.44 ? 120 LYS A CD  1 
ATOM   457  C CE  . LYS A 1 55  ? -8.333  7.832   12.244  1.00 24.27 ? 120 LYS A CE  1 
ATOM   458  N NZ  . LYS A 1 55  ? -8.477  6.363   12.064  1.00 23.56 ? 120 LYS A NZ  1 
ATOM   459  N N   . LEU A 1 56  ? -7.245  8.574   6.024   1.00 16.83 ? 121 LEU A N   1 
ATOM   460  C CA  . LEU A 1 56  ? -8.094  8.331   4.857   1.00 16.01 ? 121 LEU A CA  1 
ATOM   461  C C   . LEU A 1 56  ? -8.424  6.849   4.754   1.00 15.19 ? 121 LEU A C   1 
ATOM   462  O O   . LEU A 1 56  ? -7.586  6.012   5.129   1.00 15.20 ? 121 LEU A O   1 
ATOM   463  C CB  . LEU A 1 56  ? -7.408  8.816   3.556   1.00 15.84 ? 121 LEU A CB  1 
ATOM   464  C CG  . LEU A 1 56  ? -7.165  10.322  3.397   1.00 15.26 ? 121 LEU A CG  1 
ATOM   465  C CD1 . LEU A 1 56  ? -6.230  10.595  2.241   1.00 14.42 ? 121 LEU A CD1 1 
ATOM   466  C CD2 . LEU A 1 56  ? -8.474  11.121  3.234   1.00 14.35 ? 121 LEU A CD2 1 
ATOM   467  N N   . PRO A 1 57  ? -9.635  6.529   4.254   1.00 14.19 ? 122 PRO A N   1 
ATOM   468  C CA  . PRO A 1 57  ? -10.031 5.150   3.934   1.00 13.66 ? 122 PRO A CA  1 
ATOM   469  C C   . PRO A 1 57  ? -9.259  4.577   2.739   1.00 13.02 ? 122 PRO A C   1 
ATOM   470  O O   . PRO A 1 57  ? -9.118  5.234   1.704   1.00 13.47 ? 122 PRO A O   1 
ATOM   471  C CB  . PRO A 1 57  ? -11.528 5.272   3.593   1.00 13.59 ? 122 PRO A CB  1 
ATOM   472  C CG  . PRO A 1 57  ? -11.732 6.748   3.213   1.00 14.02 ? 122 PRO A CG  1 
ATOM   473  C CD  . PRO A 1 57  ? -10.714 7.510   3.989   1.00 14.07 ? 122 PRO A CD  1 
ATOM   474  N N   . VAL A 1 58  ? -8.785  3.347   2.884   1.00 12.05 ? 123 VAL A N   1 
ATOM   475  C CA  . VAL A 1 58  ? -8.051  2.652   1.832   1.00 10.66 ? 123 VAL A CA  1 
ATOM   476  C C   . VAL A 1 58  ? -8.936  1.594   1.184   1.00 10.59 ? 123 VAL A C   1 
ATOM   477  O O   . VAL A 1 58  ? -9.582  0.809   1.890   1.00 10.27 ? 123 VAL A O   1 
ATOM   478  C CB  . VAL A 1 58  ? -6.757  2.002   2.418   1.00 10.45 ? 123 VAL A CB  1 
ATOM   479  C CG1 . VAL A 1 58  ? -5.937  1.294   1.334   1.00 9.24  ? 123 VAL A CG1 1 
ATOM   480  C CG2 . VAL A 1 58  ? -5.948  3.035   3.107   1.00 8.14  ? 123 VAL A CG2 1 
ATOM   481  N N   . TYR A 1 59  ? -8.961  1.562   -0.146  1.00 10.86 ? 124 TYR A N   1 
ATOM   482  C CA  . TYR A 1 59  ? -9.838  0.641   -0.893  1.00 11.34 ? 124 TYR A CA  1 
ATOM   483  C C   . TYR A 1 59  ? -9.021  -0.209  -1.850  1.00 11.43 ? 124 TYR A C   1 
ATOM   484  O O   . TYR A 1 59  ? -7.925  0.176   -2.223  1.00 11.79 ? 124 TYR A O   1 
ATOM   485  C CB  . TYR A 1 59  ? -10.917 1.415   -1.679  1.00 12.10 ? 124 TYR A CB  1 
ATOM   486  C CG  . TYR A 1 59  ? -11.807 2.292   -0.839  1.00 11.92 ? 124 TYR A CG  1 
ATOM   487  C CD1 . TYR A 1 59  ? -11.446 3.609   -0.573  1.00 12.16 ? 124 TYR A CD1 1 
ATOM   488  C CD2 . TYR A 1 59  ? -13.005 1.809   -0.315  1.00 13.33 ? 124 TYR A CD2 1 
ATOM   489  C CE1 . TYR A 1 59  ? -12.234 4.432   0.218   1.00 13.31 ? 124 TYR A CE1 1 
ATOM   490  C CE2 . TYR A 1 59  ? -13.830 2.630   0.481   1.00 13.40 ? 124 TYR A CE2 1 
ATOM   491  C CZ  . TYR A 1 59  ? -13.431 3.945   0.740   1.00 14.50 ? 124 TYR A CZ  1 
ATOM   492  O OH  . TYR A 1 59  ? -14.214 4.788   1.515   1.00 13.29 ? 124 TYR A OH  1 
ATOM   493  N N   . ALA A 1 60  ? -9.538  -1.358  -2.261  1.00 11.63 ? 125 ALA A N   1 
ATOM   494  C CA  . ALA A 1 60  ? -8.777  -2.220  -3.160  1.00 12.36 ? 125 ALA A CA  1 
ATOM   495  C C   . ALA A 1 60  ? -8.832  -1.647  -4.561  1.00 13.14 ? 125 ALA A C   1 
ATOM   496  O O   . ALA A 1 60  ? -9.913  -1.240  -5.026  1.00 13.52 ? 125 ALA A O   1 
ATOM   497  C CB  . ALA A 1 60  ? -9.305  -3.647  -3.136  1.00 12.31 ? 125 ALA A CB  1 
ATOM   498  N N   . GLY A 1 61  ? -7.660  -1.594  -5.215  1.00 13.47 ? 126 GLY A N   1 
ATOM   499  C CA  . GLY A 1 61  ? -7.516  -1.097  -6.588  1.00 12.78 ? 126 GLY A CA  1 
ATOM   500  C C   . GLY A 1 61  ? -7.367  0.406   -6.727  1.00 12.99 ? 126 GLY A C   1 
ATOM   501  O O   . GLY A 1 61  ? -7.545  1.166   -5.774  1.00 13.13 ? 126 GLY A O   1 
ATOM   502  N N   . THR A 1 62  ? -7.018  0.831   -7.931  1.00 13.12 ? 127 THR A N   1 
ATOM   503  C CA  . THR A 1 62  ? -6.816  2.238   -8.245  1.00 12.54 ? 127 THR A CA  1 
ATOM   504  C C   . THR A 1 62  ? -7.839  2.711   -9.290  1.00 13.28 ? 127 THR A C   1 
ATOM   505  O O   . THR A 1 62  ? -7.549  3.546   -10.140 1.00 13.37 ? 127 THR A O   1 
ATOM   506  C CB  . THR A 1 62  ? -5.396  2.492   -8.758  1.00 12.02 ? 127 THR A CB  1 
ATOM   507  O OG1 . THR A 1 62  ? -5.145  1.642   -9.878  1.00 11.14 ? 127 THR A OG1 1 
ATOM   508  C CG2 . THR A 1 62  ? -4.375  2.221   -7.682  1.00 10.78 ? 127 THR A CG2 1 
ATOM   509  N N   . SER A 1 63  ? -9.050  2.175   -9.221  1.00 14.44 ? 128 SER A N   1 
ATOM   510  C CA  . SER A 1 63  ? -10.126 2.687   -10.065 1.00 15.62 ? 128 SER A CA  1 
ATOM   511  C C   . SER A 1 63  ? -10.466 4.135   -9.714  1.00 15.91 ? 128 SER A C   1 
ATOM   512  O O   . SER A 1 63  ? -10.160 4.600   -8.618  1.00 16.12 ? 128 SER A O   1 
ATOM   513  C CB  . SER A 1 63  ? -11.363 1.784   -9.969  1.00 15.45 ? 128 SER A CB  1 
ATOM   514  O OG  . SER A 1 63  ? -11.975 1.877   -8.702  1.00 16.69 ? 128 SER A OG  1 
ATOM   515  N N   . GLU A 1 64  ? -11.101 4.856   -10.627 1.00 17.11 ? 129 GLU A N   1 
ATOM   516  C CA  . GLU A 1 64  ? -11.449 6.239   -10.316 1.00 18.45 ? 129 GLU A CA  1 
ATOM   517  C C   . GLU A 1 64  ? -12.549 6.390   -9.264  1.00 18.20 ? 129 GLU A C   1 
ATOM   518  O O   . GLU A 1 64  ? -12.612 7.423   -8.583  1.00 18.26 ? 129 GLU A O   1 
ATOM   519  C CB  . GLU A 1 64  ? -11.722 7.070   -11.570 1.00 19.19 ? 129 GLU A CB  1 
ATOM   520  C CG  . GLU A 1 64  ? -11.451 8.575   -11.353 1.00 22.84 ? 129 GLU A CG  1 
ATOM   521  C CD  . GLU A 1 64  ? -10.000 8.931   -10.927 1.00 27.01 ? 129 GLU A CD  1 
ATOM   522  O OE1 . GLU A 1 64  ? -9.007  8.382   -11.488 1.00 27.10 ? 129 GLU A OE1 1 
ATOM   523  O OE2 . GLU A 1 64  ? -9.865  9.810   -10.042 1.00 28.45 ? 129 GLU A OE2 1 
ATOM   524  N N   . THR A 1 65  ? -13.375 5.351   -9.106  1.00 18.00 ? 130 THR A N   1 
ATOM   525  C CA  . THR A 1 65  ? -14.332 5.256   -7.987  1.00 17.87 ? 130 THR A CA  1 
ATOM   526  C C   . THR A 1 65  ? -13.578 5.387   -6.686  1.00 17.21 ? 130 THR A C   1 
ATOM   527  O O   . THR A 1 65  ? -13.969 6.158   -5.811  1.00 18.11 ? 130 THR A O   1 
ATOM   528  C CB  . THR A 1 65  ? -15.082 3.898   -7.941  1.00 17.78 ? 130 THR A CB  1 
ATOM   529  O OG1 . THR A 1 65  ? -15.623 3.596   -9.228  1.00 19.54 ? 130 THR A OG1 1 
ATOM   530  C CG2 . THR A 1 65  ? -16.220 3.951   -6.958  1.00 18.37 ? 130 THR A CG2 1 
ATOM   531  N N   . VAL A 1 66  ? -12.499 4.626   -6.569  1.00 16.02 ? 131 VAL A N   1 
ATOM   532  C CA  . VAL A 1 66  ? -11.677 4.631   -5.382  1.00 15.26 ? 131 VAL A CA  1 
ATOM   533  C C   . VAL A 1 66  ? -10.931 5.943   -5.225  1.00 15.47 ? 131 VAL A C   1 
ATOM   534  O O   . VAL A 1 66  ? -10.977 6.567   -4.148  1.00 15.84 ? 131 VAL A O   1 
ATOM   535  C CB  . VAL A 1 66  ? -10.720 3.419   -5.393  1.00 15.56 ? 131 VAL A CB  1 
ATOM   536  C CG1 . VAL A 1 66  ? -9.528  3.639   -4.502  1.00 14.51 ? 131 VAL A CG1 1 
ATOM   537  C CG2 . VAL A 1 66  ? -11.497 2.151   -4.994  1.00 15.02 ? 131 VAL A CG2 1 
ATOM   538  N N   . LEU A 1 67  ? -10.277 6.386   -6.305  1.00 14.80 ? 132 LEU A N   1 
ATOM   539  C CA  . LEU A 1 67  ? -9.362  7.516   -6.236  1.00 13.77 ? 132 LEU A CA  1 
ATOM   540  C C   . LEU A 1 67  ? -10.069 8.860   -6.059  1.00 14.28 ? 132 LEU A C   1 
ATOM   541  O O   . LEU A 1 67  ? -9.440  9.849   -5.632  1.00 13.87 ? 132 LEU A O   1 
ATOM   542  C CB  . LEU A 1 67  ? -8.390  7.510   -7.433  1.00 13.52 ? 132 LEU A CB  1 
ATOM   543  C CG  . LEU A 1 67  ? -7.412  6.329   -7.568  1.00 12.06 ? 132 LEU A CG  1 
ATOM   544  C CD1 . LEU A 1 67  ? -6.373  6.605   -8.611  1.00 11.66 ? 132 LEU A CD1 1 
ATOM   545  C CD2 . LEU A 1 67  ? -6.709  5.983   -6.260  1.00 11.28 ? 132 LEU A CD2 1 
ATOM   546  N N   . GLN A 1 68  ? -11.368 8.890   -6.382  1.00 14.47 ? 133 GLN A N   1 
ATOM   547  C CA  . GLN A 1 68  ? -12.225 10.064  -6.136  1.00 14.78 ? 133 GLN A CA  1 
ATOM   548  C C   . GLN A 1 68  ? -12.655 10.226  -4.666  1.00 14.65 ? 133 GLN A C   1 
ATOM   549  O O   . GLN A 1 68  ? -12.868 11.350  -4.212  1.00 15.64 ? 133 GLN A O   1 
ATOM   550  C CB  . GLN A 1 68  ? -13.465 10.053  -7.043  1.00 14.87 ? 133 GLN A CB  1 
ATOM   551  C CG  . GLN A 1 68  ? -13.173 10.367  -8.520  1.00 15.88 ? 133 GLN A CG  1 
ATOM   552  C CD  . GLN A 1 68  ? -12.529 11.730  -8.695  1.00 17.84 ? 133 GLN A CD  1 
ATOM   553  O OE1 . GLN A 1 68  ? -12.966 12.710  -8.077  1.00 18.84 ? 133 GLN A OE1 1 
ATOM   554  N NE2 . GLN A 1 68  ? -11.468 11.801  -9.513  1.00 15.89 ? 133 GLN A NE2 1 
ATOM   555  N N   . LYS A 1 69  ? -12.754 9.124   -3.924  1.00 13.90 ? 134 LYS A N   1 
ATOM   556  C CA  . LYS A 1 69  ? -13.224 9.166   -2.539  1.00 13.38 ? 134 LYS A CA  1 
ATOM   557  C C   . LYS A 1 69  ? -12.190 8.785   -1.469  1.00 13.56 ? 134 LYS A C   1 
ATOM   558  O O   . LYS A 1 69  ? -12.477 8.893   -0.280  1.00 14.24 ? 134 LYS A O   1 
ATOM   559  C CB  . LYS A 1 69  ? -14.451 8.272   -2.376  1.00 12.88 ? 134 LYS A CB  1 
ATOM   560  C CG  . LYS A 1 69  ? -14.163 6.841   -2.744  1.00 12.53 ? 134 LYS A CG  1 
ATOM   561  C CD  . LYS A 1 69  ? -15.278 5.929   -2.386  1.00 8.92  ? 134 LYS A CD  1 
ATOM   562  C CE  . LYS A 1 69  ? -14.810 4.513   -2.532  1.00 7.84  ? 134 LYS A CE  1 
ATOM   563  N NZ  . LYS A 1 69  ? -15.982 3.609   -2.510  1.00 9.62  ? 134 LYS A NZ  1 
ATOM   564  N N   . GLY A 1 70  ? -11.006 8.321   -1.858  1.00 13.35 ? 135 GLY A N   1 
ATOM   565  C CA  . GLY A 1 70  ? -10.007 7.949   -0.850  1.00 12.49 ? 135 GLY A CA  1 
ATOM   566  C C   . GLY A 1 70  ? -8.687  7.475   -1.414  1.00 12.06 ? 135 GLY A C   1 
ATOM   567  O O   . GLY A 1 70  ? -8.250  7.940   -2.484  1.00 11.76 ? 135 GLY A O   1 
ATOM   568  N N   . VAL A 1 71  ? -8.062  6.544   -0.688  1.00 11.22 ? 136 VAL A N   1 
ATOM   569  C CA  . VAL A 1 71  ? -6.770  5.951   -1.071  1.00 10.47 ? 136 VAL A CA  1 
ATOM   570  C C   . VAL A 1 71  ? -6.961  4.578   -1.741  1.00 10.45 ? 136 VAL A C   1 
ATOM   571  O O   . VAL A 1 71  ? -7.810  3.783   -1.323  1.00 10.05 ? 136 VAL A O   1 
ATOM   572  C CB  . VAL A 1 71  ? -5.820  5.830   0.168   1.00 10.58 ? 136 VAL A CB  1 
ATOM   573  C CG1 . VAL A 1 71  ? -4.511  5.180   -0.188  1.00 7.64  ? 136 VAL A CG1 1 
ATOM   574  C CG2 . VAL A 1 71  ? -5.588  7.224   0.795   1.00 10.66 ? 136 VAL A CG2 1 
ATOM   575  N N   . GLY A 1 72  ? -6.157  4.317   -2.776  1.00 10.50 ? 137 GLY A N   1 
ATOM   576  C CA  . GLY A 1 72  ? -6.206  3.071   -3.543  1.00 10.61 ? 137 GLY A CA  1 
ATOM   577  C C   . GLY A 1 72  ? -4.976  2.194   -3.364  1.00 10.49 ? 137 GLY A C   1 
ATOM   578  O O   . GLY A 1 72  ? -3.856  2.682   -3.289  1.00 10.90 ? 137 GLY A O   1 
ATOM   579  N N   . HIS A 1 73  ? -5.208  0.891   -3.296  1.00 10.53 ? 138 HIS A N   1 
ATOM   580  C CA  . HIS A 1 73  ? -4.151  -0.120  -3.204  1.00 10.16 ? 138 HIS A CA  1 
ATOM   581  C C   . HIS A 1 73  ? -3.757  -0.489  -4.617  1.00 10.52 ? 138 HIS A C   1 
ATOM   582  O O   . HIS A 1 73  ? -4.604  -0.890  -5.424  1.00 10.05 ? 138 HIS A O   1 
ATOM   583  C CB  . HIS A 1 73  ? -4.658  -1.360  -2.477  1.00 9.38  ? 138 HIS A CB  1 
ATOM   584  C CG  . HIS A 1 73  ? -3.748  -2.533  -2.601  1.00 9.10  ? 138 HIS A CG  1 
ATOM   585  N ND1 . HIS A 1 73  ? -3.999  -3.579  -3.461  1.00 9.31  ? 138 HIS A ND1 1 
ATOM   586  C CD2 . HIS A 1 73  ? -2.570  -2.815  -1.996  1.00 9.12  ? 138 HIS A CD2 1 
ATOM   587  C CE1 . HIS A 1 73  ? -3.008  -4.450  -3.392  1.00 7.36  ? 138 HIS A CE1 1 
ATOM   588  N NE2 . HIS A 1 73  ? -2.129  -4.008  -2.513  1.00 8.99  ? 138 HIS A NE2 1 
ATOM   589  N N   . LEU A 1 74  ? -2.469  -0.339  -4.907  1.00 10.75 ? 139 LEU A N   1 
ATOM   590  C CA  . LEU A 1 74  ? -1.947  -0.543  -6.241  1.00 10.88 ? 139 LEU A CA  1 
ATOM   591  C C   . LEU A 1 74  ? -2.006  -2.019  -6.595  1.00 11.57 ? 139 LEU A C   1 
ATOM   592  O O   . LEU A 1 74  ? -1.283  -2.842  -6.011  1.00 11.74 ? 139 LEU A O   1 
ATOM   593  C CB  . LEU A 1 74  ? -0.514  -0.010  -6.352  1.00 10.46 ? 139 LEU A CB  1 
ATOM   594  C CG  . LEU A 1 74  ? 0.150   -0.007  -7.741  1.00 11.78 ? 139 LEU A CG  1 
ATOM   595  C CD1 . LEU A 1 74  ? -0.697  0.780   -8.772  1.00 12.24 ? 139 LEU A CD1 1 
ATOM   596  C CD2 . LEU A 1 74  ? 1.542   0.577   -7.675  1.00 9.77  ? 139 LEU A CD2 1 
ATOM   597  N N   . GLU A 1 75  ? -2.847  -2.352  -7.569  1.00 11.82 ? 140 GLU A N   1 
ATOM   598  C CA  . GLU A 1 75  ? -2.913  -3.720  -8.015  1.00 12.44 ? 140 GLU A CA  1 
ATOM   599  C C   . GLU A 1 75  ? -1.526  -4.165  -8.431  1.00 12.22 ? 140 GLU A C   1 
ATOM   600  O O   . GLU A 1 75  ? -0.828  -3.475  -9.171  1.00 12.61 ? 140 GLU A O   1 
ATOM   601  C CB  . GLU A 1 75  ? -4.006  -4.004  -9.087  1.00 12.71 ? 140 GLU A CB  1 
ATOM   602  C CG  . GLU A 1 75  ? -4.263  -2.959  -10.138 1.00 12.86 ? 140 GLU A CG  1 
ATOM   603  C CD  . GLU A 1 75  ? -5.128  -1.802  -9.652  1.00 11.44 ? 140 GLU A CD  1 
ATOM   604  O OE1 . GLU A 1 75  ? -6.358  -1.902  -9.666  1.00 14.74 ? 140 GLU A OE1 1 
ATOM   605  O OE2 . GLU A 1 75  ? -4.579  -0.747  -9.328  1.00 9.81  ? 140 GLU A OE2 1 
ATOM   606  N N   . GLY A 1 76  ? -1.109  -5.311  -7.907  1.00 11.65 ? 141 GLY A N   1 
ATOM   607  C CA  . GLY A 1 76  ? 0.165   -5.869  -8.307  1.00 10.85 ? 141 GLY A CA  1 
ATOM   608  C C   . GLY A 1 76  ? 1.131   -5.868  -7.166  1.00 10.23 ? 141 GLY A C   1 
ATOM   609  O O   . GLY A 1 76  ? 2.155   -6.510  -7.253  1.00 10.21 ? 141 GLY A O   1 
ATOM   610  N N   . THR A 1 77  ? 0.764   -5.174  -6.082  1.00 10.25 ? 142 THR A N   1 
ATOM   611  C CA  . THR A 1 77  ? 1.588   -5.057  -4.856  1.00 9.81  ? 142 THR A CA  1 
ATOM   612  C C   . THR A 1 77  ? 0.930   -5.785  -3.657  1.00 9.64  ? 142 THR A C   1 
ATOM   613  O O   . THR A 1 77  ? -0.267  -6.071  -3.682  1.00 10.70 ? 142 THR A O   1 
ATOM   614  C CB  . THR A 1 77  ? 1.880   -3.571  -4.510  1.00 9.59  ? 142 THR A CB  1 
ATOM   615  O OG1 . THR A 1 77  ? 0.687   -2.942  -4.052  1.00 9.74  ? 142 THR A OG1 1 
ATOM   616  C CG2 . THR A 1 77  ? 2.423   -2.813  -5.732  1.00 7.46  ? 142 THR A CG2 1 
ATOM   617  N N   . SER A 1 78  ? 1.699   -6.125  -2.633  1.00 9.01  ? 143 SER A N   1 
ATOM   618  C CA  . SER A 1 78  ? 1.141   -6.854  -1.481  1.00 8.81  ? 143 SER A CA  1 
ATOM   619  C C   . SER A 1 78  ? -0.127  -6.210  -0.875  1.00 9.14  ? 143 SER A C   1 
ATOM   620  O O   . SER A 1 78  ? -0.288  -4.998  -0.874  1.00 9.15  ? 143 SER A O   1 
ATOM   621  C CB  . SER A 1 78  ? 2.210   -7.031  -0.384  1.00 9.00  ? 143 SER A CB  1 
ATOM   622  O OG  . SER A 1 78  ? 3.471   -7.446  -0.904  1.00 6.71  ? 143 SER A OG  1 
ATOM   623  N N   . LEU A 1 79  ? -1.046  -7.030  -0.377  1.00 9.75  ? 144 LEU A N   1 
ATOM   624  C CA  . LEU A 1 79  ? -2.127  -6.518  0.457   1.00 9.18  ? 144 LEU A CA  1 
ATOM   625  C C   . LEU A 1 79  ? -1.543  -6.045  1.817   1.00 10.04 ? 144 LEU A C   1 
ATOM   626  O O   . LEU A 1 79  ? -0.573  -6.650  2.318   1.00 9.61  ? 144 LEU A O   1 
ATOM   627  C CB  . LEU A 1 79  ? -3.242  -7.551  0.606   1.00 8.25  ? 144 LEU A CB  1 
ATOM   628  C CG  . LEU A 1 79  ? -4.109  -7.742  -0.643  1.00 7.01  ? 144 LEU A CG  1 
ATOM   629  C CD1 . LEU A 1 79  ? -5.009  -8.997  -0.520  1.00 3.99  ? 144 LEU A CD1 1 
ATOM   630  C CD2 . LEU A 1 79  ? -4.965  -6.522  -0.913  1.00 4.56  ? 144 LEU A CD2 1 
ATOM   631  N N   . PRO A 1 80  ? -2.100  -4.945  2.385   1.00 10.40 ? 145 PRO A N   1 
ATOM   632  C CA  . PRO A 1 80  ? -1.519  -4.278  3.571   1.00 10.85 ? 145 PRO A CA  1 
ATOM   633  C C   . PRO A 1 80  ? -1.802  -4.976  4.910   1.00 11.46 ? 145 PRO A C   1 
ATOM   634  O O   . PRO A 1 80  ? -2.472  -4.430  5.797   1.00 11.65 ? 145 PRO A O   1 
ATOM   635  C CB  . PRO A 1 80  ? -2.133  -2.861  3.531   1.00 11.11 ? 145 PRO A CB  1 
ATOM   636  C CG  . PRO A 1 80  ? -3.424  -2.999  2.759   1.00 10.84 ? 145 PRO A CG  1 
ATOM   637  C CD  . PRO A 1 80  ? -3.334  -4.275  1.903   1.00 10.22 ? 145 PRO A CD  1 
ATOM   638  N N   . ILE A 1 81  ? -1.239  -6.173  5.060   1.00 12.62 ? 146 ILE A N   1 
ATOM   639  C CA  . ILE A 1 81  ? -1.415  -7.009  6.252   1.00 11.99 ? 146 ILE A CA  1 
ATOM   640  C C   . ILE A 1 81  ? -0.045  -7.334  6.872   1.00 12.36 ? 146 ILE A C   1 
ATOM   641  O O   . ILE A 1 81  ? 0.055   -8.125  7.839   1.00 12.28 ? 146 ILE A O   1 
ATOM   642  C CB  . ILE A 1 81  ? -2.205  -8.323  5.942   1.00 11.97 ? 146 ILE A CB  1 
ATOM   643  C CG1 . ILE A 1 81  ? -1.444  -9.192  4.936   1.00 12.05 ? 146 ILE A CG1 1 
ATOM   644  C CG2 . ILE A 1 81  ? -3.665  -8.012  5.501   1.00 11.10 ? 146 ILE A CG2 1 
ATOM   645  C CD1 . ILE A 1 81  ? -1.823  -10.700 4.960   1.00 11.05 ? 146 ILE A CD1 1 
ATOM   646  N N   . GLY A 1 82  ? 0.998   -6.719  6.322   1.00 11.45 ? 147 GLY A N   1 
ATOM   647  C CA  . GLY A 1 82  ? 2.343   -6.954  6.817   1.00 12.52 ? 147 GLY A CA  1 
ATOM   648  C C   . GLY A 1 82  ? 2.963   -8.333  6.574   1.00 12.45 ? 147 GLY A C   1 
ATOM   649  O O   . GLY A 1 82  ? 2.361   -9.219  5.974   1.00 12.08 ? 147 GLY A O   1 
ATOM   650  N N   . GLY A 1 83  ? 4.190   -8.494  7.062   1.00 12.94 ? 148 GLY A N   1 
ATOM   651  C CA  . GLY A 1 83  ? 4.888   -9.767  7.006   1.00 13.27 ? 148 GLY A CA  1 
ATOM   652  C C   . GLY A 1 83  ? 6.162   -9.688  6.200   1.00 13.75 ? 148 GLY A C   1 
ATOM   653  O O   . GLY A 1 83  ? 6.317   -8.812  5.343   1.00 14.50 ? 148 GLY A O   1 
ATOM   654  N N   . SER A 1 84  ? 7.084   -10.600 6.463   1.00 14.10 ? 149 SER A N   1 
ATOM   655  C CA  . SER A 1 84  ? 8.267   -10.692 5.654   1.00 14.97 ? 149 SER A CA  1 
ATOM   656  C C   . SER A 1 84  ? 7.844   -11.051 4.225   1.00 15.22 ? 149 SER A C   1 
ATOM   657  O O   . SER A 1 84  ? 6.804   -11.705 4.020   1.00 14.45 ? 149 SER A O   1 
ATOM   658  C CB  . SER A 1 84  ? 9.278   -11.672 6.265   1.00 15.46 ? 149 SER A CB  1 
ATOM   659  O OG  . SER A 1 84  ? 9.017   -13.002 5.881   1.00 18.58 ? 149 SER A OG  1 
ATOM   660  N N   . ASP A 1 85  ? 8.612   -10.541 3.254   1.00 15.37 ? 150 ASP A N   1 
ATOM   661  C CA  . ASP A 1 85  ? 8.299   -10.645 1.825   1.00 15.49 ? 150 ASP A CA  1 
ATOM   662  C C   . ASP A 1 85  ? 7.036   -9.878  1.412   1.00 15.55 ? 150 ASP A C   1 
ATOM   663  O O   . ASP A 1 85  ? 6.255   -10.345 0.562   1.00 16.12 ? 150 ASP A O   1 
ATOM   664  C CB  . ASP A 1 85  ? 8.182   -12.102 1.411   1.00 15.10 ? 150 ASP A CB  1 
ATOM   665  C CG  . ASP A 1 85  ? 9.449   -12.841 1.600   1.00 17.43 ? 150 ASP A CG  1 
ATOM   666  O OD1 . ASP A 1 85  ? 10.419  -12.550 0.862   1.00 20.82 ? 150 ASP A OD1 1 
ATOM   667  O OD2 . ASP A 1 85  ? 9.489   -13.721 2.484   1.00 20.06 ? 150 ASP A OD2 1 
ATOM   668  N N   . THR A 1 86  ? 6.812   -8.711  2.014   1.00 14.94 ? 151 THR A N   1 
ATOM   669  C CA  . THR A 1 86  ? 5.700   -7.872  1.566   1.00 14.10 ? 151 THR A CA  1 
ATOM   670  C C   . THR A 1 86  ? 6.156   -6.461  1.233   1.00 13.65 ? 151 THR A C   1 
ATOM   671  O O   . THR A 1 86  ? 7.109   -5.943  1.817   1.00 13.31 ? 151 THR A O   1 
ATOM   672  C CB  . THR A 1 86  ? 4.463   -7.882  2.541   1.00 14.12 ? 151 THR A CB  1 
ATOM   673  O OG1 . THR A 1 86  ? 4.834   -7.328  3.809   1.00 14.71 ? 151 THR A OG1 1 
ATOM   674  C CG2 . THR A 1 86  ? 3.919   -9.301  2.735   1.00 12.03 ? 151 THR A CG2 1 
ATOM   675  N N   . HIS A 1 87  ? 5.510   -5.882  0.224   1.00 13.27 ? 152 HIS A N   1 
ATOM   676  C CA  . HIS A 1 87  ? 5.651   -4.476  -0.089  1.00 12.83 ? 152 HIS A CA  1 
ATOM   677  C C   . HIS A 1 87  ? 4.344   -3.946  -0.698  1.00 12.51 ? 152 HIS A C   1 
ATOM   678  O O   . HIS A 1 87  ? 4.052   -4.134  -1.870  1.00 12.53 ? 152 HIS A O   1 
ATOM   679  C CB  . HIS A 1 87  ? 6.896   -4.215  -0.950  1.00 12.76 ? 152 HIS A CB  1 
ATOM   680  C CG  . HIS A 1 87  ? 7.221   -2.758  -1.145  1.00 13.14 ? 152 HIS A CG  1 
ATOM   681  N ND1 . HIS A 1 87  ? 8.293   -2.340  -1.899  1.00 11.67 ? 152 HIS A ND1 1 
ATOM   682  C CD2 . HIS A 1 87  ? 6.607   -1.627  -0.705  1.00 11.64 ? 152 HIS A CD2 1 
ATOM   683  C CE1 . HIS A 1 87  ? 8.333   -1.017  -1.912  1.00 12.33 ? 152 HIS A CE1 1 
ATOM   684  N NE2 . HIS A 1 87  ? 7.325   -0.561  -1.194  1.00 12.19 ? 152 HIS A NE2 1 
ATOM   685  N N   . THR A 1 88  ? 3.551   -3.297  0.146   1.00 12.70 ? 153 THR A N   1 
ATOM   686  C CA  . THR A 1 88  ? 2.263   -2.753  -0.241  1.00 12.31 ? 153 THR A CA  1 
ATOM   687  C C   . THR A 1 88  ? 2.447   -1.332  -0.760  1.00 12.48 ? 153 THR A C   1 
ATOM   688  O O   . THR A 1 88  ? 3.335   -0.613  -0.284  1.00 12.43 ? 153 THR A O   1 
ATOM   689  C CB  . THR A 1 88  ? 1.263   -2.815  0.946   1.00 11.92 ? 153 THR A CB  1 
ATOM   690  O OG1 . THR A 1 88  ? -0.073  -2.633  0.468   1.00 12.99 ? 153 THR A OG1 1 
ATOM   691  C CG2 . THR A 1 88  ? 1.552   -1.761  2.005   1.00 13.16 ? 153 THR A CG2 1 
ATOM   692  N N   . VAL A 1 89  ? 1.626   -0.928  -1.744  1.00 12.38 ? 154 VAL A N   1 
ATOM   693  C CA  . VAL A 1 89  ? 1.632   0.459   -2.219  1.00 12.00 ? 154 VAL A CA  1 
ATOM   694  C C   . VAL A 1 89  ? 0.236   1.048   -2.199  1.00 12.57 ? 154 VAL A C   1 
ATOM   695  O O   . VAL A 1 89  ? -0.692  0.543   -2.859  1.00 11.89 ? 154 VAL A O   1 
ATOM   696  C CB  . VAL A 1 89  ? 2.280   0.636   -3.655  1.00 12.57 ? 154 VAL A CB  1 
ATOM   697  C CG1 . VAL A 1 89  ? 2.279   2.122   -4.090  1.00 9.39  ? 154 VAL A CG1 1 
ATOM   698  C CG2 . VAL A 1 89  ? 3.698   0.000   -3.723  1.00 10.17 ? 154 VAL A CG2 1 
ATOM   699  N N   . LEU A 1 90  ? 0.098   2.118   -1.411  1.00 13.02 ? 155 LEU A N   1 
ATOM   700  C CA  . LEU A 1 90  ? -1.160  2.877   -1.318  1.00 13.06 ? 155 LEU A CA  1 
ATOM   701  C C   . LEU A 1 90  ? -1.059  4.196   -2.070  1.00 13.22 ? 155 LEU A C   1 
ATOM   702  O O   . LEU A 1 90  ? -0.089  4.929   -1.917  1.00 12.81 ? 155 LEU A O   1 
ATOM   703  C CB  . LEU A 1 90  ? -1.542  3.110   0.140   1.00 12.64 ? 155 LEU A CB  1 
ATOM   704  C CG  . LEU A 1 90  ? -1.554  1.909   1.091   1.00 12.02 ? 155 LEU A CG  1 
ATOM   705  C CD1 . LEU A 1 90  ? -2.178  2.333   2.446   1.00 9.82  ? 155 LEU A CD1 1 
ATOM   706  C CD2 . LEU A 1 90  ? -2.307  0.741   0.464   1.00 9.50  ? 155 LEU A CD2 1 
ATOM   707  N N   . THR A 1 91  ? -2.049  4.484   -2.904  1.00 13.98 ? 156 THR A N   1 
ATOM   708  C CA  . THR A 1 91  ? -1.973  5.669   -3.785  1.00 15.15 ? 156 THR A CA  1 
ATOM   709  C C   . THR A 1 91  ? -3.172  6.623   -3.644  1.00 15.09 ? 156 THR A C   1 
ATOM   710  O O   . THR A 1 91  ? -4.266  6.183   -3.314  1.00 14.53 ? 156 THR A O   1 
ATOM   711  C CB  . THR A 1 91  ? -1.738  5.238   -5.257  1.00 15.11 ? 156 THR A CB  1 
ATOM   712  O OG1 . THR A 1 91  ? -1.412  6.381   -6.048  1.00 17.01 ? 156 THR A OG1 1 
ATOM   713  C CG2 . THR A 1 91  ? -2.945  4.559   -5.833  1.00 15.56 ? 156 THR A CG2 1 
ATOM   714  N N   . ALA A 1 92  ? -2.944  7.929   -3.829  1.00 15.79 ? 157 ALA A N   1 
ATOM   715  C CA  . ALA A 1 92  ? -4.032  8.935   -3.881  1.00 16.17 ? 157 ALA A CA  1 
ATOM   716  C C   . ALA A 1 92  ? -3.589  10.145  -4.660  1.00 17.16 ? 157 ALA A C   1 
ATOM   717  O O   . ALA A 1 92  ? -2.386  10.364  -4.828  1.00 17.70 ? 157 ALA A O   1 
ATOM   718  C CB  . ALA A 1 92  ? -4.481  9.354   -2.509  1.00 15.55 ? 157 ALA A CB  1 
ATOM   719  N N   . HIS A 1 93  ? -4.568  10.932  -5.117  1.00 18.07 ? 158 HIS A N   1 
ATOM   720  C CA  . HIS A 1 93  ? -4.361  12.179  -5.861  1.00 18.08 ? 158 HIS A CA  1 
ATOM   721  C C   . HIS A 1 93  ? -3.805  13.355  -5.045  1.00 18.56 ? 158 HIS A C   1 
ATOM   722  O O   . HIS A 1 93  ? -4.034  13.485  -3.835  1.00 18.89 ? 158 HIS A O   1 
ATOM   723  C CB  . HIS A 1 93  ? -5.680  12.645  -6.480  1.00 18.57 ? 158 HIS A CB  1 
ATOM   724  C CG  . HIS A 1 93  ? -6.249  11.723  -7.525  1.00 18.87 ? 158 HIS A CG  1 
ATOM   725  N ND1 . HIS A 1 93  ? -5.490  11.167  -8.535  1.00 20.26 ? 158 HIS A ND1 1 
ATOM   726  C CD2 . HIS A 1 93  ? -7.521  11.320  -7.753  1.00 18.62 ? 158 HIS A CD2 1 
ATOM   727  C CE1 . HIS A 1 93  ? -6.262  10.434  -9.319  1.00 18.00 ? 158 HIS A CE1 1 
ATOM   728  N NE2 . HIS A 1 93  ? -7.498  10.514  -8.867  1.00 19.14 ? 158 HIS A NE2 1 
ATOM   729  N N   . THR A 1 94  ? -3.090  14.219  -5.761  1.00 18.78 ? 159 THR A N   1 
ATOM   730  C CA  . THR A 1 94  ? -2.574  15.499  -5.308  1.00 18.35 ? 159 THR A CA  1 
ATOM   731  C C   . THR A 1 94  ? -3.167  16.559  -6.248  1.00 19.23 ? 159 THR A C   1 
ATOM   732  O O   . THR A 1 94  ? -3.127  16.413  -7.480  1.00 18.59 ? 159 THR A O   1 
ATOM   733  C CB  . THR A 1 94  ? -1.030  15.518  -5.392  1.00 17.82 ? 159 THR A CB  1 
ATOM   734  O OG1 . THR A 1 94  ? -0.484  14.806  -4.281  1.00 18.11 ? 159 THR A OG1 1 
ATOM   735  C CG2 . THR A 1 94  ? -0.487  16.907  -5.375  1.00 17.06 ? 159 THR A CG2 1 
ATOM   736  N N   . GLY A 1 95  ? -3.752  17.607  -5.665  1.00 19.85 ? 160 GLY A N   1 
ATOM   737  C CA  . GLY A 1 95  ? -4.277  18.718  -6.445  1.00 21.08 ? 160 GLY A CA  1 
ATOM   738  C C   . GLY A 1 95  ? -5.649  18.507  -7.036  1.00 22.01 ? 160 GLY A C   1 
ATOM   739  O O   . GLY A 1 95  ? -6.006  19.180  -8.005  1.00 22.22 ? 160 GLY A O   1 
ATOM   740  N N   . LEU A 1 96  ? -6.403  17.561  -6.467  1.00 23.30 ? 161 LEU A N   1 
ATOM   741  C CA  . LEU A 1 96  ? -7.812  17.334  -6.820  1.00 24.18 ? 161 LEU A CA  1 
ATOM   742  C C   . LEU A 1 96  ? -8.592  18.309  -5.964  1.00 25.35 ? 161 LEU A C   1 
ATOM   743  O O   . LEU A 1 96  ? -8.350  18.380  -4.732  1.00 26.29 ? 161 LEU A O   1 
ATOM   744  C CB  . LEU A 1 96  ? -8.251  15.880  -6.552  1.00 23.85 ? 161 LEU A CB  1 
ATOM   745  C CG  . LEU A 1 96  ? -9.538  15.349  -7.229  1.00 23.54 ? 161 LEU A CG  1 
ATOM   746  C CD1 . LEU A 1 96  ? -9.360  15.060  -8.724  1.00 23.86 ? 161 LEU A CD1 1 
ATOM   747  C CD2 . LEU A 1 96  ? -10.067 14.106  -6.532  1.00 24.39 ? 161 LEU A CD2 1 
ATOM   748  N N   . PRO A 1 97  ? -9.465  19.128  -6.602  1.00 25.87 ? 162 PRO A N   1 
ATOM   749  C CA  . PRO A 1 97  ? -10.273 20.156  -5.887  1.00 26.06 ? 162 PRO A CA  1 
ATOM   750  C C   . PRO A 1 97  ? -11.258 19.568  -4.864  1.00 26.16 ? 162 PRO A C   1 
ATOM   751  O O   . PRO A 1 97  ? -11.442 20.128  -3.766  1.00 26.39 ? 162 PRO A O   1 
ATOM   752  C CB  . PRO A 1 97  ? -11.021 20.873  -7.021  1.00 25.86 ? 162 PRO A CB  1 
ATOM   753  C CG  . PRO A 1 97  ? -10.185 20.583  -8.268  1.00 26.22 ? 162 PRO A CG  1 
ATOM   754  C CD  . PRO A 1 97  ? -9.688  19.179  -8.062  1.00 25.95 ? 162 PRO A CD  1 
ATOM   755  N N   . LYS A 1 98  ? -11.863 18.445  -5.243  1.00 26.06 ? 163 LYS A N   1 
ATOM   756  C CA  . LYS A 1 98  ? -12.817 17.686  -4.443  1.00 25.73 ? 163 LYS A CA  1 
ATOM   757  C C   . LYS A 1 98  ? -12.283 17.378  -3.023  1.00 25.08 ? 163 LYS A C   1 
ATOM   758  O O   . LYS A 1 98  ? -12.947 17.699  -2.027  1.00 25.09 ? 163 LYS A O   1 
ATOM   759  C CB  . LYS A 1 98  ? -13.133 16.400  -5.220  1.00 25.89 ? 163 LYS A CB  1 
ATOM   760  C CG  . LYS A 1 98  ? -14.149 15.436  -4.606  1.00 27.31 ? 163 LYS A CG  1 
ATOM   761  C CD  . LYS A 1 98  ? -14.492 14.365  -5.639  1.00 26.69 ? 163 LYS A CD  1 
ATOM   762  C CE  . LYS A 1 98  ? -14.993 15.012  -6.961  1.00 29.14 ? 163 LYS A CE  1 
ATOM   763  N NZ  . LYS A 1 98  ? -15.580 14.070  -7.996  1.00 29.79 ? 163 LYS A NZ  1 
ATOM   764  N N   . ALA A 1 99  ? -11.096 16.762  -2.928  1.00 23.57 ? 164 ALA A N   1 
ATOM   765  C CA  . ALA A 1 99  ? -10.495 16.449  -1.632  1.00 22.33 ? 164 ALA A CA  1 
ATOM   766  C C   . ALA A 1 99  ? -8.964  16.588  -1.636  1.00 21.67 ? 164 ALA A C   1 
ATOM   767  O O   . ALA A 1 99  ? -8.328  16.284  -2.650  1.00 21.32 ? 164 ALA A O   1 
ATOM   768  C CB  . ALA A 1 99  ? -10.922 15.055  -1.174  1.00 22.50 ? 164 ALA A CB  1 
ATOM   769  N N   . ARG A 1 100 ? -8.383  17.040  -0.514  1.00 20.55 ? 165 ARG A N   1 
ATOM   770  C CA  . ARG A 1 100 ? -6.924  17.214  -0.402  1.00 20.16 ? 165 ARG A CA  1 
ATOM   771  C C   . ARG A 1 100 ? -6.121  15.904  -0.624  1.00 18.82 ? 165 ARG A C   1 
ATOM   772  O O   . ARG A 1 100 ? -5.107  15.895  -1.330  1.00 18.80 ? 165 ARG A O   1 
ATOM   773  C CB  . ARG A 1 100 ? -6.514  17.979  0.898   1.00 20.12 ? 165 ARG A CB  1 
ATOM   774  C CG  . ARG A 1 100 ? -4.966  17.981  1.224   1.00 21.60 ? 165 ARG A CG  1 
ATOM   775  C CD  . ARG A 1 100 ? -4.318  19.356  1.689   1.00 21.68 ? 165 ARG A CD  1 
ATOM   776  N NE  . ARG A 1 100 ? -4.517  20.443  0.717   1.00 22.87 ? 165 ARG A NE  1 
ATOM   777  C CZ  . ARG A 1 100 ? -3.647  21.423  0.424   1.00 22.57 ? 165 ARG A CZ  1 
ATOM   778  N NH1 . ARG A 1 100 ? -2.428  21.512  0.992   1.00 22.97 ? 165 ARG A NH1 1 
ATOM   779  N NH2 . ARG A 1 100 ? -4.011  22.327  -0.472  1.00 17.87 ? 165 ARG A NH2 1 
ATOM   780  N N   . LEU A 1 101 ? -6.597  14.806  -0.041  1.00 17.58 ? 166 LEU A N   1 
ATOM   781  C CA  . LEU A 1 101 ? -5.988  13.468  -0.209  1.00 16.27 ? 166 LEU A CA  1 
ATOM   782  C C   . LEU A 1 101 ? -4.453  13.491  0.046   1.00 16.36 ? 166 LEU A C   1 
ATOM   783  O O   . LEU A 1 101 ? -4.039  13.974  1.102   1.00 17.02 ? 166 LEU A O   1 
ATOM   784  C CB  . LEU A 1 101 ? -6.421  12.828  -1.538  1.00 15.34 ? 166 LEU A CB  1 
ATOM   785  C CG  . LEU A 1 101 ? -7.946  12.620  -1.641  1.00 13.35 ? 166 LEU A CG  1 
ATOM   786  C CD1 . LEU A 1 101 ? -8.475  12.709  -3.071  1.00 7.39  ? 166 LEU A CD1 1 
ATOM   787  C CD2 . LEU A 1 101 ? -8.413  11.322  -0.946  1.00 9.97  ? 166 LEU A CD2 1 
ATOM   788  N N   . PHE A 1 102 ? -3.621  13.018  -0.886  1.00 15.58 ? 167 PHE A N   1 
ATOM   789  C CA  . PHE A 1 102 ? -2.160  12.978  -0.658  1.00 15.05 ? 167 PHE A CA  1 
ATOM   790  C C   . PHE A 1 102 ? -1.333  14.247  -0.942  1.00 15.44 ? 167 PHE A C   1 
ATOM   791  O O   . PHE A 1 102 ? -0.103  14.210  -1.019  1.00 15.20 ? 167 PHE A O   1 
ATOM   792  C CB  . PHE A 1 102 ? -1.570  11.748  -1.394  1.00 14.72 ? 167 PHE A CB  1 
ATOM   793  C CG  . PHE A 1 102 ? -1.673  10.440  -0.614  1.00 12.92 ? 167 PHE A CG  1 
ATOM   794  C CD1 . PHE A 1 102 ? -2.350  10.372  0.609   1.00 13.67 ? 167 PHE A CD1 1 
ATOM   795  C CD2 . PHE A 1 102 ? -1.133  9.275   -1.126  1.00 10.20 ? 167 PHE A CD2 1 
ATOM   796  C CE1 . PHE A 1 102 ? -2.455  9.132   1.308   1.00 13.50 ? 167 PHE A CE1 1 
ATOM   797  C CE2 . PHE A 1 102 ? -1.230  8.051   -0.440  1.00 9.60  ? 167 PHE A CE2 1 
ATOM   798  C CZ  . PHE A 1 102 ? -1.895  7.980   0.763   1.00 11.26 ? 167 PHE A CZ  1 
ATOM   799  N N   . THR A 1 103 ? -2.018  15.384  -1.088  1.00 16.42 ? 168 THR A N   1 
ATOM   800  C CA  . THR A 1 103 ? -1.388  16.663  -1.487  1.00 15.16 ? 168 THR A CA  1 
ATOM   801  C C   . THR A 1 103 ? -0.161  16.998  -0.646  1.00 14.89 ? 168 THR A C   1 
ATOM   802  O O   . THR A 1 103 ? 0.836   17.514  -1.164  1.00 15.44 ? 168 THR A O   1 
ATOM   803  C CB  . THR A 1 103 ? -2.404  17.809  -1.384  1.00 15.39 ? 168 THR A CB  1 
ATOM   804  O OG1 . THR A 1 103 ? -3.515  17.543  -2.253  1.00 14.74 ? 168 THR A OG1 1 
ATOM   805  C CG2 . THR A 1 103 ? -1.769  19.177  -1.712  1.00 15.55 ? 168 THR A CG2 1 
ATOM   806  N N   . ASP A 1 104 ? -0.236  16.704  0.649   1.00 14.22 ? 169 ASP A N   1 
ATOM   807  C CA  . ASP A 1 104 ? 0.777   17.153  1.598   1.00 13.70 ? 169 ASP A CA  1 
ATOM   808  C C   . ASP A 1 104 ? 1.840   16.087  1.869   1.00 13.42 ? 169 ASP A C   1 
ATOM   809  O O   . ASP A 1 104 ? 2.562   16.177  2.857   1.00 14.13 ? 169 ASP A O   1 
ATOM   810  C CB  . ASP A 1 104 ? 0.122   17.639  2.899   1.00 13.38 ? 169 ASP A CB  1 
ATOM   811  C CG  . ASP A 1 104 ? -0.573  19.004  2.754   1.00 13.71 ? 169 ASP A CG  1 
ATOM   812  O OD1 . ASP A 1 104 ? -0.147  19.856  1.939   1.00 12.63 ? 169 ASP A OD1 1 
ATOM   813  O OD2 . ASP A 1 104 ? -1.562  19.237  3.484   1.00 15.01 ? 169 ASP A OD2 1 
ATOM   814  N N   . LEU A 1 105 ? 1.928   15.086  0.990   1.00 13.13 ? 170 LEU A N   1 
ATOM   815  C CA  . LEU A 1 105 ? 2.916   14.015  1.070   1.00 12.59 ? 170 LEU A CA  1 
ATOM   816  C C   . LEU A 1 105 ? 4.316   14.506  0.778   1.00 12.86 ? 170 LEU A C   1 
ATOM   817  O O   . LEU A 1 105 ? 5.307   13.887  1.196   1.00 13.27 ? 170 LEU A O   1 
ATOM   818  C CB  . LEU A 1 105 ? 2.568   12.932  0.058   1.00 12.42 ? 170 LEU A CB  1 
ATOM   819  C CG  . LEU A 1 105 ? 2.948   11.489  0.391   1.00 13.06 ? 170 LEU A CG  1 
ATOM   820  C CD1 . LEU A 1 105 ? 2.278   11.005  1.692   1.00 8.84  ? 170 LEU A CD1 1 
ATOM   821  C CD2 . LEU A 1 105 ? 2.559   10.599  -0.813  1.00 12.84 ? 170 LEU A CD2 1 
ATOM   822  N N   . THR A 1 106 ? 4.384   15.597  0.021   1.00 12.84 ? 171 THR A N   1 
ATOM   823  C CA  . THR A 1 106 ? 5.609   16.330  -0.223  1.00 13.81 ? 171 THR A CA  1 
ATOM   824  C C   . THR A 1 106 ? 6.220   16.879  1.082   1.00 14.59 ? 171 THR A C   1 
ATOM   825  O O   . THR A 1 106 ? 7.407   17.146  1.142   1.00 15.21 ? 171 THR A O   1 
ATOM   826  C CB  . THR A 1 106 ? 5.396   17.478  -1.260  1.00 13.44 ? 171 THR A CB  1 
ATOM   827  O OG1 . THR A 1 106 ? 4.193   18.198  -0.961  1.00 13.96 ? 171 THR A OG1 1 
ATOM   828  C CG2 . THR A 1 106 ? 5.293   16.928  -2.656  1.00 12.57 ? 171 THR A CG2 1 
ATOM   829  N N   . LYS A 1 107 ? 5.407   17.019  2.123   1.00 15.17 ? 172 LYS A N   1 
ATOM   830  C CA  . LYS A 1 107 ? 5.865   17.491  3.416   1.00 15.85 ? 172 LYS A CA  1 
ATOM   831  C C   . LYS A 1 107 ? 6.355   16.369  4.346   1.00 15.81 ? 172 LYS A C   1 
ATOM   832  O O   . LYS A 1 107 ? 6.820   16.644  5.458   1.00 16.28 ? 172 LYS A O   1 
ATOM   833  C CB  . LYS A 1 107 ? 4.755   18.285  4.103   1.00 16.02 ? 172 LYS A CB  1 
ATOM   834  C CG  . LYS A 1 107 ? 4.260   19.526  3.327   1.00 17.31 ? 172 LYS A CG  1 
ATOM   835  C CD  . LYS A 1 107 ? 3.042   20.176  4.015   1.00 17.56 ? 172 LYS A CD  1 
ATOM   836  C CE  . LYS A 1 107 ? 2.429   21.298  3.144   1.00 20.88 ? 172 LYS A CE  1 
ATOM   837  N NZ  . LYS A 1 107 ? 2.134   20.959  1.653   1.00 22.64 ? 172 LYS A NZ  1 
ATOM   838  N N   . VAL A 1 108 ? 6.246   15.115  3.918   1.00 15.46 ? 173 VAL A N   1 
ATOM   839  C CA  . VAL A 1 108 ? 6.704   13.992  4.734   1.00 15.02 ? 173 VAL A CA  1 
ATOM   840  C C   . VAL A 1 108 ? 8.233   13.903  4.693   1.00 15.25 ? 173 VAL A C   1 
ATOM   841  O O   . VAL A 1 108 ? 8.834   14.078  3.640   1.00 14.62 ? 173 VAL A O   1 
ATOM   842  C CB  . VAL A 1 108 ? 6.065   12.655  4.297   1.00 14.51 ? 173 VAL A CB  1 
ATOM   843  C CG1 . VAL A 1 108 ? 6.597   11.510  5.136   1.00 14.17 ? 173 VAL A CG1 1 
ATOM   844  C CG2 . VAL A 1 108 ? 4.555   12.721  4.429   1.00 14.42 ? 173 VAL A CG2 1 
ATOM   845  N N   . LYS A 1 109 ? 8.829   13.641  5.858   1.00 16.11 ? 174 LYS A N   1 
ATOM   846  C CA  . LYS A 1 109 ? 10.281  13.502  6.039   1.00 17.35 ? 174 LYS A CA  1 
ATOM   847  C C   . LYS A 1 109 ? 10.699  12.071  6.394   1.00 17.26 ? 174 LYS A C   1 
ATOM   848  O O   . LYS A 1 109 ? 9.924   11.249  6.921   1.00 16.87 ? 174 LYS A O   1 
ATOM   849  C CB  . LYS A 1 109 ? 10.830  14.365  7.215   1.00 17.33 ? 174 LYS A CB  1 
ATOM   850  C CG  . LYS A 1 109 ? 9.980   15.486  7.756   1.00 17.76 ? 174 LYS A CG  1 
ATOM   851  C CD  . LYS A 1 109 ? 10.566  15.953  9.068   1.00 19.06 ? 174 LYS A CD  1 
ATOM   852  C CE  . LYS A 1 109 ? 9.568   16.796  9.842   1.00 21.40 ? 174 LYS A CE  1 
ATOM   853  N NZ  . LYS A 1 109 ? 9.737   18.237  9.425   1.00 22.97 ? 174 LYS A NZ  1 
ATOM   854  N N   . ILE A 1 110 ? 11.982  11.825  6.167   1.00 17.49 ? 175 ILE A N   1 
ATOM   855  C CA  . ILE A 1 110 ? 12.619  10.623  6.620   1.00 16.95 ? 175 ILE A CA  1 
ATOM   856  C C   . ILE A 1 110 ? 12.590  10.669  8.160   1.00 17.82 ? 175 ILE A C   1 
ATOM   857  O O   . ILE A 1 110 ? 12.815  11.733  8.791   1.00 17.67 ? 175 ILE A O   1 
ATOM   858  C CB  . ILE A 1 110 ? 14.021  10.465  5.939   1.00 17.07 ? 175 ILE A CB  1 
ATOM   859  C CG1 . ILE A 1 110 ? 13.795  10.057  4.460   1.00 16.09 ? 175 ILE A CG1 1 
ATOM   860  C CG2 . ILE A 1 110 ? 14.891  9.468   6.706   1.00 16.03 ? 175 ILE A CG2 1 
ATOM   861  C CD1 . ILE A 1 110 ? 15.021  9.820   3.586   1.00 16.03 ? 175 ILE A CD1 1 
ATOM   862  N N   . GLY A 1 111 ? 12.229  9.541   8.762   1.00 17.46 ? 176 GLY A N   1 
ATOM   863  C CA  . GLY A 1 111 ? 12.132  9.486   10.212  1.00 17.12 ? 176 GLY A CA  1 
ATOM   864  C C   . GLY A 1 111 ? 10.714  9.553   10.693  1.00 17.28 ? 176 GLY A C   1 
ATOM   865  O O   . GLY A 1 111 ? 10.453  9.161   11.823  1.00 16.98 ? 176 GLY A O   1 
ATOM   866  N N   . ASP A 1 112 ? 9.810   10.077  9.842   1.00 17.90 ? 177 ASP A N   1 
ATOM   867  C CA  . ASP A 1 112 ? 8.359   10.167  10.125  1.00 17.90 ? 177 ASP A CA  1 
ATOM   868  C C   . ASP A 1 112 ? 7.673   8.809   10.031  1.00 17.35 ? 177 ASP A C   1 
ATOM   869  O O   . ASP A 1 112 ? 8.109   7.924   9.301   1.00 18.00 ? 177 ASP A O   1 
ATOM   870  C CB  . ASP A 1 112 ? 7.633   11.143  9.185   1.00 17.94 ? 177 ASP A CB  1 
ATOM   871  C CG  . ASP A 1 112 ? 7.954   12.603  9.467   1.00 20.63 ? 177 ASP A CG  1 
ATOM   872  O OD1 . ASP A 1 112 ? 8.602   12.890  10.523  1.00 23.61 ? 177 ASP A OD1 1 
ATOM   873  O OD2 . ASP A 1 112 ? 7.566   13.463  8.619   1.00 18.82 ? 177 ASP A OD2 1 
ATOM   874  N N   . THR A 1 113 ? 6.563   8.698   10.750  1.00 16.64 ? 178 THR A N   1 
ATOM   875  C CA  . THR A 1 113 ? 5.833   7.469   10.953  1.00 15.39 ? 178 THR A CA  1 
ATOM   876  C C   . THR A 1 113 ? 4.427   7.534   10.311  1.00 15.09 ? 178 THR A C   1 
ATOM   877  O O   . THR A 1 113 ? 3.722   8.547   10.409  1.00 14.98 ? 178 THR A O   1 
ATOM   878  C CB  . THR A 1 113 ? 5.745   7.183   12.467  1.00 15.01 ? 178 THR A CB  1 
ATOM   879  O OG1 . THR A 1 113 ? 7.070   6.938   12.961  1.00 15.92 ? 178 THR A OG1 1 
ATOM   880  C CG2 . THR A 1 113 ? 4.882   5.972   12.782  1.00 15.88 ? 178 THR A CG2 1 
ATOM   881  N N   . PHE A 1 114 ? 4.049   6.456   9.625   1.00 13.96 ? 179 PHE A N   1 
ATOM   882  C CA  . PHE A 1 114 ? 2.676   6.294   9.195   1.00 13.02 ? 179 PHE A CA  1 
ATOM   883  C C   . PHE A 1 114 ? 2.156   4.929   9.620   1.00 12.60 ? 179 PHE A C   1 
ATOM   884  O O   . PHE A 1 114 ? 2.944   4.026   9.941   1.00 12.62 ? 179 PHE A O   1 
ATOM   885  C CB  . PHE A 1 114 ? 2.466   6.629   7.704   1.00 12.08 ? 179 PHE A CB  1 
ATOM   886  C CG  . PHE A 1 114 ? 3.159   5.705   6.747   1.00 11.68 ? 179 PHE A CG  1 
ATOM   887  C CD1 . PHE A 1 114 ? 4.441   6.025   6.248   1.00 11.87 ? 179 PHE A CD1 1 
ATOM   888  C CD2 . PHE A 1 114 ? 2.516   4.534   6.279   1.00 9.15  ? 179 PHE A CD2 1 
ATOM   889  C CE1 . PHE A 1 114 ? 5.098   5.163   5.318   1.00 10.44 ? 179 PHE A CE1 1 
ATOM   890  C CE2 . PHE A 1 114 ? 3.157   3.671   5.363   1.00 8.35  ? 179 PHE A CE2 1 
ATOM   891  C CZ  . PHE A 1 114 ? 4.450   3.977   4.897   1.00 9.66  ? 179 PHE A CZ  1 
ATOM   892  N N   . TYR A 1 115 ? 0.827   4.827   9.677   1.00 11.93 ? 180 TYR A N   1 
ATOM   893  C CA  . TYR A 1 115 ? 0.109   3.631   10.108  1.00 11.69 ? 180 TYR A CA  1 
ATOM   894  C C   . TYR A 1 115 ? -0.882  3.207   9.047   1.00 11.40 ? 180 TYR A C   1 
ATOM   895  O O   . TYR A 1 115 ? -1.513  4.058   8.379   1.00 10.70 ? 180 TYR A O   1 
ATOM   896  C CB  . TYR A 1 115 ? -0.663  3.859   11.431  1.00 12.28 ? 180 TYR A CB  1 
ATOM   897  C CG  . TYR A 1 115 ? 0.172   4.505   12.496  1.00 12.95 ? 180 TYR A CG  1 
ATOM   898  C CD1 . TYR A 1 115 ? 0.050   5.875   12.765  1.00 13.16 ? 180 TYR A CD1 1 
ATOM   899  C CD2 . TYR A 1 115 ? 1.139   3.767   13.191  1.00 12.96 ? 180 TYR A CD2 1 
ATOM   900  C CE1 . TYR A 1 115 ? 0.876   6.499   13.720  1.00 14.54 ? 180 TYR A CE1 1 
ATOM   901  C CE2 . TYR A 1 115 ? 1.966   4.378   14.132  1.00 14.01 ? 180 TYR A CE2 1 
ATOM   902  C CZ  . TYR A 1 115 ? 1.827   5.743   14.405  1.00 14.27 ? 180 TYR A CZ  1 
ATOM   903  O OH  . TYR A 1 115 ? 2.627   6.341   15.363  1.00 13.56 ? 180 TYR A OH  1 
ATOM   904  N N   . ILE A 1 116 ? -0.996  1.887   8.892   1.00 10.79 ? 181 ILE A N   1 
ATOM   905  C CA  . ILE A 1 116 ? -2.054  1.298   8.136   1.00 9.90  ? 181 ILE A CA  1 
ATOM   906  C C   . ILE A 1 116 ? -2.900  0.516   9.123   1.00 11.04 ? 181 ILE A C   1 
ATOM   907  O O   . ILE A 1 116 ? -2.397  -0.375  9.807   1.00 11.35 ? 181 ILE A O   1 
ATOM   908  C CB  . ILE A 1 116 ? -1.517  0.409   7.004   1.00 10.48 ? 181 ILE A CB  1 
ATOM   909  C CG1 . ILE A 1 116 ? -0.725  1.259   5.978   1.00 8.59  ? 181 ILE A CG1 1 
ATOM   910  C CG2 . ILE A 1 116 ? -2.671  -0.400  6.348   1.00 7.41  ? 181 ILE A CG2 1 
ATOM   911  C CD1 . ILE A 1 116 ? -0.043  0.421   4.890   1.00 7.41  ? 181 ILE A CD1 1 
ATOM   912  N N   . HIS A 1 117 ? -4.180  0.885   9.214   1.00 11.24 ? 182 HIS A N   1 
ATOM   913  C CA  . HIS A 1 117 ? -5.129  0.249   10.115  1.00 11.75 ? 182 HIS A CA  1 
ATOM   914  C C   . HIS A 1 117 ? -6.007  -0.761  9.348   1.00 12.03 ? 182 HIS A C   1 
ATOM   915  O O   . HIS A 1 117 ? -6.844  -0.374  8.535   1.00 12.39 ? 182 HIS A O   1 
ATOM   916  C CB  . HIS A 1 117 ? -6.041  1.286   10.759  1.00 11.72 ? 182 HIS A CB  1 
ATOM   917  C CG  . HIS A 1 117 ? -5.327  2.404   11.465  1.00 13.58 ? 182 HIS A CG  1 
ATOM   918  N ND1 . HIS A 1 117 ? -4.749  2.256   12.709  1.00 14.33 ? 182 HIS A ND1 1 
ATOM   919  C CD2 . HIS A 1 117 ? -5.172  3.709   11.136  1.00 13.17 ? 182 HIS A CD2 1 
ATOM   920  C CE1 . HIS A 1 117 ? -4.235  3.411   13.095  1.00 14.33 ? 182 HIS A CE1 1 
ATOM   921  N NE2 . HIS A 1 117 ? -4.477  4.307   12.159  1.00 14.56 ? 182 HIS A NE2 1 
ATOM   922  N N   . ASN A 1 118 ? -5.799  -2.049  9.577   1.00 11.74 ? 183 ASN A N   1 
ATOM   923  C CA  . ASN A 1 118 ? -6.601  -3.047  8.890   1.00 11.84 ? 183 ASN A CA  1 
ATOM   924  C C   . ASN A 1 118 ? -7.540  -3.685  9.894   1.00 12.08 ? 183 ASN A C   1 
ATOM   925  O O   . ASN A 1 118 ? -7.643  -3.207  11.014  1.00 12.43 ? 183 ASN A O   1 
ATOM   926  C CB  . ASN A 1 118 ? -5.753  -4.052  8.048   1.00 11.72 ? 183 ASN A CB  1 
ATOM   927  C CG  . ASN A 1 118 ? -4.718  -4.864  8.885   1.00 10.17 ? 183 ASN A CG  1 
ATOM   928  O OD1 . ASN A 1 118 ? -5.015  -5.374  9.954   1.00 8.59  ? 183 ASN A OD1 1 
ATOM   929  N ND2 . ASN A 1 118 ? -3.524  -5.007  8.349   1.00 9.67  ? 183 ASN A ND2 1 
ATOM   930  N N   . ILE A 1 119 ? -8.240  -4.733  9.499   1.00 12.67 ? 184 ILE A N   1 
ATOM   931  C CA  . ILE A 1 119 ? -9.264  -5.298  10.351  1.00 13.21 ? 184 ILE A CA  1 
ATOM   932  C C   . ILE A 1 119 ? -8.621  -6.042  11.521  1.00 13.24 ? 184 ILE A C   1 
ATOM   933  O O   . ILE A 1 119 ? -9.281  -6.318  12.511  1.00 12.84 ? 184 ILE A O   1 
ATOM   934  C CB  . ILE A 1 119 ? -10.252 -6.209  9.534   1.00 13.86 ? 184 ILE A CB  1 
ATOM   935  C CG1 . ILE A 1 119 ? -11.533 -6.519  10.342  1.00 13.55 ? 184 ILE A CG1 1 
ATOM   936  C CG2 . ILE A 1 119 ? -9.540  -7.475  8.985   1.00 12.84 ? 184 ILE A CG2 1 
ATOM   937  C CD1 . ILE A 1 119 ? -12.479 -5.294  10.599  1.00 12.65 ? 184 ILE A CD1 1 
ATOM   938  N N   . VAL A 1 120 ? -7.326  -6.337  11.398  1.00 13.27 ? 185 VAL A N   1 
ATOM   939  C CA  . VAL A 1 120 ? -6.593  -7.104  12.403  1.00 13.18 ? 185 VAL A CA  1 
ATOM   940  C C   . VAL A 1 120 ? -5.878  -6.171  13.396  1.00 13.74 ? 185 VAL A C   1 
ATOM   941  O O   . VAL A 1 120 ? -5.911  -6.394  14.602  1.00 12.88 ? 185 VAL A O   1 
ATOM   942  C CB  . VAL A 1 120 ? -5.561  -8.086  11.715  1.00 13.20 ? 185 VAL A CB  1 
ATOM   943  C CG1 . VAL A 1 120 ? -4.604  -8.759  12.747  1.00 11.96 ? 185 VAL A CG1 1 
ATOM   944  C CG2 . VAL A 1 120 ? -6.272  -9.121  10.807  1.00 11.71 ? 185 VAL A CG2 1 
ATOM   945  N N   . GLU A 1 121 ? -5.276  -5.098  12.866  1.00 14.81 ? 186 GLU A N   1 
ATOM   946  C CA  . GLU A 1 121 ? -4.181  -4.408  13.521  1.00 15.31 ? 186 GLU A CA  1 
ATOM   947  C C   . GLU A 1 121 ? -3.932  -3.068  12.928  1.00 15.30 ? 186 GLU A C   1 
ATOM   948  O O   . GLU A 1 121 ? -4.254  -2.807  11.776  1.00 15.69 ? 186 GLU A O   1 
ATOM   949  C CB  . GLU A 1 121 ? -2.862  -5.122  13.201  1.00 16.31 ? 186 GLU A CB  1 
ATOM   950  C CG  . GLU A 1 121 ? -2.426  -6.150  14.146  1.00 17.57 ? 186 GLU A CG  1 
ATOM   951  C CD  . GLU A 1 121 ? -1.096  -6.723  13.733  1.00 20.08 ? 186 GLU A CD  1 
ATOM   952  O OE1 . GLU A 1 121 ? -0.964  -7.242  12.583  1.00 17.10 ? 186 GLU A OE1 1 
ATOM   953  O OE2 . GLU A 1 121 ? -0.180  -6.642  14.593  1.00 23.81 ? 186 GLU A OE2 1 
ATOM   954  N N   . THR A 1 122 ? -3.251  -2.257  13.731  1.00 15.13 ? 187 THR A N   1 
ATOM   955  C CA  . THR A 1 122 ? -2.484  -1.132  13.264  1.00 14.13 ? 187 THR A CA  1 
ATOM   956  C C   . THR A 1 122 ? -1.073  -1.629  12.959  1.00 13.80 ? 187 THR A C   1 
ATOM   957  O O   . THR A 1 122 ? -0.460  -2.334  13.771  1.00 13.00 ? 187 THR A O   1 
ATOM   958  C CB  . THR A 1 122 ? -2.446  -0.035  14.325  1.00 13.49 ? 187 THR A CB  1 
ATOM   959  O OG1 . THR A 1 122 ? -3.782  0.410   14.541  1.00 13.77 ? 187 THR A OG1 1 
ATOM   960  C CG2 . THR A 1 122 ? -1.602  1.142   13.877  1.00 12.74 ? 187 THR A CG2 1 
ATOM   961  N N   . LEU A 1 123 ? -0.594  -1.248  11.773  1.00 13.33 ? 188 LEU A N   1 
ATOM   962  C CA  . LEU A 1 123 ? 0.782   -1.445  11.365  1.00 13.19 ? 188 LEU A CA  1 
ATOM   963  C C   . LEU A 1 123 ? 1.492   -0.099  11.287  1.00 13.24 ? 188 LEU A C   1 
ATOM   964  O O   . LEU A 1 123 ? 0.947   0.863   10.775  1.00 12.78 ? 188 LEU A O   1 
ATOM   965  C CB  . LEU A 1 123 ? 0.849   -2.119  9.993   1.00 12.70 ? 188 LEU A CB  1 
ATOM   966  C CG  . LEU A 1 123 ? 0.001   -3.349  9.723   1.00 10.73 ? 188 LEU A CG  1 
ATOM   967  C CD1 . LEU A 1 123 ? -0.184  -3.439  8.232   1.00 8.53  ? 188 LEU A CD1 1 
ATOM   968  C CD2 . LEU A 1 123 ? 0.687   -4.581  10.293  1.00 7.58  ? 188 LEU A CD2 1 
ATOM   969  N N   . ALA A 1 124 ? 2.718   -0.062  11.793  1.00 13.55 ? 189 ALA A N   1 
ATOM   970  C CA  . ALA A 1 124 ? 3.507   1.156   11.863  1.00 13.66 ? 189 ALA A CA  1 
ATOM   971  C C   . ALA A 1 124 ? 4.703   1.053   10.925  1.00 13.48 ? 189 ALA A C   1 
ATOM   972  O O   . ALA A 1 124 ? 5.398   0.050   10.927  1.00 13.94 ? 189 ALA A O   1 
ATOM   973  C CB  . ALA A 1 124 ? 3.967   1.387   13.297  1.00 13.57 ? 189 ALA A CB  1 
ATOM   974  N N   . TYR A 1 125 ? 4.919   2.079   10.108  1.00 13.53 ? 190 TYR A N   1 
ATOM   975  C CA  . TYR A 1 125 ? 6.078   2.136   9.201   1.00 13.14 ? 190 TYR A CA  1 
ATOM   976  C C   . TYR A 1 125 ? 6.803   3.444   9.439   1.00 13.47 ? 190 TYR A C   1 
ATOM   977  O O   . TYR A 1 125 ? 6.168   4.469   9.700   1.00 13.04 ? 190 TYR A O   1 
ATOM   978  C CB  . TYR A 1 125 ? 5.670   1.991   7.712   1.00 12.59 ? 190 TYR A CB  1 
ATOM   979  C CG  . TYR A 1 125 ? 5.126   0.623   7.395   1.00 11.88 ? 190 TYR A CG  1 
ATOM   980  C CD1 . TYR A 1 125 ? 3.798   0.303   7.683   1.00 12.15 ? 190 TYR A CD1 1 
ATOM   981  C CD2 . TYR A 1 125 ? 5.935   -0.360  6.842   1.00 12.18 ? 190 TYR A CD2 1 
ATOM   982  C CE1 . TYR A 1 125 ? 3.281   -0.939  7.431   1.00 11.33 ? 190 TYR A CE1 1 
ATOM   983  C CE2 . TYR A 1 125 ? 5.435   -1.628  6.582   1.00 11.51 ? 190 TYR A CE2 1 
ATOM   984  C CZ  . TYR A 1 125 ? 4.098   -1.916  6.887   1.00 12.19 ? 190 TYR A CZ  1 
ATOM   985  O OH  . TYR A 1 125 ? 3.561   -3.172  6.648   1.00 11.52 ? 190 TYR A OH  1 
ATOM   986  N N   . GLU A 1 126 ? 8.135   3.388   9.379   1.00 14.43 ? 191 GLU A N   1 
ATOM   987  C CA  . GLU A 1 126 ? 8.979   4.561   9.512   1.00 15.74 ? 191 GLU A CA  1 
ATOM   988  C C   . GLU A 1 126 ? 9.582   4.928   8.159   1.00 15.59 ? 191 GLU A C   1 
ATOM   989  O O   . GLU A 1 126 ? 10.315  4.125   7.558   1.00 15.64 ? 191 GLU A O   1 
ATOM   990  C CB  . GLU A 1 126 ? 10.089  4.278   10.524  1.00 15.52 ? 191 GLU A CB  1 
ATOM   991  C CG  . GLU A 1 126 ? 10.953  5.495   10.921  1.00 17.32 ? 191 GLU A CG  1 
ATOM   992  C CD  . GLU A 1 126 ? 12.002  5.134   11.966  1.00 18.55 ? 191 GLU A CD  1 
ATOM   993  O OE1 . GLU A 1 126 ? 11.607  4.793   13.116  1.00 22.87 ? 191 GLU A OE1 1 
ATOM   994  O OE2 . GLU A 1 126 ? 13.214  5.180   11.639  1.00 22.18 ? 191 GLU A OE2 1 
ATOM   995  N N   . VAL A 1 127 ? 9.292   6.137   7.689   1.00 15.62 ? 192 VAL A N   1 
ATOM   996  C CA  . VAL A 1 127 ? 9.853   6.633   6.419   1.00 16.01 ? 192 VAL A CA  1 
ATOM   997  C C   . VAL A 1 127 ? 11.386  6.573   6.365   1.00 16.77 ? 192 VAL A C   1 
ATOM   998  O O   . VAL A 1 127 ? 12.070  7.260   7.157   1.00 17.54 ? 192 VAL A O   1 
ATOM   999  C CB  . VAL A 1 127 ? 9.351   8.067   6.077   1.00 15.92 ? 192 VAL A CB  1 
ATOM   1000 C CG1 . VAL A 1 127 ? 9.985   8.573   4.771   1.00 15.18 ? 192 VAL A CG1 1 
ATOM   1001 C CG2 . VAL A 1 127 ? 7.824   8.085   5.993   1.00 15.90 ? 192 VAL A CG2 1 
ATOM   1002 N N   . ASP A 1 128 ? 11.913  5.747   5.443   1.00 16.85 ? 193 ASP A N   1 
ATOM   1003 C CA  . ASP A 1 128 ? 13.359  5.592   5.254   1.00 16.98 ? 193 ASP A CA  1 
ATOM   1004 C C   . ASP A 1 128 ? 13.908  5.998   3.867   1.00 17.22 ? 193 ASP A C   1 
ATOM   1005 O O   . ASP A 1 128 ? 15.130  5.950   3.656   1.00 16.32 ? 193 ASP A O   1 
ATOM   1006 C CB  . ASP A 1 128 ? 13.793  4.164   5.599   1.00 17.88 ? 193 ASP A CB  1 
ATOM   1007 C CG  . ASP A 1 128 ? 13.365  3.137   4.553   1.00 19.77 ? 193 ASP A CG  1 
ATOM   1008 O OD1 . ASP A 1 128 ? 12.552  3.474   3.669   1.00 22.66 ? 193 ASP A OD1 1 
ATOM   1009 O OD2 . ASP A 1 128 ? 13.837  1.978   4.622   1.00 21.91 ? 193 ASP A OD2 1 
ATOM   1010 N N   . GLN A 1 129 ? 13.007  6.390   2.935   1.00 16.72 ? 194 GLN A N   1 
ATOM   1011 C CA  . GLN A 1 129 ? 13.364  6.757   1.556   1.00 15.69 ? 194 GLN A CA  1 
ATOM   1012 C C   . GLN A 1 129 ? 12.242  7.502   0.815   1.00 15.18 ? 194 GLN A C   1 
ATOM   1013 O O   . GLN A 1 129 ? 11.101  7.071   0.804   1.00 14.76 ? 194 GLN A O   1 
ATOM   1014 C CB  . GLN A 1 129 ? 13.781  5.524   0.775   1.00 15.39 ? 194 GLN A CB  1 
ATOM   1015 C CG  . GLN A 1 129 ? 14.015  5.758   -0.696  1.00 17.85 ? 194 GLN A CG  1 
ATOM   1016 C CD  . GLN A 1 129 ? 14.460  4.492   -1.397  1.00 20.59 ? 194 GLN A CD  1 
ATOM   1017 O OE1 . GLN A 1 129 ? 15.528  3.956   -1.093  1.00 22.10 ? 194 GLN A OE1 1 
ATOM   1018 N NE2 . GLN A 1 129 ? 13.631  3.985   -2.319  1.00 20.14 ? 194 GLN A NE2 1 
ATOM   1019 N N   . ILE A 1 130 ? 12.586  8.636   0.219   1.00 14.97 ? 195 ILE A N   1 
ATOM   1020 C CA  . ILE A 1 130 ? 11.662  9.435   -0.580  1.00 14.90 ? 195 ILE A CA  1 
ATOM   1021 C C   . ILE A 1 130 ? 12.322  9.620   -1.941  1.00 14.52 ? 195 ILE A C   1 
ATOM   1022 O O   . ILE A 1 130 ? 13.482  10.017  -2.040  1.00 14.75 ? 195 ILE A O   1 
ATOM   1023 C CB  . ILE A 1 130 ? 11.315  10.782  0.091   1.00 14.92 ? 195 ILE A CB  1 
ATOM   1024 C CG1 . ILE A 1 130 ? 10.585  10.524  1.397   1.00 15.32 ? 195 ILE A CG1 1 
ATOM   1025 C CG2 . ILE A 1 130 ? 10.463  11.687  -0.831  1.00 14.32 ? 195 ILE A CG2 1 
ATOM   1026 C CD1 . ILE A 1 130 ? 10.718  11.650  2.377   1.00 16.01 ? 195 ILE A CD1 1 
ATOM   1027 N N   . VAL A 1 131 ? 11.576  9.283   -2.983  1.00 14.15 ? 196 VAL A N   1 
ATOM   1028 C CA  . VAL A 1 131 ? 12.090  9.225   -4.335  1.00 13.85 ? 196 VAL A CA  1 
ATOM   1029 C C   . VAL A 1 131 ? 11.069  9.937   -5.230  1.00 14.07 ? 196 VAL A C   1 
ATOM   1030 O O   . VAL A 1 131 ? 9.866   9.789   -5.043  1.00 13.02 ? 196 VAL A O   1 
ATOM   1031 C CB  . VAL A 1 131 ? 12.363  7.736   -4.748  1.00 13.58 ? 196 VAL A CB  1 
ATOM   1032 C CG1 . VAL A 1 131 ? 12.207  7.503   -6.235  1.00 13.86 ? 196 VAL A CG1 1 
ATOM   1033 C CG2 . VAL A 1 131 ? 13.757  7.305   -4.306  1.00 14.20 ? 196 VAL A CG2 1 
ATOM   1034 N N   . VAL A 1 132 ? 11.567  10.753  -6.156  1.00 15.13 ? 197 VAL A N   1 
ATOM   1035 C CA  . VAL A 1 132 ? 10.751  11.269  -7.239  1.00 16.40 ? 197 VAL A CA  1 
ATOM   1036 C C   . VAL A 1 132 ? 11.152  10.485  -8.490  1.00 17.81 ? 197 VAL A C   1 
ATOM   1037 O O   . VAL A 1 132 ? 12.293  10.589  -8.961  1.00 17.94 ? 197 VAL A O   1 
ATOM   1038 C CB  . VAL A 1 132 ? 10.916  12.811  -7.407  1.00 16.57 ? 197 VAL A CB  1 
ATOM   1039 C CG1 . VAL A 1 132 ? 10.232  13.317  -8.683  1.00 15.14 ? 197 VAL A CG1 1 
ATOM   1040 C CG2 . VAL A 1 132 ? 10.377  13.526  -6.179  1.00 15.30 ? 197 VAL A CG2 1 
ATOM   1041 N N   . ALA A 1 133 ? 10.217  9.676   -8.993  1.00 18.80 ? 198 ALA A N   1 
ATOM   1042 C CA  . ALA A 1 133 ? 10.449  8.819   -10.160 1.00 20.03 ? 198 ALA A CA  1 
ATOM   1043 C C   . ALA A 1 133 ? 9.508   9.128   -11.328 1.00 20.97 ? 198 ALA A C   1 
ATOM   1044 O O   . ALA A 1 133 ? 8.422   9.679   -11.142 1.00 20.69 ? 198 ALA A O   1 
ATOM   1045 C CB  . ALA A 1 133 ? 10.324  7.349   -9.770  1.00 19.75 ? 198 ALA A CB  1 
ATOM   1046 N N   . GLU A 1 134 ? 9.930   8.749   -12.531 1.00 21.85 ? 199 GLU A N   1 
ATOM   1047 C CA  . GLU A 1 134 ? 9.056   8.777   -13.710 1.00 22.77 ? 199 GLU A CA  1 
ATOM   1048 C C   . GLU A 1 134 ? 7.949   7.736   -13.575 1.00 22.11 ? 199 GLU A C   1 
ATOM   1049 O O   . GLU A 1 134 ? 8.184   6.674   -13.010 1.00 22.56 ? 199 GLU A O   1 
ATOM   1050 C CB  . GLU A 1 134 ? 9.866   8.530   -14.980 1.00 22.29 ? 199 GLU A CB  1 
ATOM   1051 C CG  . GLU A 1 134 ? 10.753  9.715   -15.350 1.00 24.55 ? 199 GLU A CG  1 
ATOM   1052 C CD  . GLU A 1 134 ? 11.659  9.456   -16.554 1.00 25.81 ? 199 GLU A CD  1 
ATOM   1053 O OE1 . GLU A 1 134 ? 11.767  8.271   -17.009 1.00 27.81 ? 199 GLU A OE1 1 
ATOM   1054 O OE2 . GLU A 1 134 ? 12.261  10.461  -17.034 1.00 28.44 ? 199 GLU A OE2 1 
ATOM   1055 N N   . PRO A 1 135 ? 6.746   8.027   -14.116 1.00 22.14 ? 200 PRO A N   1 
ATOM   1056 C CA  . PRO A 1 135 ? 5.552   7.202   -13.942 1.00 22.34 ? 200 PRO A CA  1 
ATOM   1057 C C   . PRO A 1 135 ? 5.708   5.716   -14.315 1.00 22.89 ? 200 PRO A C   1 
ATOM   1058 O O   . PRO A 1 135 ? 4.960   4.863   -13.821 1.00 23.03 ? 200 PRO A O   1 
ATOM   1059 C CB  . PRO A 1 135 ? 4.547   7.858   -14.879 1.00 22.34 ? 200 PRO A CB  1 
ATOM   1060 C CG  . PRO A 1 135 ? 5.005   9.250   -14.998 1.00 21.73 ? 200 PRO A CG  1 
ATOM   1061 C CD  . PRO A 1 135 ? 6.468   9.195   -14.974 1.00 21.71 ? 200 PRO A CD  1 
ATOM   1062 N N   . THR A 1 136 ? 6.652   5.390   -15.178 1.00 23.17 ? 201 THR A N   1 
ATOM   1063 C CA  . THR A 1 136 ? 6.791   4.001   -15.557 1.00 24.02 ? 201 THR A CA  1 
ATOM   1064 C C   . THR A 1 136 ? 7.975   3.312   -14.855 1.00 24.53 ? 201 THR A C   1 
ATOM   1065 O O   . THR A 1 136 ? 8.241   2.144   -15.100 1.00 24.71 ? 201 THR A O   1 
ATOM   1066 C CB  . THR A 1 136 ? 6.806   3.824   -17.088 1.00 23.91 ? 201 THR A CB  1 
ATOM   1067 O OG1 . THR A 1 136 ? 7.692   4.787   -17.662 1.00 24.57 ? 201 THR A OG1 1 
ATOM   1068 C CG2 . THR A 1 136 ? 5.391   4.022   -17.662 1.00 23.38 ? 201 THR A CG2 1 
ATOM   1069 N N   . GLN A 1 137 ? 8.643   4.028   -13.950 1.00 24.70 ? 202 GLN A N   1 
ATOM   1070 C CA  . GLN A 1 137 ? 9.744   3.461   -13.181 1.00 25.05 ? 202 GLN A CA  1 
ATOM   1071 C C   . GLN A 1 137 ? 9.289   2.776   -11.888 1.00 25.13 ? 202 GLN A C   1 
ATOM   1072 O O   . GLN A 1 137 ? 8.928   3.434   -10.907 1.00 25.31 ? 202 GLN A O   1 
ATOM   1073 C CB  . GLN A 1 137 ? 10.796  4.529   -12.881 1.00 25.24 ? 202 GLN A CB  1 
ATOM   1074 C CG  . GLN A 1 137 ? 11.971  4.030   -12.029 1.00 26.42 ? 202 GLN A CG  1 
ATOM   1075 C CD  . GLN A 1 137 ? 12.654  2.804   -12.607 1.00 28.42 ? 202 GLN A CD  1 
ATOM   1076 O OE1 . GLN A 1 137 ? 12.137  1.676   -12.527 1.00 27.40 ? 202 GLN A OE1 1 
ATOM   1077 N NE2 . GLN A 1 137 ? 13.835  3.015   -13.184 1.00 28.91 ? 202 GLN A NE2 1 
ATOM   1078 N N   . PHE A 1 138 ? 9.368   1.450   -11.877 1.00 25.17 ? 203 PHE A N   1 
ATOM   1079 C CA  . PHE A 1 138 ? 8.809   0.649   -10.795 1.00 25.08 ? 203 PHE A CA  1 
ATOM   1080 C C   . PHE A 1 138 ? 9.820   0.045   -9.821  1.00 24.66 ? 203 PHE A C   1 
ATOM   1081 O O   . PHE A 1 138 ? 9.423   -0.528  -8.809  1.00 24.40 ? 203 PHE A O   1 
ATOM   1082 C CB  . PHE A 1 138 ? 7.889   -0.447  -11.370 1.00 25.91 ? 203 PHE A CB  1 
ATOM   1083 C CG  . PHE A 1 138 ? 6.577   0.080   -11.887 1.00 25.86 ? 203 PHE A CG  1 
ATOM   1084 C CD1 . PHE A 1 138 ? 6.453   0.498   -13.197 1.00 27.32 ? 203 PHE A CD1 1 
ATOM   1085 C CD2 . PHE A 1 138 ? 5.470   0.169   -11.047 1.00 29.32 ? 203 PHE A CD2 1 
ATOM   1086 C CE1 . PHE A 1 138 ? 5.241   1.003   -13.687 1.00 28.73 ? 203 PHE A CE1 1 
ATOM   1087 C CE2 . PHE A 1 138 ? 4.240   0.676   -11.512 1.00 29.95 ? 203 PHE A CE2 1 
ATOM   1088 C CZ  . PHE A 1 138 ? 4.132   1.098   -12.841 1.00 29.32 ? 203 PHE A CZ  1 
ATOM   1089 N N   . GLU A 1 139 ? 11.110  0.200   -10.108 1.00 24.18 ? 204 GLU A N   1 
ATOM   1090 C CA  . GLU A 1 139 ? 12.194  -0.449  -9.339  1.00 24.53 ? 204 GLU A CA  1 
ATOM   1091 C C   . GLU A 1 139 ? 12.167  -0.279  -7.797  1.00 23.14 ? 204 GLU A C   1 
ATOM   1092 O O   . GLU A 1 139 ? 12.723  -1.115  -7.069  1.00 23.39 ? 204 GLU A O   1 
ATOM   1093 C CB  . GLU A 1 139 ? 13.558  -0.007  -9.887  1.00 24.55 ? 204 GLU A CB  1 
ATOM   1094 C CG  . GLU A 1 139 ? 13.826  1.481   -9.647  1.00 27.24 ? 204 GLU A CG  1 
ATOM   1095 C CD  . GLU A 1 139 ? 15.067  2.022   -10.336 1.00 27.99 ? 204 GLU A CD  1 
ATOM   1096 O OE1 . GLU A 1 139 ? 15.840  1.211   -10.916 1.00 31.34 ? 204 GLU A OE1 1 
ATOM   1097 O OE2 . GLU A 1 139 ? 15.262  3.277   -10.275 1.00 32.64 ? 204 GLU A OE2 1 
ATOM   1098 N N   . GLU A 1 140 ? 11.539  0.803   -7.320  1.00 21.66 ? 205 GLU A N   1 
ATOM   1099 C CA  . GLU A 1 140 ? 11.443  1.125   -5.891  1.00 20.13 ? 205 GLU A CA  1 
ATOM   1100 C C   . GLU A 1 140 ? 10.138  0.649   -5.245  1.00 19.45 ? 205 GLU A C   1 
ATOM   1101 O O   . GLU A 1 140 ? 9.936   0.786   -4.035  1.00 18.57 ? 205 GLU A O   1 
ATOM   1102 C CB  . GLU A 1 140 ? 11.622  2.627   -5.668  1.00 20.24 ? 205 GLU A CB  1 
ATOM   1103 C CG  . GLU A 1 140 ? 12.984  3.159   -6.107  1.00 21.02 ? 205 GLU A CG  1 
ATOM   1104 C CD  . GLU A 1 140 ? 14.170  2.567   -5.316  1.00 21.30 ? 205 GLU A CD  1 
ATOM   1105 O OE1 . GLU A 1 140 ? 13.978  1.910   -4.256  1.00 20.29 ? 205 GLU A OE1 1 
ATOM   1106 O OE2 . GLU A 1 140 ? 15.313  2.784   -5.769  1.00 21.40 ? 205 GLU A OE2 1 
ATOM   1107 N N   . LEU A 1 141 ? 9.259   0.076   -6.052  1.00 18.43 ? 206 LEU A N   1 
ATOM   1108 C CA  . LEU A 1 141 ? 8.000   -0.420  -5.537  1.00 18.56 ? 206 LEU A CA  1 
ATOM   1109 C C   . LEU A 1 141 ? 7.971   -1.950  -5.410  1.00 18.63 ? 206 LEU A C   1 
ATOM   1110 O O   . LEU A 1 141 ? 6.931   -2.533  -5.107  1.00 18.98 ? 206 LEU A O   1 
ATOM   1111 C CB  . LEU A 1 141 ? 6.832   0.102   -6.401  1.00 18.26 ? 206 LEU A CB  1 
ATOM   1112 C CG  . LEU A 1 141 ? 6.740   1.626   -6.557  1.00 17.75 ? 206 LEU A CG  1 
ATOM   1113 C CD1 . LEU A 1 141 ? 5.647   2.027   -7.544  1.00 16.63 ? 206 LEU A CD1 1 
ATOM   1114 C CD2 . LEU A 1 141 ? 6.549   2.319   -5.205  1.00 15.42 ? 206 LEU A CD2 1 
ATOM   1115 N N   . LEU A 1 142 ? 9.109   -2.607  -5.634  1.00 19.02 ? 207 LEU A N   1 
ATOM   1116 C CA  . LEU A 1 142 ? 9.112   -4.075  -5.728  1.00 19.19 ? 207 LEU A CA  1 
ATOM   1117 C C   . LEU A 1 142 ? 9.194   -4.731  -4.340  1.00 19.33 ? 207 LEU A C   1 
ATOM   1118 O O   . LEU A 1 142 ? 9.466   -4.057  -3.345  1.00 19.20 ? 207 LEU A O   1 
ATOM   1119 C CB  . LEU A 1 142 ? 10.204  -4.581  -6.697  1.00 18.99 ? 207 LEU A CB  1 
ATOM   1120 C CG  . LEU A 1 142 ? 10.227  -3.951  -8.108  1.00 19.06 ? 207 LEU A CG  1 
ATOM   1121 C CD1 . LEU A 1 142 ? 11.370  -4.485  -8.961  1.00 15.98 ? 207 LEU A CD1 1 
ATOM   1122 C CD2 . LEU A 1 142 ? 8.868   -4.104  -8.835  1.00 17.28 ? 207 LEU A CD2 1 
ATOM   1123 N N   . VAL A 1 143 ? 8.916   -6.033  -4.280  1.00 19.21 ? 208 VAL A N   1 
ATOM   1124 C CA  . VAL A 1 143 ? 9.032   -6.780  -3.044  1.00 19.13 ? 208 VAL A CA  1 
ATOM   1125 C C   . VAL A 1 143 ? 10.518  -7.052  -2.754  1.00 19.37 ? 208 VAL A C   1 
ATOM   1126 O O   . VAL A 1 143 ? 11.255  -7.597  -3.590  1.00 19.85 ? 208 VAL A O   1 
ATOM   1127 C CB  . VAL A 1 143 ? 8.225   -8.103  -3.082  1.00 18.97 ? 208 VAL A CB  1 
ATOM   1128 C CG1 . VAL A 1 143 ? 8.435   -8.872  -1.815  1.00 19.87 ? 208 VAL A CG1 1 
ATOM   1129 C CG2 . VAL A 1 143 ? 6.710   -7.857  -3.286  1.00 18.41 ? 208 VAL A CG2 1 
ATOM   1130 N N   . LYS A 1 144 ? 10.956  -6.659  -1.570  1.00 19.54 ? 209 LYS A N   1 
ATOM   1131 C CA  . LYS A 1 144 ? 12.323  -6.919  -1.149  1.00 20.12 ? 209 LYS A CA  1 
ATOM   1132 C C   . LYS A 1 144 ? 12.290  -8.101  -0.213  1.00 19.88 ? 209 LYS A C   1 
ATOM   1133 O O   . LYS A 1 144 ? 11.659  -8.028  0.829   1.00 20.18 ? 209 LYS A O   1 
ATOM   1134 C CB  . LYS A 1 144 ? 12.930  -5.667  -0.529  1.00 20.27 ? 209 LYS A CB  1 
ATOM   1135 C CG  . LYS A 1 144 ? 13.049  -4.575  -1.597  1.00 22.15 ? 209 LYS A CG  1 
ATOM   1136 C CD  . LYS A 1 144 ? 12.743  -3.188  -1.091  1.00 26.21 ? 209 LYS A CD  1 
ATOM   1137 C CE  . LYS A 1 144 ? 13.078  -2.192  -2.184  1.00 29.52 ? 209 LYS A CE  1 
ATOM   1138 N NZ  . LYS A 1 144 ? 12.438  -2.512  -3.527  1.00 33.60 ? 209 LYS A NZ  1 
ATOM   1139 N N   . PRO A 1 145 ? 12.885  -9.230  -0.640  1.00 19.99 ? 210 PRO A N   1 
ATOM   1140 C CA  . PRO A 1 145 ? 12.770  -10.510 0.074   1.00 19.68 ? 210 PRO A CA  1 
ATOM   1141 C C   . PRO A 1 145 ? 13.171  -10.457 1.537   1.00 19.20 ? 210 PRO A C   1 
ATOM   1142 O O   . PRO A 1 145 ? 14.190  -9.838  1.882   1.00 20.24 ? 210 PRO A O   1 
ATOM   1143 C CB  . PRO A 1 145 ? 13.693  -11.467 -0.711  1.00 19.96 ? 210 PRO A CB  1 
ATOM   1144 C CG  . PRO A 1 145 ? 14.398  -10.622 -1.734  1.00 20.86 ? 210 PRO A CG  1 
ATOM   1145 C CD  . PRO A 1 145 ? 13.624  -9.362  -1.912  1.00 19.97 ? 210 PRO A CD  1 
ATOM   1146 N N   . GLY A 1 146 ? 12.374  -11.109 2.383   1.00 17.87 ? 211 GLY A N   1 
ATOM   1147 C CA  . GLY A 1 146 ? 12.665  -11.191 3.795   1.00 16.43 ? 211 GLY A CA  1 
ATOM   1148 C C   . GLY A 1 146 ? 12.279  -9.920  4.503   1.00 16.11 ? 211 GLY A C   1 
ATOM   1149 O O   . GLY A 1 146 ? 12.427  -9.826  5.717   1.00 16.56 ? 211 GLY A O   1 
ATOM   1150 N N   . GLN A 1 147 ? 11.756  -8.942  3.762   1.00 15.55 ? 212 GLN A N   1 
ATOM   1151 C CA  . GLN A 1 147 ? 11.415  -7.634  4.352   1.00 15.53 ? 212 GLN A CA  1 
ATOM   1152 C C   . GLN A 1 147 ? 9.963   -7.166  4.222   1.00 14.87 ? 212 GLN A C   1 
ATOM   1153 O O   . GLN A 1 147 ? 9.128   -7.856  3.643   1.00 15.36 ? 212 GLN A O   1 
ATOM   1154 C CB  . GLN A 1 147 ? 12.395  -6.566  3.867   1.00 15.80 ? 212 GLN A CB  1 
ATOM   1155 C CG  . GLN A 1 147 ? 13.728  -6.622  4.642   1.00 16.76 ? 212 GLN A CG  1 
ATOM   1156 C CD  . GLN A 1 147 ? 14.767  -5.766  4.046   1.00 16.53 ? 212 GLN A CD  1 
ATOM   1157 O OE1 . GLN A 1 147 ? 15.274  -6.039  2.988   1.00 14.65 ? 212 GLN A OE1 1 
ATOM   1158 N NE2 . GLN A 1 147 ? 15.081  -4.683  4.725   1.00 23.13 ? 212 GLN A NE2 1 
ATOM   1159 N N   . ASP A 1 148 ? 9.685   -5.994  4.777   1.00 13.95 ? 213 ASP A N   1 
ATOM   1160 C CA  . ASP A 1 148 ? 8.311   -5.527  5.049   1.00 13.66 ? 213 ASP A CA  1 
ATOM   1161 C C   . ASP A 1 148 ? 8.214   -4.002  4.874   1.00 13.20 ? 213 ASP A C   1 
ATOM   1162 O O   . ASP A 1 148 ? 8.490   -3.234  5.810   1.00 13.35 ? 213 ASP A O   1 
ATOM   1163 C CB  . ASP A 1 148 ? 7.882   -5.986  6.461   1.00 13.32 ? 213 ASP A CB  1 
ATOM   1164 C CG  . ASP A 1 148 ? 6.477   -5.562  6.834   1.00 14.15 ? 213 ASP A CG  1 
ATOM   1165 O OD1 . ASP A 1 148 ? 5.927   -6.055  7.852   1.00 16.00 ? 213 ASP A OD1 1 
ATOM   1166 O OD2 . ASP A 1 148 ? 5.903   -4.737  6.128   1.00 13.53 ? 213 ASP A OD2 1 
ATOM   1167 N N   . TYR A 1 149 ? 7.841   -3.566  3.668   1.00 12.71 ? 214 TYR A N   1 
ATOM   1168 C CA  . TYR A 1 149 ? 7.788   -2.136  3.335   1.00 12.20 ? 214 TYR A CA  1 
ATOM   1169 C C   . TYR A 1 149 ? 6.392   -1.692  2.963   1.00 12.31 ? 214 TYR A C   1 
ATOM   1170 O O   . TYR A 1 149 ? 5.550   -2.518  2.575   1.00 11.83 ? 214 TYR A O   1 
ATOM   1171 C CB  . TYR A 1 149 ? 8.725   -1.780  2.186   1.00 12.13 ? 214 TYR A CB  1 
ATOM   1172 C CG  . TYR A 1 149 ? 10.199  -1.837  2.525   1.00 13.21 ? 214 TYR A CG  1 
ATOM   1173 C CD1 . TYR A 1 149 ? 10.955  -2.967  2.221   1.00 13.59 ? 214 TYR A CD1 1 
ATOM   1174 C CD2 . TYR A 1 149 ? 10.838  -0.763  3.142   1.00 13.47 ? 214 TYR A CD2 1 
ATOM   1175 C CE1 . TYR A 1 149 ? 12.299  -3.041  2.542   1.00 13.32 ? 214 TYR A CE1 1 
ATOM   1176 C CE2 . TYR A 1 149 ? 12.200  -0.824  3.479   1.00 13.59 ? 214 TYR A CE2 1 
ATOM   1177 C CZ  . TYR A 1 149 ? 12.922  -1.969  3.163   1.00 14.06 ? 214 TYR A CZ  1 
ATOM   1178 O OH  . TYR A 1 149 ? 14.284  -2.039  3.428   1.00 14.18 ? 214 TYR A OH  1 
ATOM   1179 N N   . ALA A 1 150 ? 6.145   -0.385  3.114   1.00 11.48 ? 215 ALA A N   1 
ATOM   1180 C CA  . ALA A 1 150 ? 4.942   0.218   2.586   1.00 10.95 ? 215 ALA A CA  1 
ATOM   1181 C C   . ALA A 1 150 ? 5.362   1.512   1.939   1.00 10.99 ? 215 ALA A C   1 
ATOM   1182 O O   . ALA A 1 150 ? 6.130   2.265   2.528   1.00 10.57 ? 215 ALA A O   1 
ATOM   1183 C CB  . ALA A 1 150 ? 3.912   0.453   3.666   1.00 10.66 ? 215 ALA A CB  1 
ATOM   1184 N N   . THR A 1 151 ? 4.889   1.741   0.713   1.00 11.14 ? 216 THR A N   1 
ATOM   1185 C CA  . THR A 1 151 ? 5.104   2.996   0.011   1.00 12.04 ? 216 THR A CA  1 
ATOM   1186 C C   . THR A 1 151 ? 3.772   3.707   -0.169  1.00 12.66 ? 216 THR A C   1 
ATOM   1187 O O   . THR A 1 151 ? 2.785   3.097   -0.590  1.00 12.84 ? 216 THR A O   1 
ATOM   1188 C CB  . THR A 1 151 ? 5.790   2.785   -1.364  1.00 12.13 ? 216 THR A CB  1 
ATOM   1189 O OG1 . THR A 1 151 ? 7.129   2.323   -1.159  1.00 13.96 ? 216 THR A OG1 1 
ATOM   1190 C CG2 . THR A 1 151 ? 5.863   4.086   -2.165  1.00 11.53 ? 216 THR A CG2 1 
ATOM   1191 N N   . LEU A 1 152 ? 3.746   4.998   0.175   1.00 13.38 ? 217 LEU A N   1 
ATOM   1192 C CA  . LEU A 1 152 ? 2.650   5.891   -0.201  1.00 12.83 ? 217 LEU A CA  1 
ATOM   1193 C C   . LEU A 1 152 ? 3.061   6.641   -1.461  1.00 12.99 ? 217 LEU A C   1 
ATOM   1194 O O   . LEU A 1 152 ? 4.170   7.167   -1.525  1.00 13.30 ? 217 LEU A O   1 
ATOM   1195 C CB  . LEU A 1 152 ? 2.343   6.870   0.934   1.00 12.66 ? 217 LEU A CB  1 
ATOM   1196 C CG  . LEU A 1 152 ? 2.123   6.246   2.316   1.00 12.23 ? 217 LEU A CG  1 
ATOM   1197 C CD1 . LEU A 1 152 ? 1.876   7.311   3.361   1.00 11.69 ? 217 LEU A CD1 1 
ATOM   1198 C CD2 . LEU A 1 152 ? 0.993   5.239   2.300   1.00 11.13 ? 217 LEU A CD2 1 
ATOM   1199 N N   . LEU A 1 153 ? 2.170   6.709   -2.448  1.00 13.11 ? 218 LEU A N   1 
ATOM   1200 C CA  . LEU A 1 153 ? 2.518   7.188   -3.780  1.00 13.05 ? 218 LEU A CA  1 
ATOM   1201 C C   . LEU A 1 153 ? 1.545   8.249   -4.297  1.00 13.28 ? 218 LEU A C   1 
ATOM   1202 O O   . LEU A 1 153 ? 0.323   8.095   -4.151  1.00 14.10 ? 218 LEU A O   1 
ATOM   1203 C CB  . LEU A 1 153 ? 2.586   5.985   -4.749  1.00 13.22 ? 218 LEU A CB  1 
ATOM   1204 C CG  . LEU A 1 153 ? 2.562   6.105   -6.292  1.00 13.81 ? 218 LEU A CG  1 
ATOM   1205 C CD1 . LEU A 1 153 ? 3.729   6.911   -6.786  1.00 16.70 ? 218 LEU A CD1 1 
ATOM   1206 C CD2 . LEU A 1 153 ? 2.574   4.747   -6.975  1.00 13.26 ? 218 LEU A CD2 1 
ATOM   1207 N N   . THR A 1 154 ? 2.070   9.294   -4.945  1.00 12.67 ? 219 THR A N   1 
ATOM   1208 C CA  . THR A 1 154 ? 1.219   10.313  -5.541  1.00 12.30 ? 219 THR A CA  1 
ATOM   1209 C C   . THR A 1 154 ? 1.871   10.973  -6.770  1.00 13.08 ? 219 THR A C   1 
ATOM   1210 O O   . THR A 1 154 ? 3.080   10.870  -6.984  1.00 12.36 ? 219 THR A O   1 
ATOM   1211 C CB  . THR A 1 154 ? 0.768   11.394  -4.458  1.00 12.33 ? 219 THR A CB  1 
ATOM   1212 O OG1 . THR A 1 154 ? -0.400  12.090  -4.904  1.00 9.72  ? 219 THR A OG1 1 
ATOM   1213 C CG2 . THR A 1 154 ? 1.881   12.409  -4.118  1.00 10.54 ? 219 THR A CG2 1 
ATOM   1214 N N   . CYS A 1 155 ? 1.050   11.685  -7.546  1.00 13.86 ? 220 CYS A N   1 
ATOM   1215 C CA  . CYS A 1 155 ? 1.505   12.461  -8.700  1.00 14.16 ? 220 CYS A CA  1 
ATOM   1216 C C   . CYS A 1 155 ? 2.283   13.746  -8.288  1.00 14.04 ? 220 CYS A C   1 
ATOM   1217 O O   . CYS A 1 155 ? 1.965   14.396  -7.285  1.00 13.95 ? 220 CYS A O   1 
ATOM   1218 C CB  . CYS A 1 155 ? 0.325   12.734  -9.650  1.00 14.45 ? 220 CYS A CB  1 
ATOM   1219 S SG  . CYS A 1 155 ? -1.265  13.317  -8.894  1.00 16.74 ? 220 CYS A SG  1 
ATOM   1220 N N   . THR A 1 156 ? 3.335   14.075  -9.035  1.00 13.62 ? 221 THR A N   1 
ATOM   1221 C CA  . THR A 1 156 ? 4.221   15.180  -8.676  1.00 13.54 ? 221 THR A CA  1 
ATOM   1222 C C   . THR A 1 156 ? 4.936   15.729  -9.922  1.00 14.02 ? 221 THR A C   1 
ATOM   1223 O O   . THR A 1 156 ? 5.084   14.991  -10.904 1.00 14.20 ? 221 THR A O   1 
ATOM   1224 C CB  . THR A 1 156 ? 5.239   14.791  -7.540  1.00 13.61 ? 221 THR A CB  1 
ATOM   1225 O OG1 . THR A 1 156 ? 5.512   15.943  -6.713  1.00 13.06 ? 221 THR A OG1 1 
ATOM   1226 C CG2 . THR A 1 156 ? 6.543   14.209  -8.110  1.00 11.99 ? 221 THR A CG2 1 
ATOM   1227 N N   . PRO A 1 157 ? 5.305   17.035  -9.929  1.00 13.89 ? 222 PRO A N   1 
ATOM   1228 C CA  . PRO A 1 157 ? 5.022   18.122  -8.968  1.00 14.04 ? 222 PRO A CA  1 
ATOM   1229 C C   . PRO A 1 157 ? 3.536   18.541  -8.923  1.00 14.42 ? 222 PRO A C   1 
ATOM   1230 O O   . PRO A 1 157 ? 2.745   18.108  -9.753  1.00 14.40 ? 222 PRO A O   1 
ATOM   1231 C CB  . PRO A 1 157 ? 5.880   19.302  -9.479  1.00 14.22 ? 222 PRO A CB  1 
ATOM   1232 C CG  . PRO A 1 157 ? 6.739   18.779  -10.580 1.00 13.98 ? 222 PRO A CG  1 
ATOM   1233 C CD  . PRO A 1 157 ? 6.123   17.495  -11.071 1.00 14.25 ? 222 PRO A CD  1 
ATOM   1234 N N   . TYR A 1 158 ? 3.170   19.389  -7.959  1.00 15.22 ? 223 TYR A N   1 
ATOM   1235 C CA  . TYR A 1 158 ? 1.795   19.890  -7.831  1.00 15.43 ? 223 TYR A CA  1 
ATOM   1236 C C   . TYR A 1 158 ? 1.165   20.382  -9.139  1.00 16.00 ? 223 TYR A C   1 
ATOM   1237 O O   . TYR A 1 158 ? 1.641   21.345  -9.742  1.00 16.43 ? 223 TYR A O   1 
ATOM   1238 C CB  . TYR A 1 158 ? 1.708   20.985  -6.756  1.00 15.39 ? 223 TYR A CB  1 
ATOM   1239 C CG  . TYR A 1 158 ? 0.278   21.260  -6.318  1.00 14.34 ? 223 TYR A CG  1 
ATOM   1240 C CD1 . TYR A 1 158 ? -0.357  20.420  -5.406  1.00 13.03 ? 223 TYR A CD1 1 
ATOM   1241 C CD2 . TYR A 1 158 ? -0.441  22.338  -6.828  1.00 12.99 ? 223 TYR A CD2 1 
ATOM   1242 C CE1 . TYR A 1 158 ? -1.671  20.631  -5.028  1.00 12.55 ? 223 TYR A CE1 1 
ATOM   1243 C CE2 . TYR A 1 158 ? -1.768  22.560  -6.448  1.00 13.89 ? 223 TYR A CE2 1 
ATOM   1244 C CZ  . TYR A 1 158 ? -2.368  21.695  -5.553  1.00 13.56 ? 223 TYR A CZ  1 
ATOM   1245 O OH  . TYR A 1 158 ? -3.653  21.898  -5.146  1.00 14.02 ? 223 TYR A OH  1 
ATOM   1246 N N   . MET A 1 159 ? 0.077   19.721  -9.545  1.00 16.70 ? 224 MET A N   1 
ATOM   1247 C CA  . MET A 1 159 ? -0.698  19.999  -10.772 1.00 17.39 ? 224 MET A CA  1 
ATOM   1248 C C   . MET A 1 159 ? 0.060   19.880  -12.104 1.00 17.06 ? 224 MET A C   1 
ATOM   1249 O O   . MET A 1 159 ? -0.503  20.145  -13.168 1.00 17.32 ? 224 MET A O   1 
ATOM   1250 C CB  . MET A 1 159 ? -1.474  21.313  -10.664 1.00 17.23 ? 224 MET A CB  1 
ATOM   1251 C CG  . MET A 1 159 ? -2.710  21.242  -9.775  1.00 18.47 ? 224 MET A CG  1 
ATOM   1252 S SD  . MET A 1 159 ? -3.596  22.838  -9.657  1.00 20.06 ? 224 MET A SD  1 
ATOM   1253 C CE  . MET A 1 159 ? -2.164  23.827  -9.366  1.00 23.38 ? 224 MET A CE  1 
ATOM   1254 N N   . VAL A 1 160 ? 1.326   19.462  -12.041 1.00 16.93 ? 225 VAL A N   1 
ATOM   1255 C CA  . VAL A 1 160 ? 2.125   19.161  -13.237 1.00 16.40 ? 225 VAL A CA  1 
ATOM   1256 C C   . VAL A 1 160 ? 2.097   17.662  -13.558 1.00 16.88 ? 225 VAL A C   1 
ATOM   1257 O O   . VAL A 1 160 ? 1.706   17.286  -14.663 1.00 16.40 ? 225 VAL A O   1 
ATOM   1258 C CB  . VAL A 1 160 ? 3.561   19.669  -13.114 1.00 16.57 ? 225 VAL A CB  1 
ATOM   1259 C CG1 . VAL A 1 160 ? 4.317   19.395  -14.388 1.00 15.84 ? 225 VAL A CG1 1 
ATOM   1260 C CG2 . VAL A 1 160 ? 3.561   21.157  -12.800 1.00 15.07 ? 225 VAL A CG2 1 
ATOM   1261 N N   . ASN A 1 161 ? 2.483   16.813  -12.589 1.00 17.48 ? 226 ASN A N   1 
ATOM   1262 C CA  . ASN A 1 161 ? 2.226   15.352  -12.639 1.00 17.54 ? 226 ASN A CA  1 
ATOM   1263 C C   . ASN A 1 161 ? 2.991   14.635  -13.730 1.00 17.67 ? 226 ASN A C   1 
ATOM   1264 O O   . ASN A 1 161 ? 2.530   13.638  -14.300 1.00 18.20 ? 226 ASN A O   1 
ATOM   1265 C CB  . ASN A 1 161 ? 0.729   15.039  -12.783 1.00 17.60 ? 226 ASN A CB  1 
ATOM   1266 C CG  . ASN A 1 161 ? -0.112  15.748  -11.748 1.00 18.22 ? 226 ASN A CG  1 
ATOM   1267 O OD1 . ASN A 1 161 ? 0.278   15.846  -10.580 1.00 20.48 ? 226 ASN A OD1 1 
ATOM   1268 N ND2 . ASN A 1 161 ? -1.263  16.250  -12.163 1.00 13.66 ? 226 ASN A ND2 1 
ATOM   1269 N N   . THR A 1 162 ? 4.168   15.153  -14.027 1.00 17.64 ? 227 THR A N   1 
ATOM   1270 C CA  . THR A 1 162 ? 5.046   14.482  -14.935 1.00 17.72 ? 227 THR A CA  1 
ATOM   1271 C C   . THR A 1 162 ? 5.752   13.309  -14.226 1.00 17.65 ? 227 THR A C   1 
ATOM   1272 O O   . THR A 1 162 ? 6.205   12.385  -14.887 1.00 18.41 ? 227 THR A O   1 
ATOM   1273 C CB  . THR A 1 162 ? 6.030   15.473  -15.529 1.00 18.01 ? 227 THR A CB  1 
ATOM   1274 O OG1 . THR A 1 162 ? 6.697   16.158  -14.475 1.00 17.99 ? 227 THR A OG1 1 
ATOM   1275 C CG2 . THR A 1 162 ? 5.280   16.509  -16.401 1.00 18.37 ? 227 THR A CG2 1 
ATOM   1276 N N   . HIS A 1 163 ? 5.794   13.327  -12.890 1.00 16.85 ? 228 HIS A N   1 
ATOM   1277 C CA  . HIS A 1 163 ? 6.520   12.313  -12.084 1.00 16.40 ? 228 HIS A CA  1 
ATOM   1278 C C   . HIS A 1 163 ? 5.627   11.730  -10.994 1.00 15.47 ? 228 HIS A C   1 
ATOM   1279 O O   . HIS A 1 163 ? 4.471   12.102  -10.868 1.00 16.06 ? 228 HIS A O   1 
ATOM   1280 C CB  . HIS A 1 163 ? 7.784   12.920  -11.439 1.00 16.09 ? 228 HIS A CB  1 
ATOM   1281 C CG  . HIS A 1 163 ? 8.849   13.267  -12.426 1.00 17.24 ? 228 HIS A CG  1 
ATOM   1282 N ND1 . HIS A 1 163 ? 8.701   14.271  -13.354 1.00 18.50 ? 228 HIS A ND1 1 
ATOM   1283 C CD2 . HIS A 1 163 ? 10.072  12.727  -12.649 1.00 20.09 ? 228 HIS A CD2 1 
ATOM   1284 C CE1 . HIS A 1 163 ? 9.785   14.337  -14.110 1.00 19.82 ? 228 HIS A CE1 1 
ATOM   1285 N NE2 . HIS A 1 163 ? 10.633  13.411  -13.702 1.00 19.58 ? 228 HIS A NE2 1 
ATOM   1286 N N   . ARG A 1 164 ? 6.169   10.806  -10.221 1.00 14.77 ? 229 ARG A N   1 
ATOM   1287 C CA  . ARG A 1 164 ? 5.495   10.265  -9.042  1.00 14.35 ? 229 ARG A CA  1 
ATOM   1288 C C   . ARG A 1 164 ? 6.379   10.489  -7.825  1.00 13.23 ? 229 ARG A C   1 
ATOM   1289 O O   . ARG A 1 164 ? 7.608   10.443  -7.937  1.00 13.17 ? 229 ARG A O   1 
ATOM   1290 C CB  . ARG A 1 164 ? 5.235   8.764   -9.178  1.00 14.32 ? 229 ARG A CB  1 
ATOM   1291 C CG  . ARG A 1 164 ? 4.401   8.369   -10.373 1.00 17.53 ? 229 ARG A CG  1 
ATOM   1292 C CD  . ARG A 1 164 ? 2.966   8.868   -10.235 1.00 23.88 ? 229 ARG A CD  1 
ATOM   1293 N NE  . ARG A 1 164 ? 2.160   8.636   -11.442 1.00 26.99 ? 229 ARG A NE  1 
ATOM   1294 C CZ  . ARG A 1 164 ? 2.115   9.454   -12.491 1.00 28.25 ? 229 ARG A CZ  1 
ATOM   1295 N NH1 . ARG A 1 164 ? 2.830   10.579  -12.502 1.00 27.60 ? 229 ARG A NH1 1 
ATOM   1296 N NH2 . ARG A 1 164 ? 1.352   9.141   -13.535 1.00 29.16 ? 229 ARG A NH2 1 
ATOM   1297 N N   . LEU A 1 165 ? 5.744   10.722  -6.676  1.00 11.89 ? 230 LEU A N   1 
ATOM   1298 C CA  . LEU A 1 165 ? 6.421   10.777  -5.401  1.00 10.97 ? 230 LEU A CA  1 
ATOM   1299 C C   . LEU A 1 165 ? 6.267   9.442   -4.651  1.00 11.40 ? 230 LEU A C   1 
ATOM   1300 O O   . LEU A 1 165 ? 5.152   9.046   -4.346  1.00 11.32 ? 230 LEU A O   1 
ATOM   1301 C CB  . LEU A 1 165 ? 5.846   11.935  -4.575  1.00 10.91 ? 230 LEU A CB  1 
ATOM   1302 C CG  . LEU A 1 165 ? 6.316   12.154  -3.155  1.00 8.23  ? 230 LEU A CG  1 
ATOM   1303 C CD1 . LEU A 1 165 ? 7.812   12.398  -3.135  1.00 6.20  ? 230 LEU A CD1 1 
ATOM   1304 C CD2 . LEU A 1 165 ? 5.583   13.330  -2.619  1.00 8.00  ? 230 LEU A CD2 1 
ATOM   1305 N N   . LEU A 1 166 ? 7.395   8.775   -4.349  1.00 11.19 ? 231 LEU A N   1 
ATOM   1306 C CA  . LEU A 1 166 ? 7.422   7.483   -3.676  1.00 10.71 ? 231 LEU A CA  1 
ATOM   1307 C C   . LEU A 1 166 ? 7.983   7.632   -2.280  1.00 11.02 ? 231 LEU A C   1 
ATOM   1308 O O   . LEU A 1 166 ? 9.211   7.705   -2.090  1.00 10.65 ? 231 LEU A O   1 
ATOM   1309 C CB  . LEU A 1 166 ? 8.294   6.457   -4.431  1.00 11.22 ? 231 LEU A CB  1 
ATOM   1310 C CG  . LEU A 1 166 ? 8.247   6.241   -5.940  1.00 11.16 ? 231 LEU A CG  1 
ATOM   1311 C CD1 . LEU A 1 166 ? 8.827   4.906   -6.272  1.00 10.19 ? 231 LEU A CD1 1 
ATOM   1312 C CD2 . LEU A 1 166 ? 6.828   6.314   -6.438  1.00 13.01 ? 231 LEU A CD2 1 
ATOM   1313 N N   . VAL A 1 167 ? 7.080   7.659   -1.303  1.00 11.11 ? 232 VAL A N   1 
ATOM   1314 C CA  . VAL A 1 167 ? 7.445   7.772   0.105   1.00 11.51 ? 232 VAL A CA  1 
ATOM   1315 C C   . VAL A 1 167 ? 7.387   6.408   0.792   1.00 11.63 ? 232 VAL A C   1 
ATOM   1316 O O   . VAL A 1 167 ? 6.307   5.877   0.998   1.00 12.45 ? 232 VAL A O   1 
ATOM   1317 C CB  . VAL A 1 167 ? 6.532   8.784   0.815   1.00 11.09 ? 232 VAL A CB  1 
ATOM   1318 C CG1 . VAL A 1 167 ? 7.067   9.102   2.177   1.00 10.85 ? 232 VAL A CG1 1 
ATOM   1319 C CG2 . VAL A 1 167 ? 6.436   10.042  -0.026  1.00 11.60 ? 232 VAL A CG2 1 
ATOM   1320 N N   . ARG A 1 168 ? 8.552   5.857   1.145   1.00 12.29 ? 233 ARG A N   1 
ATOM   1321 C CA  . ARG A 1 168 ? 8.677   4.480   1.621   1.00 12.63 ? 233 ARG A CA  1 
ATOM   1322 C C   . ARG A 1 168 ? 9.063   4.359   3.094   1.00 12.71 ? 233 ARG A C   1 
ATOM   1323 O O   . ARG A 1 168 ? 9.967   5.030   3.534   1.00 13.55 ? 233 ARG A O   1 
ATOM   1324 C CB  . ARG A 1 168 ? 9.719   3.737   0.792   1.00 12.86 ? 233 ARG A CB  1 
ATOM   1325 C CG  . ARG A 1 168 ? 9.773   2.230   1.128   1.00 13.46 ? 233 ARG A CG  1 
ATOM   1326 C CD  . ARG A 1 168 ? 10.973  1.559   0.546   1.00 13.64 ? 233 ARG A CD  1 
ATOM   1327 N NE  . ARG A 1 168 ? 12.219  1.978   1.189   1.00 15.53 ? 233 ARG A NE  1 
ATOM   1328 C CZ  . ARG A 1 168 ? 13.403  1.437   0.905   1.00 16.70 ? 233 ARG A CZ  1 
ATOM   1329 N NH1 . ARG A 1 168 ? 13.487  0.474   0.002   1.00 18.33 ? 233 ARG A NH1 1 
ATOM   1330 N NH2 . ARG A 1 168 ? 14.502  1.860   1.492   1.00 15.12 ? 233 ARG A NH2 1 
ATOM   1331 N N   . GLY A 1 169 ? 8.392   3.474   3.835   1.00 12.97 ? 234 GLY A N   1 
ATOM   1332 C CA  . GLY A 1 169 ? 8.736   3.169   5.215   1.00 12.85 ? 234 GLY A CA  1 
ATOM   1333 C C   . GLY A 1 169 ? 8.999   1.694   5.420   1.00 13.00 ? 234 GLY A C   1 
ATOM   1334 O O   . GLY A 1 169 ? 8.421   0.889   4.724   1.00 13.16 ? 234 GLY A O   1 
ATOM   1335 N N   . HIS A 1 170 ? 9.867   1.339   6.369   1.00 13.41 ? 235 HIS A N   1 
ATOM   1336 C CA  . HIS A 1 170 ? 10.061  -0.072  6.790   1.00 14.32 ? 235 HIS A CA  1 
ATOM   1337 C C   . HIS A 1 170 ? 9.175   -0.341  8.015   1.00 14.35 ? 235 HIS A C   1 
ATOM   1338 O O   . HIS A 1 170 ? 8.845   0.578   8.766   1.00 14.77 ? 235 HIS A O   1 
ATOM   1339 C CB  . HIS A 1 170 ? 11.537  -0.399  7.101   1.00 14.26 ? 235 HIS A CB  1 
ATOM   1340 C CG  . HIS A 1 170 ? 12.125  0.431   8.211   1.00 16.77 ? 235 HIS A CG  1 
ATOM   1341 N ND1 . HIS A 1 170 ? 12.805  1.615   7.983   1.00 19.73 ? 235 HIS A ND1 1 
ATOM   1342 C CD2 . HIS A 1 170 ? 12.116  0.260   9.555   1.00 16.91 ? 235 HIS A CD2 1 
ATOM   1343 C CE1 . HIS A 1 170 ? 13.184  2.136   9.139   1.00 19.22 ? 235 HIS A CE1 1 
ATOM   1344 N NE2 . HIS A 1 170 ? 12.780  1.334   10.108  1.00 18.63 ? 235 HIS A NE2 1 
ATOM   1345 N N   . ARG A 1 171 ? 8.764   -1.585  8.203   1.00 14.24 ? 236 ARG A N   1 
ATOM   1346 C CA  . ARG A 1 171 ? 7.927   -1.933  9.339   1.00 14.70 ? 236 ARG A CA  1 
ATOM   1347 C C   . ARG A 1 171 ? 8.657   -1.655  10.644  1.00 15.47 ? 236 ARG A C   1 
ATOM   1348 O O   . ARG A 1 171 ? 9.828   -1.970  10.772  1.00 16.49 ? 236 ARG A O   1 
ATOM   1349 C CB  . ARG A 1 171 ? 7.538   -3.404  9.258   1.00 14.40 ? 236 ARG A CB  1 
ATOM   1350 C CG  . ARG A 1 171 ? 6.629   -3.887  10.351  1.00 12.69 ? 236 ARG A CG  1 
ATOM   1351 C CD  . ARG A 1 171 ? 5.174   -3.512  10.103  1.00 10.71 ? 236 ARG A CD  1 
ATOM   1352 N NE  . ARG A 1 171 ? 4.359   -4.156  11.138  1.00 11.70 ? 236 ARG A NE  1 
ATOM   1353 C CZ  . ARG A 1 171 ? 3.901   -5.404  11.078  1.00 7.88  ? 236 ARG A CZ  1 
ATOM   1354 N NH1 . ARG A 1 171 ? 4.122   -6.155  10.009  1.00 7.26  ? 236 ARG A NH1 1 
ATOM   1355 N NH2 . ARG A 1 171 ? 3.196   -5.892  12.080  1.00 8.06  ? 236 ARG A NH2 1 
ATOM   1356 N N   . ILE A 1 172 ? 7.983   -1.029  11.593  1.00 16.46 ? 237 ILE A N   1 
ATOM   1357 C CA  . ILE A 1 172 ? 8.531   -0.879  12.944  1.00 17.38 ? 237 ILE A CA  1 
ATOM   1358 C C   . ILE A 1 172 ? 7.514   -1.460  13.955  1.00 18.92 ? 237 ILE A C   1 
ATOM   1359 O O   . ILE A 1 172 ? 6.319   -1.593  13.624  1.00 18.98 ? 237 ILE A O   1 
ATOM   1360 C CB  . ILE A 1 172 ? 8.981   0.589   13.272  1.00 17.06 ? 237 ILE A CB  1 
ATOM   1361 C CG1 . ILE A 1 172 ? 7.842   1.589   13.080  1.00 16.43 ? 237 ILE A CG1 1 
ATOM   1362 C CG2 . ILE A 1 172 ? 10.140  1.001   12.377  1.00 16.52 ? 237 ILE A CG2 1 
ATOM   1363 C CD1 . ILE A 1 172 ? 7.906   2.827   14.001  1.00 16.98 ? 237 ILE A CD1 1 
ATOM   1364 N N   . PRO A 1 173 ? 7.983   -1.864  15.159  1.00 19.87 ? 238 PRO A N   1 
ATOM   1365 C CA  . PRO A 1 173 ? 7.047   -2.322  16.166  1.00 20.82 ? 238 PRO A CA  1 
ATOM   1366 C C   . PRO A 1 173 ? 5.997   -1.271  16.542  1.00 22.05 ? 238 PRO A C   1 
ATOM   1367 O O   . PRO A 1 173 ? 6.280   -0.060  16.589  1.00 21.82 ? 238 PRO A O   1 
ATOM   1368 C CB  . PRO A 1 173 ? 7.954   -2.624  17.354  1.00 20.39 ? 238 PRO A CB  1 
ATOM   1369 C CG  . PRO A 1 173 ? 9.241   -2.952  16.743  1.00 19.62 ? 238 PRO A CG  1 
ATOM   1370 C CD  . PRO A 1 173 ? 9.369   -1.968  15.654  1.00 20.05 ? 238 PRO A CD  1 
ATOM   1371 N N   . TYR A 1 174 ? 4.782   -1.754  16.777  1.00 23.43 ? 239 TYR A N   1 
ATOM   1372 C CA  . TYR A 1 174 ? 3.695   -0.908  17.224  1.00 24.92 ? 239 TYR A CA  1 
ATOM   1373 C C   . TYR A 1 174 ? 3.306   -1.256  18.663  1.00 26.55 ? 239 TYR A C   1 
ATOM   1374 O O   . TYR A 1 174 ? 2.773   -2.332  18.946  1.00 26.61 ? 239 TYR A O   1 
ATOM   1375 C CB  . TYR A 1 174 ? 2.500   -1.033  16.291  1.00 24.16 ? 239 TYR A CB  1 
ATOM   1376 C CG  . TYR A 1 174 ? 1.306   -0.269  16.763  1.00 23.59 ? 239 TYR A CG  1 
ATOM   1377 C CD1 . TYR A 1 174 ? 1.237   1.110   16.609  1.00 23.77 ? 239 TYR A CD1 1 
ATOM   1378 C CD2 . TYR A 1 174 ? 0.245   -0.919  17.366  1.00 22.50 ? 239 TYR A CD2 1 
ATOM   1379 C CE1 . TYR A 1 174 ? 0.140   1.818   17.053  1.00 22.79 ? 239 TYR A CE1 1 
ATOM   1380 C CE2 . TYR A 1 174 ? -0.857  -0.225  17.805  1.00 21.59 ? 239 TYR A CE2 1 
ATOM   1381 C CZ  . TYR A 1 174 ? -0.903  1.138   17.646  1.00 23.09 ? 239 TYR A CZ  1 
ATOM   1382 O OH  . TYR A 1 174 ? -2.007  1.817   18.083  1.00 24.34 ? 239 TYR A OH  1 
ATOM   1383 N N   . VAL A 1 175 ? 3.603   -0.340  19.568  1.00 28.67 ? 240 VAL A N   1 
ATOM   1384 C CA  . VAL A 1 175 ? 3.261   -0.530  20.959  1.00 31.15 ? 240 VAL A CA  1 
ATOM   1385 C C   . VAL A 1 175 ? 2.017   0.315   21.160  1.00 32.65 ? 240 VAL A C   1 
ATOM   1386 O O   . VAL A 1 175 ? 2.057   1.536   21.006  1.00 32.64 ? 240 VAL A O   1 
ATOM   1387 C CB  . VAL A 1 175 ? 4.425   -0.114  21.935  1.00 31.25 ? 240 VAL A CB  1 
ATOM   1388 C CG1 . VAL A 1 175 ? 4.109   -0.530  23.368  1.00 31.22 ? 240 VAL A CG1 1 
ATOM   1389 C CG2 . VAL A 1 175 ? 5.758   -0.724  21.512  1.00 30.69 ? 240 VAL A CG2 1 
ATOM   1390 N N   . ALA A 1 176 ? 0.896   -0.335  21.452  1.00 34.71 ? 241 ALA A N   1 
ATOM   1391 C CA  . ALA A 1 176 ? -0.326  0.418   21.698  1.00 36.79 ? 241 ALA A CA  1 
ATOM   1392 C C   . ALA A 1 176 ? -0.202  1.201   23.012  1.00 38.42 ? 241 ALA A C   1 
ATOM   1393 O O   . ALA A 1 176 ? -0.777  2.285   23.129  1.00 38.55 ? 241 ALA A O   1 
ATOM   1394 C CB  . ALA A 1 176 ? -1.557  -0.495  21.698  1.00 36.91 ? 241 ALA A CB  1 
ATOM   1395 N N   . GLU A 1 177 ? 0.574   0.668   23.972  1.00 40.03 ? 242 GLU A N   1 
ATOM   1396 C CA  . GLU A 1 177 ? 0.846   1.360   25.244  1.00 41.54 ? 242 GLU A CA  1 
ATOM   1397 C C   . GLU A 1 177 ? 1.372   2.770   25.022  1.00 41.97 ? 242 GLU A C   1 
ATOM   1398 O O   . GLU A 1 177 ? 1.446   3.548   25.966  1.00 42.07 ? 242 GLU A O   1 
ATOM   1399 C CB  . GLU A 1 177 ? 1.808   0.575   26.170  1.00 42.15 ? 242 GLU A CB  1 
ATOM   1400 C CG  . GLU A 1 177 ? 1.136   -0.281  27.276  1.00 43.48 ? 242 GLU A CG  1 
ATOM   1401 C CD  . GLU A 1 177 ? 1.786   -0.132  28.681  1.00 46.13 ? 242 GLU A CD  1 
ATOM   1402 O OE1 . GLU A 1 177 ? 2.959   -0.555  28.862  1.00 46.87 ? 242 GLU A OE1 1 
ATOM   1403 O OE2 . GLU A 1 177 ? 1.112   0.392   29.613  1.00 45.46 ? 242 GLU A OE2 1 
ATOM   1404 N N   . GLU A 1 178 ? 1.745   3.084   23.782  1.00 42.89 ? 243 GLU A N   1 
ATOM   1405 C CA  . GLU A 1 178 ? 2.061   4.465   23.361  1.00 43.70 ? 243 GLU A CA  1 
ATOM   1406 C C   . GLU A 1 178 ? 1.018   5.088   22.391  1.00 43.87 ? 243 GLU A C   1 
ATOM   1407 O O   . GLU A 1 178 ? 0.154   5.840   22.848  1.00 43.65 ? 243 GLU A O   1 
ATOM   1408 C CB  . GLU A 1 178 ? 3.516   4.613   22.867  1.00 43.43 ? 243 GLU A CB  1 
ATOM   1409 C CG  . GLU A 1 178 ? 4.264   3.302   22.618  1.00 44.03 ? 243 GLU A CG  1 
ATOM   1410 C CD  . GLU A 1 178 ? 5.463   3.466   21.673  1.00 44.85 ? 243 GLU A CD  1 
ATOM   1411 O OE1 . GLU A 1 178 ? 5.468   2.837   20.582  1.00 44.98 ? 243 GLU A OE1 1 
ATOM   1412 O OE2 . GLU A 1 178 ? 6.402   4.222   22.027  1.00 46.38 ? 243 GLU A OE2 1 
ATOM   1413 N N   . HIS A 1 179 ? 1.071   4.776   21.085  1.00 44.54 ? 244 HIS A N   1 
ATOM   1414 C CA  . HIS A 1 179 ? 0.131   5.385   20.114  1.00 44.75 ? 244 HIS A CA  1 
ATOM   1415 C C   . HIS A 1 179 ? -1.328  4.992   20.384  1.00 44.62 ? 244 HIS A C   1 
ATOM   1416 O O   . HIS A 1 179 ? -1.962  5.494   21.321  1.00 44.34 ? 244 HIS A O   1 
ATOM   1417 C CB  . HIS A 1 179 ? 0.515   5.117   18.644  1.00 44.50 ? 244 HIS A CB  1 
ATOM   1418 C CG  . HIS A 1 179 ? -0.635  5.280   17.677  1.00 46.33 ? 244 HIS A CG  1 
ATOM   1419 N ND1 . HIS A 1 179 ? -1.239  6.497   17.422  1.00 46.96 ? 244 HIS A ND1 1 
ATOM   1420 C CD2 . HIS A 1 179 ? -1.304  4.373   16.916  1.00 46.08 ? 244 HIS A CD2 1 
ATOM   1421 C CE1 . HIS A 1 179 ? -2.215  6.330   16.543  1.00 46.68 ? 244 HIS A CE1 1 
ATOM   1422 N NE2 . HIS A 1 179 ? -2.273  5.052   16.217  1.00 44.51 ? 244 HIS A NE2 1 
HETATM 1423 O O   . HOH B 2 .   ? 1.498   -11.160 3.868   1.00 14.13 ? 1   HOH A O   1 
HETATM 1424 O O   . HOH B 2 .   ? 13.137  12.409  -11.121 1.00 22.56 ? 2   HOH A O   1 
HETATM 1425 O O   . HOH B 2 .   ? 14.511  10.950  -6.591  1.00 22.37 ? 3   HOH A O   1 
HETATM 1426 O O   . HOH B 2 .   ? 10.906  3.460   -8.734  1.00 14.83 ? 4   HOH A O   1 
HETATM 1427 O O   . HOH B 2 .   ? -0.403  19.100  6.852   1.00 14.18 ? 5   HOH A O   1 
HETATM 1428 O O   . HOH B 2 .   ? 4.055   11.312  10.412  1.00 26.07 ? 6   HOH A O   1 
HETATM 1429 O O   . HOH B 2 .   ? 10.956  5.314   -2.189  1.00 2.67  ? 7   HOH A O   1 
HETATM 1430 O O   . HOH B 2 .   ? 4.102   -9.761  -1.052  1.00 13.77 ? 8   HOH A O   1 
HETATM 1431 O O   . HOH B 2 .   ? -1.154  22.614  4.018   1.00 27.35 ? 9   HOH A O   1 
HETATM 1432 O O   . HOH B 2 .   ? -6.559  21.774  -0.387  1.00 25.72 ? 10  HOH A O   1 
HETATM 1433 O O   . HOH B 2 .   ? -2.052  -6.498  -5.559  1.00 9.56  ? 11  HOH A O   1 
HETATM 1434 O O   . HOH B 2 .   ? 4.621   -12.843 1.123   1.00 12.29 ? 12  HOH A O   1 
HETATM 1435 O O   . HOH B 2 .   ? 15.743  -1.487  -6.918  1.00 30.74 ? 13  HOH A O   1 
HETATM 1436 O O   . HOH B 2 .   ? -6.905  -1.526  14.049  1.00 42.13 ? 14  HOH A O   1 
HETATM 1437 O O   . HOH B 2 .   ? -2.343  15.459  2.041   1.00 9.12  ? 15  HOH A O   1 
HETATM 1438 O O   . HOH B 2 .   ? 4.915   2.801   16.255  1.00 16.27 ? 16  HOH A O   1 
HETATM 1439 O O   . HOH B 2 .   ? 4.911   4.549   -10.807 1.00 24.14 ? 18  HOH A O   1 
HETATM 1440 O O   . HOH B 2 .   ? 8.057   13.542  0.909   1.00 12.11 ? 19  HOH A O   1 
HETATM 1441 O O   . HOH B 2 .   ? 2.141   -4.116  14.786  1.00 21.38 ? 20  HOH A O   1 
HETATM 1442 O O   . HOH B 2 .   ? 9.532   -6.066  0.937   1.00 13.27 ? 21  HOH A O   1 
HETATM 1443 O O   . HOH B 2 .   ? 5.124   -4.798  -4.189  1.00 13.98 ? 22  HOH A O   1 
HETATM 1444 O O   . HOH B 2 .   ? 10.696  4.292   -16.769 1.00 24.43 ? 23  HOH A O   1 
HETATM 1445 O O   . HOH B 2 .   ? 3.674   -2.324  13.234  1.00 16.89 ? 24  HOH A O   1 
HETATM 1446 O O   . HOH B 2 .   ? -7.067  -20.560 7.230   1.00 16.94 ? 25  HOH A O   1 
HETATM 1447 O O   . HOH B 2 .   ? -18.626 -3.047  -7.801  1.00 18.04 ? 26  HOH A O   1 
HETATM 1448 O O   . HOH B 2 .   ? 12.342  0.383   -2.903  1.00 13.55 ? 27  HOH A O   1 
HETATM 1449 O O   . HOH B 2 .   ? -10.655 -7.383  6.059   1.00 29.89 ? 28  HOH A O   1 
HETATM 1450 O O   . HOH B 2 .   ? -7.626  -22.557 -5.844  1.00 19.04 ? 29  HOH A O   1 
HETATM 1451 O O   . HOH B 2 .   ? 2.005   15.887  -2.810  1.00 11.73 ? 30  HOH A O   1 
HETATM 1452 O O   . HOH B 2 .   ? 4.045   -4.690  3.392   1.00 6.97  ? 31  HOH A O   1 
HETATM 1453 O O   . HOH B 2 .   ? 8.273   -11.041 -6.951  1.00 18.41 ? 32  HOH A O   1 
HETATM 1454 O O   . HOH B 2 .   ? -7.745  13.759  6.490   1.00 31.85 ? 33  HOH A O   1 
HETATM 1455 O O   . HOH B 2 .   ? -0.994  17.368  -8.585  1.00 10.41 ? 34  HOH A O   1 
HETATM 1456 O O   . HOH B 2 .   ? 1.687   -4.377  4.785   1.00 7.03  ? 35  HOH A O   1 
HETATM 1457 O O   . HOH B 2 .   ? -12.653 -12.891 -8.099  1.00 16.73 ? 36  HOH A O   1 
HETATM 1458 O O   . HOH B 2 .   ? -9.856  13.367  -11.751 1.00 37.26 ? 37  HOH A O   1 
HETATM 1459 O O   . HOH B 2 .   ? -2.331  -7.372  9.566   1.00 11.15 ? 38  HOH A O   1 
HETATM 1460 O O   . HOH B 2 .   ? -9.958  17.170  2.394   1.00 21.02 ? 39  HOH A O   1 
HETATM 1461 O O   . HOH B 2 .   ? -5.796  15.993  -4.062  1.00 5.14  ? 40  HOH A O   1 
HETATM 1462 O O   . HOH B 2 .   ? 6.836   -27.503 -12.854 1.00 34.10 ? 41  HOH A O   1 
HETATM 1463 O O   . HOH B 2 .   ? 12.662  7.322   -12.341 1.00 31.56 ? 42  HOH A O   1 
HETATM 1464 O O   . HOH B 2 .   ? -16.518 -1.271  0.926   1.00 20.11 ? 43  HOH A O   1 
HETATM 1465 O O   . HOH B 2 .   ? -7.173  9.213   -4.432  1.00 6.92  ? 44  HOH A O   1 
HETATM 1466 O O   . HOH B 2 .   ? -6.179  14.104  2.995   1.00 25.94 ? 45  HOH A O   1 
HETATM 1467 O O   . HOH B 2 .   ? -17.917 3.854   -4.160  1.00 26.96 ? 46  HOH A O   1 
HETATM 1468 O O   . HOH B 2 .   ? 10.678  -0.619  -13.959 1.00 24.30 ? 47  HOH A O   1 
HETATM 1469 O O   . HOH B 2 .   ? 3.030   16.387  -5.391  1.00 16.39 ? 48  HOH A O   1 
HETATM 1470 O O   . HOH B 2 .   ? -12.067 -8.185  -10.580 1.00 15.16 ? 49  HOH A O   1 
HETATM 1471 O O   . HOH B 2 .   ? -16.214 7.481   -6.128  1.00 16.26 ? 50  HOH A O   1 
HETATM 1472 O O   . HOH B 2 .   ? -10.536 -17.513 -2.946  1.00 24.02 ? 51  HOH A O   1 
HETATM 1473 O O   . HOH B 2 .   ? -11.314 -19.524 -4.744  1.00 30.56 ? 52  HOH A O   1 
HETATM 1474 O O   . HOH B 2 .   ? 1.790   17.886  -17.220 1.00 18.73 ? 53  HOH A O   1 
HETATM 1475 O O   . HOH B 2 .   ? 8.941   15.638  -0.888  1.00 22.17 ? 54  HOH A O   1 
HETATM 1476 O O   . HOH B 2 .   ? 11.335  -4.390  6.723   1.00 22.95 ? 55  HOH A O   1 
HETATM 1477 O O   . HOH B 2 .   ? 9.151   3.164   -2.599  1.00 10.92 ? 56  HOH A O   1 
HETATM 1478 O O   . HOH B 2 .   ? -2.771  -9.829  9.528   1.00 12.41 ? 57  HOH A O   1 
HETATM 1479 O O   . HOH B 2 .   ? -18.725 1.182   -6.700  1.00 29.68 ? 58  HOH A O   1 
HETATM 1480 O O   . HOH B 2 .   ? 7.123   -7.539  9.442   1.00 13.11 ? 59  HOH A O   1 
HETATM 1481 O O   . HOH B 2 .   ? -8.604  -5.224  6.632   1.00 16.97 ? 60  HOH A O   1 
HETATM 1482 O O   . HOH B 2 .   ? -12.005 -22.106 2.337   1.00 33.61 ? 61  HOH A O   1 
HETATM 1483 O O   . HOH B 2 .   ? 9.112   21.016  9.795   1.00 27.05 ? 62  HOH A O   1 
HETATM 1484 O O   . HOH B 2 .   ? 2.093   -20.895 -7.751  1.00 23.63 ? 63  HOH A O   1 
HETATM 1485 O O   . HOH B 2 .   ? -13.830 -15.548 0.983   1.00 24.37 ? 64  HOH A O   1 
HETATM 1486 O O   . HOH B 2 .   ? -15.561 3.831   4.087   1.00 26.92 ? 65  HOH A O   1 
HETATM 1487 O O   . HOH B 2 .   ? -4.796  20.804  13.507  1.00 35.37 ? 253 HOH A O   1 
HETATM 1488 O O   . HOH B 2 .   ? -14.586 -14.039 -6.627  1.00 26.65 ? 254 HOH A O   1 
HETATM 1489 O O   . HOH B 2 .   ? 9.708   -8.804  8.046   1.00 13.76 ? 255 HOH A O   1 
HETATM 1490 O O   . HOH B 2 .   ? 2.522   -16.709 -8.384  1.00 18.75 ? 256 HOH A O   1 
HETATM 1491 O O   . HOH B 2 .   ? 2.022   -9.066  9.502   1.00 26.33 ? 257 HOH A O   1 
HETATM 1492 O O   . HOH B 2 .   ? -15.806 -8.584  1.955   1.00 17.13 ? 258 HOH A O   1 
HETATM 1493 O O   . HOH B 2 .   ? 5.946   16.146  7.526   1.00 19.81 ? 259 HOH A O   1 
HETATM 1494 O O   . HOH B 2 .   ? 6.852   12.784  -17.443 1.00 28.71 ? 260 HOH A O   1 
HETATM 1495 O O   . HOH B 2 .   ? -17.436 -2.930  -1.508  1.00 12.51 ? 261 HOH A O   1 
HETATM 1496 O O   . HOH B 2 .   ? -6.177  13.323  11.057  1.00 26.36 ? 262 HOH A O   1 
HETATM 1497 O O   . HOH B 2 .   ? 6.620   -15.128 -7.793  1.00 33.12 ? 263 HOH A O   1 
HETATM 1498 O O   . HOH B 2 .   ? 6.775   7.748   -18.423 1.00 22.49 ? 264 HOH A O   1 
HETATM 1499 O O   . HOH B 2 .   ? -6.968  11.520  13.033  1.00 31.04 ? 265 HOH A O   1 
HETATM 1500 O O   . HOH B 2 .   ? 14.282  4.954   14.373  1.00 16.15 ? 266 HOH A O   1 
HETATM 1501 O O   . HOH B 2 .   ? -18.113 -10.193 -2.119  1.00 22.12 ? 267 HOH A O   1 
HETATM 1502 O O   . HOH B 2 .   ? -4.516  -21.710 4.594   1.00 34.16 ? 268 HOH A O   1 
HETATM 1503 O O   . HOH B 2 .   ? 8.005   16.786  -5.828  1.00 16.77 ? 269 HOH A O   1 
HETATM 1504 O O   . HOH B 2 .   ? 6.700   -11.954 9.247   1.00 18.74 ? 270 HOH A O   1 
HETATM 1505 O O   . HOH B 2 .   ? -3.563  12.103  12.420  1.00 25.57 ? 271 HOH A O   1 
HETATM 1506 O O   . HOH B 2 .   ? 1.339   15.138  -16.838 1.00 18.54 ? 272 HOH A O   1 
HETATM 1507 O O   . HOH B 2 .   ? -15.394 -6.575  4.109   1.00 25.70 ? 273 HOH A O   1 
HETATM 1508 O O   . HOH B 2 .   ? -10.494 -0.141  -7.374  1.00 18.02 ? 274 HOH A O   1 
HETATM 1509 O O   . HOH B 2 .   ? -9.009  -2.510  -10.393 1.00 12.98 ? 275 HOH A O   1 
HETATM 1510 O O   . HOH B 2 .   ? -8.880  -4.976  -12.426 1.00 16.42 ? 276 HOH A O   1 
HETATM 1511 O O   . HOH B 2 .   ? -9.672  -0.575  -12.450 1.00 24.39 ? 277 HOH A O   1 
HETATM 1512 O O   . HOH B 2 .   ? -9.118  14.246  1.570   1.00 17.00 ? 278 HOH A O   1 
HETATM 1513 O O   . HOH B 2 .   ? 15.981  -0.445  -3.558  1.00 26.56 ? 279 HOH A O   1 
HETATM 1514 O O   . HOH B 2 .   ? 11.152  19.383  12.157  1.00 24.87 ? 280 HOH A O   1 
HETATM 1515 O O   . HOH B 2 .   ? 13.288  4.679   -9.156  1.00 26.51 ? 281 HOH A O   1 
# 
